data_2Q5A
# 
_entry.id   2Q5A 
# 
_audit_conform.dict_name       mmcif_pdbx.dic 
_audit_conform.dict_version    5.403 
_audit_conform.dict_location   http://mmcif.pdb.org/dictionaries/ascii/mmcif_pdbx.dic 
# 
loop_
_database_2.database_id 
_database_2.database_code 
_database_2.pdbx_database_accession 
_database_2.pdbx_DOI 
PDB   2Q5A         pdb_00002q5a 10.2210/pdb2q5a/pdb 
RCSB  RCSB043166   ?            ?                   
WWPDB D_1000043166 ?            ?                   
# 
loop_
_pdbx_audit_revision_history.ordinal 
_pdbx_audit_revision_history.data_content_type 
_pdbx_audit_revision_history.major_revision 
_pdbx_audit_revision_history.minor_revision 
_pdbx_audit_revision_history.revision_date 
_pdbx_audit_revision_history.part_number 
1 'Structure model' 1 0 2007-06-26 ? 
2 'Structure model' 1 1 2008-05-01 ? 
3 'Structure model' 1 2 2011-07-13 ? 
4 'Structure model' 1 3 2025-03-26 ? 
# 
_pdbx_audit_revision_details.ordinal             1 
_pdbx_audit_revision_details.revision_ordinal    1 
_pdbx_audit_revision_details.data_content_type   'Structure model' 
_pdbx_audit_revision_details.provider            repository 
_pdbx_audit_revision_details.type                'Initial release' 
_pdbx_audit_revision_details.description         ? 
_pdbx_audit_revision_details.details             ? 
# 
loop_
_pdbx_audit_revision_group.ordinal 
_pdbx_audit_revision_group.revision_ordinal 
_pdbx_audit_revision_group.data_content_type 
_pdbx_audit_revision_group.group 
1  2 'Structure model' 'Version format compliance' 
2  3 'Structure model' 'Atomic model'              
3  3 'Structure model' 'Database references'       
4  3 'Structure model' 'Derived calculations'      
5  3 'Structure model' 'Non-polymer description'   
6  3 'Structure model' 'Structure summary'         
7  3 'Structure model' 'Version format compliance' 
8  4 'Structure model' 'Data collection'           
9  4 'Structure model' 'Database references'       
10 4 'Structure model' 'Derived calculations'      
11 4 'Structure model' 'Structure summary'         
# 
loop_
_pdbx_audit_revision_category.ordinal 
_pdbx_audit_revision_category.revision_ordinal 
_pdbx_audit_revision_category.data_content_type 
_pdbx_audit_revision_category.category 
1 4 'Structure model' chem_comp_atom            
2 4 'Structure model' chem_comp_bond            
3 4 'Structure model' database_2                
4 4 'Structure model' pdbx_entry_details        
5 4 'Structure model' pdbx_modification_feature 
6 4 'Structure model' struct_conn               
7 4 'Structure model' struct_ref_seq_dif        
8 4 'Structure model' struct_site               
# 
loop_
_pdbx_audit_revision_item.ordinal 
_pdbx_audit_revision_item.revision_ordinal 
_pdbx_audit_revision_item.data_content_type 
_pdbx_audit_revision_item.item 
1  4 'Structure model' '_database_2.pdbx_DOI'                
2  4 'Structure model' '_database_2.pdbx_database_accession' 
3  4 'Structure model' '_struct_conn.pdbx_dist_value'        
4  4 'Structure model' '_struct_conn.pdbx_leaving_atom_flag' 
5  4 'Structure model' '_struct_conn.ptnr1_auth_comp_id'     
6  4 'Structure model' '_struct_conn.ptnr1_auth_seq_id'      
7  4 'Structure model' '_struct_conn.ptnr1_label_comp_id'    
8  4 'Structure model' '_struct_conn.ptnr1_label_seq_id'     
9  4 'Structure model' '_struct_conn.ptnr2_auth_comp_id'     
10 4 'Structure model' '_struct_conn.ptnr2_auth_seq_id'      
11 4 'Structure model' '_struct_conn.ptnr2_label_comp_id'    
12 4 'Structure model' '_struct_conn.ptnr2_label_seq_id'     
13 4 'Structure model' '_struct_ref_seq_dif.details'         
14 4 'Structure model' '_struct_site.pdbx_auth_asym_id'      
15 4 'Structure model' '_struct_site.pdbx_auth_comp_id'      
16 4 'Structure model' '_struct_site.pdbx_auth_seq_id'       
# 
_pdbx_database_PDB_obs_spr.id               SPRSDE 
_pdbx_database_PDB_obs_spr.date             2007-06-26 
_pdbx_database_PDB_obs_spr.pdb_id           2Q5A 
_pdbx_database_PDB_obs_spr.replace_pdb_id   2ITI 
_pdbx_database_PDB_obs_spr.details          ? 
# 
_pdbx_database_status.status_code                     REL 
_pdbx_database_status.entry_id                        2Q5A 
_pdbx_database_status.recvd_initial_deposition_date   2007-05-31 
_pdbx_database_status.deposit_site                    RCSB 
_pdbx_database_status.process_site                    RCSB 
_pdbx_database_status.status_code_sf                  REL 
_pdbx_database_status.status_code_mr                  ? 
_pdbx_database_status.SG_entry                        ? 
_pdbx_database_status.status_code_cs                  ? 
_pdbx_database_status.pdb_format_compatible           Y 
_pdbx_database_status.status_code_nmr_data            ? 
_pdbx_database_status.methods_development_category    ? 
# 
loop_
_pdbx_database_related.db_name 
_pdbx_database_related.db_id 
_pdbx_database_related.details 
_pdbx_database_related.content_type 
PDB 2itk 'human Pin1 bound to D-PEPTIDE'                              unspecified 
PDB 1pin 'Pin1 peptidyl-prolyl cis-trans isomerase from Homo sapiens' unspecified 
# 
loop_
_audit_author.name 
_audit_author.pdbx_ordinal 
'Noel, J.P.' 1 
'Zhang, Y.'  2 
# 
_citation.id                        primary 
_citation.title                     'Structural basis for high-affinity peptide inhibition of human Pin1.' 
_citation.journal_abbrev            'Acs Chem.Biol.' 
_citation.journal_volume            2 
_citation.page_first                320 
_citation.page_last                 328 
_citation.year                      2007 
_citation.journal_id_ASTM           ? 
_citation.country                   US 
_citation.journal_id_ISSN           1554-8929 
_citation.journal_id_CSD            ? 
_citation.book_publisher            ? 
_citation.pdbx_database_id_PubMed   17518432 
_citation.pdbx_database_id_DOI      10.1021/cb7000044 
# 
loop_
_citation_author.citation_id 
_citation_author.name 
_citation_author.ordinal 
_citation_author.identifier_ORCID 
primary 'Zhang, Y.'      1  ? 
primary 'Daum, S.'       2  ? 
primary 'Wildemann, D.'  3  ? 
primary 'Zhou, X.Z.'     4  ? 
primary 'Verdecia, M.A.' 5  ? 
primary 'Bowman, M.E.'   6  ? 
primary 'Lucke, C.'      7  ? 
primary 'Hunter, T.'     8  ? 
primary 'Lu, K.P.'       9  ? 
primary 'Fischer, G.'    10 ? 
primary 'Noel, J.P.'     11 ? 
# 
loop_
_entity.id 
_entity.type 
_entity.src_method 
_entity.pdbx_description 
_entity.formula_weight 
_entity.pdbx_number_of_molecules 
_entity.pdbx_ec 
_entity.pdbx_mutation 
_entity.pdbx_fragment 
_entity.details 
1 polymer     man 'Peptidyl-prolyl cis-trans isomerase NIMA-interacting 1' 18524.525 1   5.2.1.8 R14A ? ? 
2 polymer     syn 'Five residue peptide'                                   806.822   1   ?       ?    ? ? 
3 non-polymer syn 3,6,9,12,15,18-HEXAOXAICOSANE                            294.384   1   ?       ?    ? ? 
4 water       nat water                                                    18.015    167 ?       ?    ? ? 
# 
_entity_name_com.entity_id   1 
_entity_name_com.name        'Rotamase Pin1, PPIase Pin1' 
# 
loop_
_entity_poly.entity_id 
_entity_poly.type 
_entity_poly.nstd_linkage 
_entity_poly.nstd_monomer 
_entity_poly.pdbx_seq_one_letter_code 
_entity_poly.pdbx_seq_one_letter_code_can 
_entity_poly.pdbx_strand_id 
_entity_poly.pdbx_target_identifier 
1 'polypeptide(L)' no no  
;GSHGMADEEKLPPGWEKAMSRSSGRVYYFNHITNASQWERPSGNSSSGGKNGQGEPARVRCSHLLVKHSQSRRPSSWRQE
KITRTKEEALELINGYIQKIKSGEEDFESLASQFSDCSSAKARGDLGAFSRGQMQKPFEDASFALRTGEMSGPVFTDSGI
HIILRTE
;
;GSHGMADEEKLPPGWEKAMSRSSGRVYYFNHITNASQWERPSGNSSSGGKNGQGEPARVRCSHLLVKHSQSRRPSSWRQE
KITRTKEEALELINGYIQKIKSGEEDFESLASQFSDCSSAKARGDLGAFSRGQMQKPFEDASFALRTGEMSGPVFTDSGI
HIILRTE
;
A ? 
2 'polypeptide(L)' no yes '(ACE)F(TPO)(YCP)(NAL)Q(NH2)' XFTXAQX B ? 
# 
loop_
_pdbx_entity_nonpoly.entity_id 
_pdbx_entity_nonpoly.name 
_pdbx_entity_nonpoly.comp_id 
3 3,6,9,12,15,18-HEXAOXAICOSANE 16P 
4 water                         HOH 
# 
loop_
_entity_poly_seq.entity_id 
_entity_poly_seq.num 
_entity_poly_seq.mon_id 
_entity_poly_seq.hetero 
1 1   GLY n 
1 2   SER n 
1 3   HIS n 
1 4   GLY n 
1 5   MET n 
1 6   ALA n 
1 7   ASP n 
1 8   GLU n 
1 9   GLU n 
1 10  LYS n 
1 11  LEU n 
1 12  PRO n 
1 13  PRO n 
1 14  GLY n 
1 15  TRP n 
1 16  GLU n 
1 17  LYS n 
1 18  ALA n 
1 19  MET n 
1 20  SER n 
1 21  ARG n 
1 22  SER n 
1 23  SER n 
1 24  GLY n 
1 25  ARG n 
1 26  VAL n 
1 27  TYR n 
1 28  TYR n 
1 29  PHE n 
1 30  ASN n 
1 31  HIS n 
1 32  ILE n 
1 33  THR n 
1 34  ASN n 
1 35  ALA n 
1 36  SER n 
1 37  GLN n 
1 38  TRP n 
1 39  GLU n 
1 40  ARG n 
1 41  PRO n 
1 42  SER n 
1 43  GLY n 
1 44  ASN n 
1 45  SER n 
1 46  SER n 
1 47  SER n 
1 48  GLY n 
1 49  GLY n 
1 50  LYS n 
1 51  ASN n 
1 52  GLY n 
1 53  GLN n 
1 54  GLY n 
1 55  GLU n 
1 56  PRO n 
1 57  ALA n 
1 58  ARG n 
1 59  VAL n 
1 60  ARG n 
1 61  CYS n 
1 62  SER n 
1 63  HIS n 
1 64  LEU n 
1 65  LEU n 
1 66  VAL n 
1 67  LYS n 
1 68  HIS n 
1 69  SER n 
1 70  GLN n 
1 71  SER n 
1 72  ARG n 
1 73  ARG n 
1 74  PRO n 
1 75  SER n 
1 76  SER n 
1 77  TRP n 
1 78  ARG n 
1 79  GLN n 
1 80  GLU n 
1 81  LYS n 
1 82  ILE n 
1 83  THR n 
1 84  ARG n 
1 85  THR n 
1 86  LYS n 
1 87  GLU n 
1 88  GLU n 
1 89  ALA n 
1 90  LEU n 
1 91  GLU n 
1 92  LEU n 
1 93  ILE n 
1 94  ASN n 
1 95  GLY n 
1 96  TYR n 
1 97  ILE n 
1 98  GLN n 
1 99  LYS n 
1 100 ILE n 
1 101 LYS n 
1 102 SER n 
1 103 GLY n 
1 104 GLU n 
1 105 GLU n 
1 106 ASP n 
1 107 PHE n 
1 108 GLU n 
1 109 SER n 
1 110 LEU n 
1 111 ALA n 
1 112 SER n 
1 113 GLN n 
1 114 PHE n 
1 115 SER n 
1 116 ASP n 
1 117 CYS n 
1 118 SER n 
1 119 SER n 
1 120 ALA n 
1 121 LYS n 
1 122 ALA n 
1 123 ARG n 
1 124 GLY n 
1 125 ASP n 
1 126 LEU n 
1 127 GLY n 
1 128 ALA n 
1 129 PHE n 
1 130 SER n 
1 131 ARG n 
1 132 GLY n 
1 133 GLN n 
1 134 MET n 
1 135 GLN n 
1 136 LYS n 
1 137 PRO n 
1 138 PHE n 
1 139 GLU n 
1 140 ASP n 
1 141 ALA n 
1 142 SER n 
1 143 PHE n 
1 144 ALA n 
1 145 LEU n 
1 146 ARG n 
1 147 THR n 
1 148 GLY n 
1 149 GLU n 
1 150 MET n 
1 151 SER n 
1 152 GLY n 
1 153 PRO n 
1 154 VAL n 
1 155 PHE n 
1 156 THR n 
1 157 ASP n 
1 158 SER n 
1 159 GLY n 
1 160 ILE n 
1 161 HIS n 
1 162 ILE n 
1 163 ILE n 
1 164 LEU n 
1 165 ARG n 
1 166 THR n 
1 167 GLU n 
2 1   ACE n 
2 2   PHE n 
2 3   TPO n 
2 4   YCP n 
2 5   NAL n 
2 6   GLN n 
2 7   NH2 n 
# 
_entity_src_gen.entity_id                          1 
_entity_src_gen.pdbx_src_id                        1 
_entity_src_gen.pdbx_alt_source_flag               sample 
_entity_src_gen.pdbx_seq_type                      ? 
_entity_src_gen.pdbx_beg_seq_num                   ? 
_entity_src_gen.pdbx_end_seq_num                   ? 
_entity_src_gen.gene_src_common_name               human 
_entity_src_gen.gene_src_genus                     Homo 
_entity_src_gen.pdbx_gene_src_gene                 PIN1 
_entity_src_gen.gene_src_species                   ? 
_entity_src_gen.gene_src_strain                    HELA 
_entity_src_gen.gene_src_tissue                    ? 
_entity_src_gen.gene_src_tissue_fraction           ? 
_entity_src_gen.gene_src_details                   ? 
_entity_src_gen.pdbx_gene_src_fragment             ? 
_entity_src_gen.pdbx_gene_src_scientific_name      'Homo sapiens' 
_entity_src_gen.pdbx_gene_src_ncbi_taxonomy_id     9606 
_entity_src_gen.pdbx_gene_src_variant              ? 
_entity_src_gen.pdbx_gene_src_cell_line            ? 
_entity_src_gen.pdbx_gene_src_atcc                 ? 
_entity_src_gen.pdbx_gene_src_organ                ? 
_entity_src_gen.pdbx_gene_src_organelle            ? 
_entity_src_gen.pdbx_gene_src_cell                 ? 
_entity_src_gen.pdbx_gene_src_cellular_location    ? 
_entity_src_gen.host_org_common_name               ? 
_entity_src_gen.pdbx_host_org_scientific_name      'Escherichia coli BL21(DE3)' 
_entity_src_gen.pdbx_host_org_ncbi_taxonomy_id     469008 
_entity_src_gen.host_org_genus                     Escherichia 
_entity_src_gen.pdbx_host_org_gene                 ? 
_entity_src_gen.pdbx_host_org_organ                ? 
_entity_src_gen.host_org_species                   'Escherichia coli' 
_entity_src_gen.pdbx_host_org_tissue               ? 
_entity_src_gen.pdbx_host_org_tissue_fraction      ? 
_entity_src_gen.pdbx_host_org_strain               'BL21(DE3)' 
_entity_src_gen.pdbx_host_org_variant              ? 
_entity_src_gen.pdbx_host_org_cell_line            ? 
_entity_src_gen.pdbx_host_org_atcc                 ? 
_entity_src_gen.pdbx_host_org_culture_collection   ? 
_entity_src_gen.pdbx_host_org_cell                 ? 
_entity_src_gen.pdbx_host_org_organelle            ? 
_entity_src_gen.pdbx_host_org_cellular_location    ? 
_entity_src_gen.pdbx_host_org_vector_type          plasmid 
_entity_src_gen.pdbx_host_org_vector               ? 
_entity_src_gen.host_org_details                   ? 
_entity_src_gen.expression_system_id               ? 
_entity_src_gen.plasmid_name                       pet28 
_entity_src_gen.plasmid_details                    ? 
_entity_src_gen.pdbx_description                   ? 
# 
_pdbx_entity_src_syn.entity_id              2 
_pdbx_entity_src_syn.pdbx_src_id            1 
_pdbx_entity_src_syn.pdbx_alt_source_flag   sample 
_pdbx_entity_src_syn.pdbx_beg_seq_num       ? 
_pdbx_entity_src_syn.pdbx_end_seq_num       ? 
_pdbx_entity_src_syn.organism_scientific    ? 
_pdbx_entity_src_syn.organism_common_name   ? 
_pdbx_entity_src_syn.ncbi_taxonomy_id       ? 
_pdbx_entity_src_syn.details                'Synthetic peptide' 
# 
loop_
_chem_comp.id 
_chem_comp.type 
_chem_comp.mon_nstd_flag 
_chem_comp.name 
_chem_comp.pdbx_synonyms 
_chem_comp.formula 
_chem_comp.formula_weight 
16P non-polymer         . 3,6,9,12,15,18-HEXAOXAICOSANE       ?                  'C14 H30 O6'     294.384 
ACE non-polymer         . 'ACETYL GROUP'                      ?                  'C2 H4 O'        44.053  
ALA 'L-peptide linking' y ALANINE                             ?                  'C3 H7 N O2'     89.093  
ARG 'L-peptide linking' y ARGININE                            ?                  'C6 H15 N4 O2 1' 175.209 
ASN 'L-peptide linking' y ASPARAGINE                          ?                  'C4 H8 N2 O3'    132.118 
ASP 'L-peptide linking' y 'ASPARTIC ACID'                     ?                  'C4 H7 N O4'     133.103 
CYS 'L-peptide linking' y CYSTEINE                            ?                  'C3 H7 N O2 S'   121.158 
GLN 'L-peptide linking' y GLUTAMINE                           ?                  'C5 H10 N2 O3'   146.144 
GLU 'L-peptide linking' y 'GLUTAMIC ACID'                     ?                  'C5 H9 N O4'     147.129 
GLY 'peptide linking'   y GLYCINE                             ?                  'C2 H5 N O2'     75.067  
HIS 'L-peptide linking' y HISTIDINE                           ?                  'C6 H10 N3 O2 1' 156.162 
HOH non-polymer         . WATER                               ?                  'H2 O'           18.015  
ILE 'L-peptide linking' y ISOLEUCINE                          ?                  'C6 H13 N O2'    131.173 
LEU 'L-peptide linking' y LEUCINE                             ?                  'C6 H13 N O2'    131.173 
LYS 'L-peptide linking' y LYSINE                              ?                  'C6 H15 N2 O2 1' 147.195 
MET 'L-peptide linking' y METHIONINE                          ?                  'C5 H11 N O2 S'  149.211 
NAL 'L-peptide linking' n 'BETA-(2-NAPHTHYL)-ALANINE'         ?                  'C13 H13 N O2'   215.248 
NH2 non-polymer         . 'AMINO GROUP'                       ?                  'H2 N'           16.023  
PHE 'L-peptide linking' y PHENYLALANINE                       ?                  'C9 H11 N O2'    165.189 
PRO 'L-peptide linking' y PROLINE                             ?                  'C5 H9 N O2'     115.130 
SER 'L-peptide linking' y SERINE                              ?                  'C3 H7 N O3'     105.093 
THR 'L-peptide linking' y THREONINE                           ?                  'C4 H9 N O3'     119.119 
TPO 'L-peptide linking' n PHOSPHOTHREONINE                    PHOSPHONOTHREONINE 'C4 H10 N O6 P'  199.099 
TRP 'L-peptide linking' y TRYPTOPHAN                          ?                  'C11 H12 N2 O2'  204.225 
TYR 'L-peptide linking' y TYROSINE                            ?                  'C9 H11 N O3'    181.189 
VAL 'L-peptide linking' y VALINE                              ?                  'C5 H11 N O2'    117.146 
YCP 'L-peptide linking' . '(2S)-piperidine-2-carboxylic acid' ?                  'C6 H11 N O2'    129.157 
# 
loop_
_pdbx_poly_seq_scheme.asym_id 
_pdbx_poly_seq_scheme.entity_id 
_pdbx_poly_seq_scheme.seq_id 
_pdbx_poly_seq_scheme.mon_id 
_pdbx_poly_seq_scheme.ndb_seq_num 
_pdbx_poly_seq_scheme.pdb_seq_num 
_pdbx_poly_seq_scheme.auth_seq_num 
_pdbx_poly_seq_scheme.pdb_mon_id 
_pdbx_poly_seq_scheme.auth_mon_id 
_pdbx_poly_seq_scheme.pdb_strand_id 
_pdbx_poly_seq_scheme.pdb_ins_code 
_pdbx_poly_seq_scheme.hetero 
A 1 1   GLY 1   -3  ?   ?   ?   A . n 
A 1 2   SER 2   -2  ?   ?   ?   A . n 
A 1 3   HIS 3   -1  ?   ?   ?   A . n 
A 1 4   GLY 4   0   ?   ?   ?   A . n 
A 1 5   MET 5   1   ?   ?   ?   A . n 
A 1 6   ALA 6   2   ?   ?   ?   A . n 
A 1 7   ASP 7   3   ?   ?   ?   A . n 
A 1 8   GLU 8   4   ?   ?   ?   A . n 
A 1 9   GLU 9   5   ?   ?   ?   A . n 
A 1 10  LYS 10  6   ?   ?   ?   A . n 
A 1 11  LEU 11  7   7   LEU LEU A . n 
A 1 12  PRO 12  8   8   PRO PRO A . n 
A 1 13  PRO 13  9   9   PRO PRO A . n 
A 1 14  GLY 14  10  10  GLY GLY A . n 
A 1 15  TRP 15  11  11  TRP TRP A . n 
A 1 16  GLU 16  12  12  GLU GLU A . n 
A 1 17  LYS 17  13  13  LYS LYS A . n 
A 1 18  ALA 18  14  14  ALA ALA A . n 
A 1 19  MET 19  15  15  MET MET A . n 
A 1 20  SER 20  16  16  SER SER A . n 
A 1 21  ARG 21  17  17  ARG ARG A . n 
A 1 22  SER 22  18  18  SER SER A . n 
A 1 23  SER 23  19  19  SER SER A . n 
A 1 24  GLY 24  20  20  GLY GLY A . n 
A 1 25  ARG 25  21  21  ARG ARG A . n 
A 1 26  VAL 26  22  22  VAL VAL A . n 
A 1 27  TYR 27  23  23  TYR TYR A . n 
A 1 28  TYR 28  24  24  TYR TYR A . n 
A 1 29  PHE 29  25  25  PHE PHE A . n 
A 1 30  ASN 30  26  26  ASN ASN A . n 
A 1 31  HIS 31  27  27  HIS HIS A . n 
A 1 32  ILE 32  28  28  ILE ILE A . n 
A 1 33  THR 33  29  29  THR THR A . n 
A 1 34  ASN 34  30  30  ASN ASN A . n 
A 1 35  ALA 35  31  31  ALA ALA A . n 
A 1 36  SER 36  32  32  SER SER A . n 
A 1 37  GLN 37  33  33  GLN GLN A . n 
A 1 38  TRP 38  34  34  TRP TRP A . n 
A 1 39  GLU 39  35  35  GLU GLU A . n 
A 1 40  ARG 40  36  36  ARG ARG A . n 
A 1 41  PRO 41  37  37  PRO PRO A . n 
A 1 42  SER 42  38  38  SER SER A . n 
A 1 43  GLY 43  39  ?   ?   ?   A . n 
A 1 44  ASN 44  40  ?   ?   ?   A . n 
A 1 45  SER 45  41  ?   ?   ?   A . n 
A 1 46  SER 46  42  ?   ?   ?   A . n 
A 1 47  SER 47  43  ?   ?   ?   A . n 
A 1 48  GLY 48  44  ?   ?   ?   A . n 
A 1 49  GLY 49  45  ?   ?   ?   A . n 
A 1 50  LYS 50  46  ?   ?   ?   A . n 
A 1 51  ASN 51  47  ?   ?   ?   A . n 
A 1 52  GLY 52  48  ?   ?   ?   A . n 
A 1 53  GLN 53  49  ?   ?   ?   A . n 
A 1 54  GLY 54  50  ?   ?   ?   A . n 
A 1 55  GLU 55  51  51  GLU GLU A . n 
A 1 56  PRO 56  52  52  PRO PRO A . n 
A 1 57  ALA 57  53  53  ALA ALA A . n 
A 1 58  ARG 58  54  54  ARG ARG A . n 
A 1 59  VAL 59  55  55  VAL VAL A . n 
A 1 60  ARG 60  56  56  ARG ARG A . n 
A 1 61  CYS 61  57  57  CYS CYS A . n 
A 1 62  SER 62  58  58  SER SER A . n 
A 1 63  HIS 63  59  59  HIS HIS A . n 
A 1 64  LEU 64  60  60  LEU LEU A . n 
A 1 65  LEU 65  61  61  LEU LEU A . n 
A 1 66  VAL 66  62  62  VAL VAL A . n 
A 1 67  LYS 67  63  63  LYS LYS A . n 
A 1 68  HIS 68  64  64  HIS HIS A . n 
A 1 69  SER 69  65  65  SER SER A . n 
A 1 70  GLN 70  66  66  GLN GLN A . n 
A 1 71  SER 71  67  67  SER SER A . n 
A 1 72  ARG 72  68  68  ARG ARG A . n 
A 1 73  ARG 73  69  69  ARG ARG A . n 
A 1 74  PRO 74  70  70  PRO PRO A . n 
A 1 75  SER 75  71  71  SER SER A . n 
A 1 76  SER 76  72  72  SER SER A . n 
A 1 77  TRP 77  73  73  TRP TRP A . n 
A 1 78  ARG 78  74  74  ARG ARG A . n 
A 1 79  GLN 79  75  75  GLN GLN A . n 
A 1 80  GLU 80  76  76  GLU GLU A . n 
A 1 81  LYS 81  77  77  LYS LYS A . n 
A 1 82  ILE 82  78  78  ILE ILE A . n 
A 1 83  THR 83  79  79  THR THR A . n 
A 1 84  ARG 84  80  80  ARG ARG A . n 
A 1 85  THR 85  81  81  THR THR A . n 
A 1 86  LYS 86  82  82  LYS LYS A . n 
A 1 87  GLU 87  83  83  GLU GLU A . n 
A 1 88  GLU 88  84  84  GLU GLU A . n 
A 1 89  ALA 89  85  85  ALA ALA A . n 
A 1 90  LEU 90  86  86  LEU LEU A . n 
A 1 91  GLU 91  87  87  GLU GLU A . n 
A 1 92  LEU 92  88  88  LEU LEU A . n 
A 1 93  ILE 93  89  89  ILE ILE A . n 
A 1 94  ASN 94  90  90  ASN ASN A . n 
A 1 95  GLY 95  91  91  GLY GLY A . n 
A 1 96  TYR 96  92  92  TYR TYR A . n 
A 1 97  ILE 97  93  93  ILE ILE A . n 
A 1 98  GLN 98  94  94  GLN GLN A . n 
A 1 99  LYS 99  95  95  LYS LYS A . n 
A 1 100 ILE 100 96  96  ILE ILE A . n 
A 1 101 LYS 101 97  97  LYS LYS A . n 
A 1 102 SER 102 98  98  SER SER A . n 
A 1 103 GLY 103 99  99  GLY GLY A . n 
A 1 104 GLU 104 100 100 GLU GLU A . n 
A 1 105 GLU 105 101 101 GLU GLU A . n 
A 1 106 ASP 106 102 102 ASP ASP A . n 
A 1 107 PHE 107 103 103 PHE PHE A . n 
A 1 108 GLU 108 104 104 GLU GLU A . n 
A 1 109 SER 109 105 105 SER SER A . n 
A 1 110 LEU 110 106 106 LEU LEU A . n 
A 1 111 ALA 111 107 107 ALA ALA A . n 
A 1 112 SER 112 108 108 SER SER A . n 
A 1 113 GLN 113 109 109 GLN GLN A . n 
A 1 114 PHE 114 110 110 PHE PHE A . n 
A 1 115 SER 115 111 111 SER SER A . n 
A 1 116 ASP 116 112 112 ASP ASP A . n 
A 1 117 CYS 117 113 113 CYS CYS A . n 
A 1 118 SER 118 114 114 SER SER A . n 
A 1 119 SER 119 115 115 SER SER A . n 
A 1 120 ALA 120 116 116 ALA ALA A . n 
A 1 121 LYS 121 117 117 LYS LYS A . n 
A 1 122 ALA 122 118 118 ALA ALA A . n 
A 1 123 ARG 123 119 119 ARG ARG A . n 
A 1 124 GLY 124 120 120 GLY GLY A . n 
A 1 125 ASP 125 121 121 ASP ASP A . n 
A 1 126 LEU 126 122 122 LEU LEU A . n 
A 1 127 GLY 127 123 123 GLY GLY A . n 
A 1 128 ALA 128 124 124 ALA ALA A . n 
A 1 129 PHE 129 125 125 PHE PHE A . n 
A 1 130 SER 130 126 126 SER SER A . n 
A 1 131 ARG 131 127 127 ARG ARG A . n 
A 1 132 GLY 132 128 128 GLY GLY A . n 
A 1 133 GLN 133 129 129 GLN GLN A . n 
A 1 134 MET 134 130 130 MET MET A . n 
A 1 135 GLN 135 131 131 GLN GLN A . n 
A 1 136 LYS 136 132 132 LYS LYS A . n 
A 1 137 PRO 137 133 133 PRO PRO A . n 
A 1 138 PHE 138 134 134 PHE PHE A . n 
A 1 139 GLU 139 135 135 GLU GLU A . n 
A 1 140 ASP 140 136 136 ASP ASP A . n 
A 1 141 ALA 141 137 137 ALA ALA A . n 
A 1 142 SER 142 138 138 SER SER A . n 
A 1 143 PHE 143 139 139 PHE PHE A . n 
A 1 144 ALA 144 140 140 ALA ALA A . n 
A 1 145 LEU 145 141 141 LEU LEU A . n 
A 1 146 ARG 146 142 142 ARG ARG A . n 
A 1 147 THR 147 143 143 THR THR A . n 
A 1 148 GLY 148 144 144 GLY GLY A . n 
A 1 149 GLU 149 145 145 GLU GLU A . n 
A 1 150 MET 150 146 146 MET MET A . n 
A 1 151 SER 151 147 147 SER SER A . n 
A 1 152 GLY 152 148 148 GLY GLY A . n 
A 1 153 PRO 153 149 149 PRO PRO A . n 
A 1 154 VAL 154 150 150 VAL VAL A . n 
A 1 155 PHE 155 151 151 PHE PHE A . n 
A 1 156 THR 156 152 152 THR THR A . n 
A 1 157 ASP 157 153 153 ASP ASP A . n 
A 1 158 SER 158 154 154 SER SER A . n 
A 1 159 GLY 159 155 155 GLY GLY A . n 
A 1 160 ILE 160 156 156 ILE ILE A . n 
A 1 161 HIS 161 157 157 HIS HIS A . n 
A 1 162 ILE 162 158 158 ILE ILE A . n 
A 1 163 ILE 163 159 159 ILE ILE A . n 
A 1 164 LEU 164 160 160 LEU LEU A . n 
A 1 165 ARG 165 161 161 ARG ARG A . n 
A 1 166 THR 166 162 162 THR THR A . n 
A 1 167 GLU 167 163 163 GLU GLU A . n 
B 2 1   ACE 1   500 ?   ?   ?   B . n 
B 2 2   PHE 2   501 501 PHE PHE B . n 
B 2 3   TPO 3   502 502 TPO TPO B . n 
B 2 4   YCP 4   503 503 YCP YCP B . n 
B 2 5   NAL 5   504 504 NAL NAL B . n 
B 2 6   GLN 6   505 505 GLN GLN B . n 
B 2 7   NH2 7   506 506 NH2 NH2 B . n 
# 
loop_
_pdbx_nonpoly_scheme.asym_id 
_pdbx_nonpoly_scheme.entity_id 
_pdbx_nonpoly_scheme.mon_id 
_pdbx_nonpoly_scheme.ndb_seq_num 
_pdbx_nonpoly_scheme.pdb_seq_num 
_pdbx_nonpoly_scheme.auth_seq_num 
_pdbx_nonpoly_scheme.pdb_mon_id 
_pdbx_nonpoly_scheme.auth_mon_id 
_pdbx_nonpoly_scheme.pdb_strand_id 
_pdbx_nonpoly_scheme.pdb_ins_code 
C 3 16P 1   300 300 16P P15 A . 
D 4 HOH 1   301 1   HOH HOH A . 
D 4 HOH 2   302 2   HOH HOH A . 
D 4 HOH 3   303 3   HOH HOH A . 
D 4 HOH 4   304 4   HOH HOH A . 
D 4 HOH 5   305 5   HOH HOH A . 
D 4 HOH 6   306 6   HOH HOH A . 
D 4 HOH 7   307 7   HOH HOH A . 
D 4 HOH 8   308 8   HOH HOH A . 
D 4 HOH 9   309 9   HOH HOH A . 
D 4 HOH 10  310 10  HOH HOH A . 
D 4 HOH 11  311 11  HOH HOH A . 
D 4 HOH 12  312 12  HOH HOH A . 
D 4 HOH 13  313 13  HOH HOH A . 
D 4 HOH 14  314 14  HOH HOH A . 
D 4 HOH 15  315 15  HOH HOH A . 
D 4 HOH 16  316 16  HOH HOH A . 
D 4 HOH 17  317 17  HOH HOH A . 
D 4 HOH 18  318 18  HOH HOH A . 
D 4 HOH 19  319 19  HOH HOH A . 
D 4 HOH 20  320 20  HOH HOH A . 
D 4 HOH 21  321 21  HOH HOH A . 
D 4 HOH 22  322 22  HOH HOH A . 
D 4 HOH 23  323 23  HOH HOH A . 
D 4 HOH 24  324 24  HOH HOH A . 
D 4 HOH 25  325 25  HOH HOH A . 
D 4 HOH 26  326 26  HOH HOH A . 
D 4 HOH 27  327 27  HOH HOH A . 
D 4 HOH 28  328 29  HOH HOH A . 
D 4 HOH 29  329 30  HOH HOH A . 
D 4 HOH 30  330 31  HOH HOH A . 
D 4 HOH 31  331 32  HOH HOH A . 
D 4 HOH 32  332 34  HOH HOH A . 
D 4 HOH 33  333 35  HOH HOH A . 
D 4 HOH 34  334 36  HOH HOH A . 
D 4 HOH 35  335 37  HOH HOH A . 
D 4 HOH 36  336 38  HOH HOH A . 
D 4 HOH 37  337 39  HOH HOH A . 
D 4 HOH 38  338 40  HOH HOH A . 
D 4 HOH 39  339 41  HOH HOH A . 
D 4 HOH 40  340 42  HOH HOH A . 
D 4 HOH 41  341 43  HOH HOH A . 
D 4 HOH 42  342 44  HOH HOH A . 
D 4 HOH 43  343 45  HOH HOH A . 
D 4 HOH 44  344 46  HOH HOH A . 
D 4 HOH 45  345 47  HOH HOH A . 
D 4 HOH 46  346 48  HOH HOH A . 
D 4 HOH 47  347 49  HOH HOH A . 
D 4 HOH 48  348 50  HOH HOH A . 
D 4 HOH 49  349 51  HOH HOH A . 
D 4 HOH 50  350 52  HOH HOH A . 
D 4 HOH 51  351 54  HOH HOH A . 
D 4 HOH 52  352 55  HOH HOH A . 
D 4 HOH 53  353 56  HOH HOH A . 
D 4 HOH 54  354 57  HOH HOH A . 
D 4 HOH 55  355 58  HOH HOH A . 
D 4 HOH 56  356 59  HOH HOH A . 
D 4 HOH 57  357 60  HOH HOH A . 
D 4 HOH 58  358 61  HOH HOH A . 
D 4 HOH 59  359 62  HOH HOH A . 
D 4 HOH 60  360 63  HOH HOH A . 
D 4 HOH 61  361 64  HOH HOH A . 
D 4 HOH 62  362 65  HOH HOH A . 
D 4 HOH 63  363 66  HOH HOH A . 
D 4 HOH 64  364 67  HOH HOH A . 
D 4 HOH 65  365 68  HOH HOH A . 
D 4 HOH 66  366 69  HOH HOH A . 
D 4 HOH 67  367 70  HOH HOH A . 
D 4 HOH 68  368 71  HOH HOH A . 
D 4 HOH 69  369 72  HOH HOH A . 
D 4 HOH 70  370 73  HOH HOH A . 
D 4 HOH 71  371 74  HOH HOH A . 
D 4 HOH 72  372 75  HOH HOH A . 
D 4 HOH 73  373 76  HOH HOH A . 
D 4 HOH 74  374 77  HOH HOH A . 
D 4 HOH 75  375 78  HOH HOH A . 
D 4 HOH 76  376 79  HOH HOH A . 
D 4 HOH 77  377 80  HOH HOH A . 
D 4 HOH 78  378 81  HOH HOH A . 
D 4 HOH 79  379 82  HOH HOH A . 
D 4 HOH 80  380 84  HOH HOH A . 
D 4 HOH 81  381 85  HOH HOH A . 
D 4 HOH 82  382 86  HOH HOH A . 
D 4 HOH 83  383 87  HOH HOH A . 
D 4 HOH 84  384 88  HOH HOH A . 
D 4 HOH 85  385 89  HOH HOH A . 
D 4 HOH 86  386 90  HOH HOH A . 
D 4 HOH 87  387 91  HOH HOH A . 
D 4 HOH 88  388 92  HOH HOH A . 
D 4 HOH 89  389 93  HOH HOH A . 
D 4 HOH 90  390 94  HOH HOH A . 
D 4 HOH 91  391 95  HOH HOH A . 
D 4 HOH 92  392 96  HOH HOH A . 
D 4 HOH 93  393 97  HOH HOH A . 
D 4 HOH 94  394 98  HOH HOH A . 
D 4 HOH 95  395 99  HOH HOH A . 
D 4 HOH 96  396 100 HOH HOH A . 
D 4 HOH 97  397 101 HOH HOH A . 
D 4 HOH 98  398 102 HOH HOH A . 
D 4 HOH 99  399 103 HOH HOH A . 
D 4 HOH 100 400 104 HOH HOH A . 
D 4 HOH 101 401 105 HOH HOH A . 
D 4 HOH 102 402 106 HOH HOH A . 
D 4 HOH 103 403 107 HOH HOH A . 
D 4 HOH 104 404 108 HOH HOH A . 
D 4 HOH 105 405 109 HOH HOH A . 
D 4 HOH 106 406 110 HOH HOH A . 
D 4 HOH 107 407 111 HOH HOH A . 
D 4 HOH 108 408 112 HOH HOH A . 
D 4 HOH 109 409 113 HOH HOH A . 
D 4 HOH 110 410 114 HOH HOH A . 
D 4 HOH 111 411 115 HOH HOH A . 
D 4 HOH 112 412 116 HOH HOH A . 
D 4 HOH 113 413 117 HOH HOH A . 
D 4 HOH 114 414 118 HOH HOH A . 
D 4 HOH 115 415 119 HOH HOH A . 
D 4 HOH 116 416 120 HOH HOH A . 
D 4 HOH 117 417 121 HOH HOH A . 
D 4 HOH 118 418 122 HOH HOH A . 
D 4 HOH 119 419 123 HOH HOH A . 
D 4 HOH 120 420 124 HOH HOH A . 
D 4 HOH 121 421 125 HOH HOH A . 
D 4 HOH 122 422 126 HOH HOH A . 
D 4 HOH 123 423 127 HOH HOH A . 
D 4 HOH 124 424 128 HOH HOH A . 
D 4 HOH 125 425 129 HOH HOH A . 
D 4 HOH 126 426 130 HOH HOH A . 
D 4 HOH 127 427 131 HOH HOH A . 
D 4 HOH 128 428 132 HOH HOH A . 
D 4 HOH 129 429 133 HOH HOH A . 
D 4 HOH 130 430 134 HOH HOH A . 
D 4 HOH 131 431 135 HOH HOH A . 
D 4 HOH 132 432 136 HOH HOH A . 
D 4 HOH 133 433 137 HOH HOH A . 
D 4 HOH 134 434 138 HOH HOH A . 
D 4 HOH 135 435 139 HOH HOH A . 
D 4 HOH 136 436 140 HOH HOH A . 
D 4 HOH 137 437 142 HOH HOH A . 
D 4 HOH 138 438 143 HOH HOH A . 
D 4 HOH 139 439 144 HOH HOH A . 
D 4 HOH 140 440 145 HOH HOH A . 
D 4 HOH 141 441 146 HOH HOH A . 
D 4 HOH 142 442 147 HOH HOH A . 
D 4 HOH 143 443 149 HOH HOH A . 
D 4 HOH 144 444 150 HOH HOH A . 
D 4 HOH 145 445 151 HOH HOH A . 
D 4 HOH 146 446 152 HOH HOH A . 
D 4 HOH 147 447 153 HOH HOH A . 
D 4 HOH 148 448 154 HOH HOH A . 
D 4 HOH 149 449 155 HOH HOH A . 
D 4 HOH 150 450 156 HOH HOH A . 
D 4 HOH 151 451 157 HOH HOH A . 
D 4 HOH 152 452 158 HOH HOH A . 
D 4 HOH 153 453 159 HOH HOH A . 
D 4 HOH 154 454 160 HOH HOH A . 
D 4 HOH 155 455 161 HOH HOH A . 
D 4 HOH 156 456 162 HOH HOH A . 
D 4 HOH 157 457 163 HOH HOH A . 
D 4 HOH 158 458 164 HOH HOH A . 
D 4 HOH 159 459 165 HOH HOH A . 
D 4 HOH 160 460 166 HOH HOH A . 
D 4 HOH 161 461 167 HOH HOH A . 
D 4 HOH 162 462 168 HOH HOH A . 
E 4 HOH 1   28  28  HOH HOH B . 
E 4 HOH 2   33  33  HOH HOH B . 
E 4 HOH 3   83  83  HOH HOH B . 
E 4 HOH 4   141 141 HOH HOH B . 
E 4 HOH 5   148 148 HOH HOH B . 
# 
loop_
_pdbx_unobs_or_zero_occ_atoms.id 
_pdbx_unobs_or_zero_occ_atoms.PDB_model_num 
_pdbx_unobs_or_zero_occ_atoms.polymer_flag 
_pdbx_unobs_or_zero_occ_atoms.occupancy_flag 
_pdbx_unobs_or_zero_occ_atoms.auth_asym_id 
_pdbx_unobs_or_zero_occ_atoms.auth_comp_id 
_pdbx_unobs_or_zero_occ_atoms.auth_seq_id 
_pdbx_unobs_or_zero_occ_atoms.PDB_ins_code 
_pdbx_unobs_or_zero_occ_atoms.auth_atom_id 
_pdbx_unobs_or_zero_occ_atoms.label_alt_id 
_pdbx_unobs_or_zero_occ_atoms.label_asym_id 
_pdbx_unobs_or_zero_occ_atoms.label_comp_id 
_pdbx_unobs_or_zero_occ_atoms.label_seq_id 
_pdbx_unobs_or_zero_occ_atoms.label_atom_id 
1 1 Y 1 B PHE 501 ? CB  ? B PHE 2 CB  
2 1 Y 1 B PHE 501 ? CG  ? B PHE 2 CG  
3 1 Y 1 B PHE 501 ? CD1 ? B PHE 2 CD1 
4 1 Y 1 B PHE 501 ? CD2 ? B PHE 2 CD2 
5 1 Y 1 B PHE 501 ? CE1 ? B PHE 2 CE1 
6 1 Y 1 B PHE 501 ? CE2 ? B PHE 2 CE2 
7 1 Y 1 B PHE 501 ? CZ  ? B PHE 2 CZ  
# 
loop_
_software.name 
_software.classification 
_software.version 
_software.citation_id 
_software.pdbx_ordinal 
REFMAC   refinement        5.2.0019 ? 1 
HKL-2000 'data collection' .        ? 2 
HKL-2000 'data reduction'  .        ? 3 
HKL-2000 'data scaling'    .        ? 4 
AMoRE    phasing           .        ? 5 
# 
_cell.entry_id           2Q5A 
_cell.length_a           68.842 
_cell.length_b           68.842 
_cell.length_c           79.513 
_cell.angle_alpha        90.00 
_cell.angle_beta         90.00 
_cell.angle_gamma        120.00 
_cell.Z_PDB              6 
_cell.pdbx_unique_axis   ? 
_cell.length_a_esd       ? 
_cell.length_b_esd       ? 
_cell.length_c_esd       ? 
_cell.angle_alpha_esd    ? 
_cell.angle_beta_esd     ? 
_cell.angle_gamma_esd    ? 
# 
_symmetry.entry_id                         2Q5A 
_symmetry.space_group_name_H-M             'P 31 2 1' 
_symmetry.pdbx_full_space_group_name_H-M   ? 
_symmetry.cell_setting                     ? 
_symmetry.Int_Tables_number                152 
_symmetry.space_group_name_Hall            ? 
# 
_exptl.entry_id          2Q5A 
_exptl.method            'X-RAY DIFFRACTION' 
_exptl.crystals_number   1 
# 
_exptl_crystal.id                    1 
_exptl_crystal.density_meas          ? 
_exptl_crystal.density_Matthews      2.82 
_exptl_crystal.density_percent_sol   56.32 
_exptl_crystal.description           ? 
_exptl_crystal.F_000                 ? 
_exptl_crystal.preparation           ? 
# 
_exptl_crystal_grow.crystal_id      1 
_exptl_crystal_grow.method          'VAPOR DIFFUSION, HANGING DROP' 
_exptl_crystal_grow.temp            277 
_exptl_crystal_grow.temp_details    ? 
_exptl_crystal_grow.pH              7.5 
_exptl_crystal_grow.pdbx_details    
'M Ammonium Sulfate, 1% PEG400, 100mM HEPES, pH 7.5, VAPOR DIFFUSION, HANGING DROP, temperature 277K' 
_exptl_crystal_grow.pdbx_pH_range   . 
# 
_diffrn.id                     1 
_diffrn.ambient_temp           100 
_diffrn.ambient_temp_details   ? 
_diffrn.crystal_id             1 
# 
_diffrn_detector.diffrn_id              1 
_diffrn_detector.detector               CCD 
_diffrn_detector.type                   'ADSC QUANTUM 315' 
_diffrn_detector.pdbx_collection_date   2005-03-25 
_diffrn_detector.details                mirrors 
# 
_diffrn_radiation.diffrn_id                        1 
_diffrn_radiation.wavelength_id                    1 
_diffrn_radiation.pdbx_monochromatic_or_laue_m_l   M 
_diffrn_radiation.monochromator                    graphite 
_diffrn_radiation.pdbx_diffrn_protocol             'SINGLE WAVELENGTH' 
_diffrn_radiation.pdbx_scattering_type             x-ray 
# 
_diffrn_radiation_wavelength.id           1 
_diffrn_radiation_wavelength.wavelength   1.0 
_diffrn_radiation_wavelength.wt           1.0 
# 
_diffrn_source.diffrn_id                   1 
_diffrn_source.source                      SYNCHROTRON 
_diffrn_source.type                        'ALS BEAMLINE 8.2.2' 
_diffrn_source.pdbx_synchrotron_site       ALS 
_diffrn_source.pdbx_synchrotron_beamline   8.2.2 
_diffrn_source.pdbx_wavelength             ? 
_diffrn_source.pdbx_wavelength_list        1.0 
# 
_reflns.entry_id                     2Q5A 
_reflns.observed_criterion_sigma_F   -3 
_reflns.observed_criterion_sigma_I   0 
_reflns.d_resolution_high            1.5 
_reflns.d_resolution_low             33 
_reflns.number_all                   35684 
_reflns.number_obs                   34360 
_reflns.percent_possible_obs         96.3 
_reflns.pdbx_Rmerge_I_obs            ? 
_reflns.pdbx_Rsym_value              ? 
_reflns.pdbx_netI_over_sigmaI        44.6 
_reflns.B_iso_Wilson_estimate        ? 
_reflns.pdbx_redundancy              3.6 
_reflns.R_free_details               ? 
_reflns.limit_h_max                  ? 
_reflns.limit_h_min                  ? 
_reflns.limit_k_max                  ? 
_reflns.limit_k_min                  ? 
_reflns.limit_l_max                  ? 
_reflns.limit_l_min                  ? 
_reflns.observed_criterion_F_max     ? 
_reflns.observed_criterion_F_min     ? 
_reflns.pdbx_chi_squared             ? 
_reflns.pdbx_scaling_rejects         ? 
_reflns.pdbx_ordinal                 1 
_reflns.pdbx_diffrn_id               1 
# 
_reflns_shell.d_res_high             1.50 
_reflns_shell.d_res_low              1.55 
_reflns_shell.percent_possible_all   96.6 
_reflns_shell.Rmerge_I_obs           ? 
_reflns_shell.pdbx_Rsym_value        0.17 
_reflns_shell.meanI_over_sigI_obs    6.9 
_reflns_shell.pdbx_redundancy        3.3 
_reflns_shell.percent_possible_obs   ? 
_reflns_shell.number_unique_all      ? 
_reflns_shell.number_measured_all    ? 
_reflns_shell.number_measured_obs    ? 
_reflns_shell.number_unique_obs      ? 
_reflns_shell.pdbx_chi_squared       ? 
_reflns_shell.pdbx_ordinal           1 
_reflns_shell.pdbx_diffrn_id         1 
# 
_refine.entry_id                                 2Q5A 
_refine.ls_number_reflns_obs                     32653 
_refine.ls_number_reflns_all                     ? 
_refine.pdbx_ls_sigma_I                          ? 
_refine.pdbx_ls_sigma_F                          ? 
_refine.pdbx_data_cutoff_high_absF               ? 
_refine.pdbx_data_cutoff_low_absF                ? 
_refine.pdbx_data_cutoff_high_rms_absF           ? 
_refine.ls_d_res_low                             33 
_refine.ls_d_res_high                            1.50 
_refine.ls_percent_reflns_obs                    98.37 
_refine.ls_R_factor_obs                          0.23334 
_refine.ls_R_factor_all                          ? 
_refine.ls_R_factor_R_work                       0.23238 
_refine.ls_R_factor_R_free                       0.25235 
_refine.ls_R_factor_R_free_error                 ? 
_refine.ls_R_factor_R_free_error_details         ? 
_refine.ls_percent_reflns_R_free                 5.0 
_refine.ls_number_reflns_R_free                  1705 
_refine.ls_number_parameters                     ? 
_refine.ls_number_restraints                     ? 
_refine.occupancy_min                            ? 
_refine.occupancy_max                            ? 
_refine.correlation_coeff_Fo_to_Fc               0.940 
_refine.correlation_coeff_Fo_to_Fc_free          0.928 
_refine.B_iso_mean                               19.310 
_refine.aniso_B[1][1]                            0.62 
_refine.aniso_B[2][2]                            0.62 
_refine.aniso_B[3][3]                            -0.92 
_refine.aniso_B[1][2]                            0.31 
_refine.aniso_B[1][3]                            0.00 
_refine.aniso_B[2][3]                            0.00 
_refine.solvent_model_details                    MASK 
_refine.solvent_model_param_ksol                 ? 
_refine.solvent_model_param_bsol                 ? 
_refine.pdbx_solvent_vdw_probe_radii             1.40 
_refine.pdbx_solvent_ion_probe_radii             0.80 
_refine.pdbx_solvent_shrinkage_radii             0.80 
_refine.pdbx_ls_cross_valid_method               THROUGHOUT 
_refine.details                                  'HYDROGENS HAVE BEEN ADDED IN THE RIDING POSITIONS' 
_refine.pdbx_starting_model                      ? 
_refine.pdbx_method_to_determine_struct          'MOLECULAR REPLACEMENT' 
_refine.pdbx_isotropic_thermal_model             ? 
_refine.pdbx_stereochemistry_target_values       'MAXIMUM LIKELIHOOD' 
_refine.pdbx_stereochem_target_val_spec_case     ? 
_refine.pdbx_R_Free_selection_details            RANDOM 
_refine.pdbx_overall_ESU_R                       0.081 
_refine.pdbx_overall_ESU_R_Free                  0.080 
_refine.overall_SU_ML                            0.055 
_refine.overall_SU_B                             1.445 
_refine.ls_redundancy_reflns_obs                 ? 
_refine.B_iso_min                                ? 
_refine.B_iso_max                                ? 
_refine.overall_SU_R_Cruickshank_DPI             ? 
_refine.overall_SU_R_free                        ? 
_refine.ls_wR_factor_R_free                      ? 
_refine.ls_wR_factor_R_work                      ? 
_refine.overall_FOM_free_R_set                   ? 
_refine.overall_FOM_work_R_set                   ? 
_refine.pdbx_refine_id                           'X-RAY DIFFRACTION' 
_refine.pdbx_overall_phase_error                 ? 
_refine.pdbx_diffrn_id                           1 
_refine.pdbx_TLS_residual_ADP_flag               ? 
_refine.pdbx_overall_SU_R_free_Cruickshank_DPI   ? 
_refine.pdbx_overall_SU_R_Blow_DPI               ? 
_refine.pdbx_overall_SU_R_free_Blow_DPI          ? 
# 
_refine_hist.pdbx_refine_id                   'X-RAY DIFFRACTION' 
_refine_hist.cycle_id                         LAST 
_refine_hist.pdbx_number_atoms_protein        1204 
_refine_hist.pdbx_number_atoms_nucleic_acid   0 
_refine_hist.pdbx_number_atoms_ligand         20 
_refine_hist.number_atoms_solvent             167 
_refine_hist.number_atoms_total               1391 
_refine_hist.d_res_high                       1.50 
_refine_hist.d_res_low                        33 
# 
loop_
_refine_ls_restr.type 
_refine_ls_restr.dev_ideal 
_refine_ls_restr.dev_ideal_target 
_refine_ls_restr.weight 
_refine_ls_restr.number 
_refine_ls_restr.pdbx_refine_id 
_refine_ls_restr.pdbx_restraint_function 
r_bond_refined_d         0.011  0.021  ? 1250 'X-RAY DIFFRACTION' ? 
r_angle_refined_deg      1.383  2.001  ? 1674 'X-RAY DIFFRACTION' ? 
r_dihedral_angle_1_deg   6.113  5.000  ? 143  'X-RAY DIFFRACTION' ? 
r_dihedral_angle_2_deg   33.381 22.586 ? 58   'X-RAY DIFFRACTION' ? 
r_dihedral_angle_3_deg   14.305 15.000 ? 211  'X-RAY DIFFRACTION' ? 
r_dihedral_angle_4_deg   18.817 15.000 ? 13   'X-RAY DIFFRACTION' ? 
r_chiral_restr           0.086  0.200  ? 167  'X-RAY DIFFRACTION' ? 
r_gen_planes_refined     0.005  0.020  ? 948  'X-RAY DIFFRACTION' ? 
r_nbd_refined            0.200  0.200  ? 540  'X-RAY DIFFRACTION' ? 
r_nbtor_refined          0.304  0.200  ? 835  'X-RAY DIFFRACTION' ? 
r_xyhbond_nbd_refined    0.151  0.200  ? 132  'X-RAY DIFFRACTION' ? 
r_symmetry_vdw_refined   0.177  0.200  ? 46   'X-RAY DIFFRACTION' ? 
r_symmetry_hbond_refined 0.154  0.200  ? 27   'X-RAY DIFFRACTION' ? 
r_mcbond_it              0.945  1.500  ? 751  'X-RAY DIFFRACTION' ? 
r_mcangle_it             1.492  2.000  ? 1168 'X-RAY DIFFRACTION' ? 
r_scbond_it              2.223  3.000  ? 574  'X-RAY DIFFRACTION' ? 
r_scangle_it             3.479  4.500  ? 506  'X-RAY DIFFRACTION' ? 
# 
_refine_ls_shell.pdbx_total_number_of_bins_used   20 
_refine_ls_shell.d_res_high                       1.5 
_refine_ls_shell.d_res_low                        1.538 
_refine_ls_shell.number_reflns_R_work             2202 
_refine_ls_shell.R_factor_R_work                  0.3 
_refine_ls_shell.percent_reflns_obs               93.65 
_refine_ls_shell.R_factor_R_free                  0.302 
_refine_ls_shell.R_factor_R_free_error            ? 
_refine_ls_shell.percent_reflns_R_free            ? 
_refine_ls_shell.number_reflns_R_free             128 
_refine_ls_shell.number_reflns_all                ? 
_refine_ls_shell.R_factor_all                     ? 
_refine_ls_shell.number_reflns_obs                ? 
_refine_ls_shell.redundancy_reflns_obs            ? 
_refine_ls_shell.pdbx_refine_id                   'X-RAY DIFFRACTION' 
# 
_struct.entry_id                  2Q5A 
_struct.title                     'human Pin1 bound to L-PEPTIDE' 
_struct.pdbx_model_details        ? 
_struct.pdbx_CASP_flag            ? 
_struct.pdbx_model_type_details   ? 
# 
_struct_keywords.entry_id        2Q5A 
_struct_keywords.pdbx_keywords   'ISOMERASE/ISOMERASE INHIBITOR' 
_struct_keywords.text            'ISOMERASE WW domain, ISOMERASE-ISOMERASE INHIBITOR complex' 
# 
loop_
_struct_asym.id 
_struct_asym.pdbx_blank_PDB_chainid_flag 
_struct_asym.pdbx_modified 
_struct_asym.entity_id 
_struct_asym.details 
A N N 1 ? 
B N N 2 ? 
C N N 3 ? 
D N N 4 ? 
E N N 4 ? 
# 
loop_
_struct_ref.id 
_struct_ref.db_name 
_struct_ref.db_code 
_struct_ref.pdbx_db_accession 
_struct_ref.entity_id 
_struct_ref.pdbx_seq_one_letter_code 
_struct_ref.pdbx_align_begin 
_struct_ref.pdbx_db_isoform 
1 UNP PIN1_HUMAN Q13526 1 
;MADEEKLPPGWEKRMSRSSGRVYYFNHITNASQWERPSGNSSSGGKNGQGEPARVRCSHLLVKHSQSRRPSSWRQEKITR
TKEEALELINGYIQKIKSGEEDFESLASQFSDCSSAKARGDLGAFSRGQMQKPFEDASFALRTGEMSGPVFTDSGIHIIL
RTE
;
1 ? 
2 PDB 2Q5A       2Q5A   2 XFTXAQX ? ? 
# 
loop_
_struct_ref_seq.align_id 
_struct_ref_seq.ref_id 
_struct_ref_seq.pdbx_PDB_id_code 
_struct_ref_seq.pdbx_strand_id 
_struct_ref_seq.seq_align_beg 
_struct_ref_seq.pdbx_seq_align_beg_ins_code 
_struct_ref_seq.seq_align_end 
_struct_ref_seq.pdbx_seq_align_end_ins_code 
_struct_ref_seq.pdbx_db_accession 
_struct_ref_seq.db_align_beg 
_struct_ref_seq.pdbx_db_align_beg_ins_code 
_struct_ref_seq.db_align_end 
_struct_ref_seq.pdbx_db_align_end_ins_code 
_struct_ref_seq.pdbx_auth_seq_align_beg 
_struct_ref_seq.pdbx_auth_seq_align_end 
1 1 2Q5A A 5 ? 167 ? Q13526 1   ? 163 ? 1   163 
2 2 2Q5A B 2 ? 7   ? 2Q5A   501 ? 506 ? 501 506 
# 
loop_
_struct_ref_seq_dif.align_id 
_struct_ref_seq_dif.pdbx_pdb_id_code 
_struct_ref_seq_dif.mon_id 
_struct_ref_seq_dif.pdbx_pdb_strand_id 
_struct_ref_seq_dif.seq_num 
_struct_ref_seq_dif.pdbx_pdb_ins_code 
_struct_ref_seq_dif.pdbx_seq_db_name 
_struct_ref_seq_dif.pdbx_seq_db_accession_code 
_struct_ref_seq_dif.db_mon_id 
_struct_ref_seq_dif.pdbx_seq_db_seq_num 
_struct_ref_seq_dif.details 
_struct_ref_seq_dif.pdbx_auth_seq_num 
_struct_ref_seq_dif.pdbx_ordinal 
1 2Q5A GLY A 1  ? UNP Q13526 ?   ?  'expression tag'      -3 1 
1 2Q5A SER A 2  ? UNP Q13526 ?   ?  'expression tag'      -2 2 
1 2Q5A HIS A 3  ? UNP Q13526 ?   ?  'expression tag'      -1 3 
1 2Q5A GLY A 4  ? UNP Q13526 ?   ?  'expression tag'      0  4 
1 2Q5A ALA A 18 ? UNP Q13526 ARG 14 'engineered mutation' 14 5 
# 
_pdbx_struct_assembly.id                   1 
_pdbx_struct_assembly.details              author_defined_assembly 
_pdbx_struct_assembly.method_details       ? 
_pdbx_struct_assembly.oligomeric_details   dimeric 
_pdbx_struct_assembly.oligomeric_count     2 
# 
_pdbx_struct_assembly_gen.assembly_id       1 
_pdbx_struct_assembly_gen.oper_expression   1 
_pdbx_struct_assembly_gen.asym_id_list      A,B,C,D,E 
# 
_pdbx_struct_oper_list.id                   1 
_pdbx_struct_oper_list.type                 'identity operation' 
_pdbx_struct_oper_list.name                 1_555 
_pdbx_struct_oper_list.symmetry_operation   x,y,z 
_pdbx_struct_oper_list.matrix[1][1]         1.0000000000 
_pdbx_struct_oper_list.matrix[1][2]         0.0000000000 
_pdbx_struct_oper_list.matrix[1][3]         0.0000000000 
_pdbx_struct_oper_list.vector[1]            0.0000000000 
_pdbx_struct_oper_list.matrix[2][1]         0.0000000000 
_pdbx_struct_oper_list.matrix[2][2]         1.0000000000 
_pdbx_struct_oper_list.matrix[2][3]         0.0000000000 
_pdbx_struct_oper_list.vector[2]            0.0000000000 
_pdbx_struct_oper_list.matrix[3][1]         0.0000000000 
_pdbx_struct_oper_list.matrix[3][2]         0.0000000000 
_pdbx_struct_oper_list.matrix[3][3]         1.0000000000 
_pdbx_struct_oper_list.vector[3]            0.0000000000 
# 
_struct_biol.id        1 
_struct_biol.details   ? 
# 
loop_
_struct_conf.conf_type_id 
_struct_conf.id 
_struct_conf.pdbx_PDB_helix_id 
_struct_conf.beg_label_comp_id 
_struct_conf.beg_label_asym_id 
_struct_conf.beg_label_seq_id 
_struct_conf.pdbx_beg_PDB_ins_code 
_struct_conf.end_label_comp_id 
_struct_conf.end_label_asym_id 
_struct_conf.end_label_seq_id 
_struct_conf.pdbx_end_PDB_ins_code 
_struct_conf.beg_auth_comp_id 
_struct_conf.beg_auth_asym_id 
_struct_conf.beg_auth_seq_id 
_struct_conf.end_auth_comp_id 
_struct_conf.end_auth_asym_id 
_struct_conf.end_auth_seq_id 
_struct_conf.pdbx_PDB_helix_class 
_struct_conf.details 
_struct_conf.pdbx_PDB_helix_length 
HELX_P HELX_P1 1 THR A 85  ? SER A 102 ? THR A 81  SER A 98  1 ? 18 
HELX_P HELX_P2 2 ASP A 106 ? SER A 115 ? ASP A 102 SER A 111 1 ? 10 
HELX_P HELX_P3 3 CYS A 117 ? ARG A 123 ? CYS A 113 ARG A 119 5 ? 7  
HELX_P HELX_P4 4 GLN A 135 ? LEU A 145 ? GLN A 131 LEU A 141 1 ? 11 
# 
_struct_conf_type.id          HELX_P 
_struct_conf_type.criteria    ? 
_struct_conf_type.reference   ? 
# 
loop_
_struct_conn.id 
_struct_conn.conn_type_id 
_struct_conn.pdbx_leaving_atom_flag 
_struct_conn.pdbx_PDB_id 
_struct_conn.ptnr1_label_asym_id 
_struct_conn.ptnr1_label_comp_id 
_struct_conn.ptnr1_label_seq_id 
_struct_conn.ptnr1_label_atom_id 
_struct_conn.pdbx_ptnr1_label_alt_id 
_struct_conn.pdbx_ptnr1_PDB_ins_code 
_struct_conn.pdbx_ptnr1_standard_comp_id 
_struct_conn.ptnr1_symmetry 
_struct_conn.ptnr2_label_asym_id 
_struct_conn.ptnr2_label_comp_id 
_struct_conn.ptnr2_label_seq_id 
_struct_conn.ptnr2_label_atom_id 
_struct_conn.pdbx_ptnr2_label_alt_id 
_struct_conn.pdbx_ptnr2_PDB_ins_code 
_struct_conn.ptnr1_auth_asym_id 
_struct_conn.ptnr1_auth_comp_id 
_struct_conn.ptnr1_auth_seq_id 
_struct_conn.ptnr2_auth_asym_id 
_struct_conn.ptnr2_auth_comp_id 
_struct_conn.ptnr2_auth_seq_id 
_struct_conn.ptnr2_symmetry 
_struct_conn.pdbx_ptnr3_label_atom_id 
_struct_conn.pdbx_ptnr3_label_seq_id 
_struct_conn.pdbx_ptnr3_label_comp_id 
_struct_conn.pdbx_ptnr3_label_asym_id 
_struct_conn.pdbx_ptnr3_label_alt_id 
_struct_conn.pdbx_ptnr3_PDB_ins_code 
_struct_conn.details 
_struct_conn.pdbx_dist_value 
_struct_conn.pdbx_value_order 
_struct_conn.pdbx_role 
covale1 covale both ? B PHE 2 C ? ? ? 1_555 B TPO 3 N ? ? B PHE 501 B TPO 502 1_555 ? ? ? ? ? ? ? 1.330 ? ? 
covale2 covale both ? B YCP 4 C ? ? ? 1_555 B NAL 5 N ? ? B YCP 503 B NAL 504 1_555 ? ? ? ? ? ? ? 1.346 ? ? 
covale3 covale both ? B NAL 5 C ? ? ? 1_555 B GLN 6 N ? ? B NAL 504 B GLN 505 1_555 ? ? ? ? ? ? ? 1.333 ? ? 
covale4 covale both ? B GLN 6 C ? ? ? 1_555 B NH2 7 N ? ? B GLN 505 B NH2 506 1_555 ? ? ? ? ? ? ? 1.332 ? ? 
# 
_struct_conn_type.id          covale 
_struct_conn_type.criteria    ? 
_struct_conn_type.reference   ? 
# 
loop_
_pdbx_modification_feature.ordinal 
_pdbx_modification_feature.label_comp_id 
_pdbx_modification_feature.label_asym_id 
_pdbx_modification_feature.label_seq_id 
_pdbx_modification_feature.label_alt_id 
_pdbx_modification_feature.modified_residue_label_comp_id 
_pdbx_modification_feature.modified_residue_label_asym_id 
_pdbx_modification_feature.modified_residue_label_seq_id 
_pdbx_modification_feature.modified_residue_label_alt_id 
_pdbx_modification_feature.auth_comp_id 
_pdbx_modification_feature.auth_asym_id 
_pdbx_modification_feature.auth_seq_id 
_pdbx_modification_feature.PDB_ins_code 
_pdbx_modification_feature.symmetry 
_pdbx_modification_feature.modified_residue_auth_comp_id 
_pdbx_modification_feature.modified_residue_auth_asym_id 
_pdbx_modification_feature.modified_residue_auth_seq_id 
_pdbx_modification_feature.modified_residue_PDB_ins_code 
_pdbx_modification_feature.modified_residue_symmetry 
_pdbx_modification_feature.comp_id_linking_atom 
_pdbx_modification_feature.modified_residue_id_linking_atom 
_pdbx_modification_feature.modified_residue_id 
_pdbx_modification_feature.ref_pcm_id 
_pdbx_modification_feature.ref_comp_id 
_pdbx_modification_feature.type 
_pdbx_modification_feature.category 
1 TPO B 3 ? .   . . . TPO B 502 ? 1_555 .   . .   . .     . . THR 1  TPO Phosphorylation 'Named protein modification' 
2 YCP B 4 ? .   . . . YCP B 503 ? 1_555 .   . .   . .     . . ?   1  YCP None            'Non-standard residue'       
3 NAL B 5 ? .   . . . NAL B 504 ? 1_555 .   . .   . .     . . ?   1  NAL None            'Non-standard residue'       
4 NH2 B 7 ? GLN B 6 ? NH2 B 506 ? 1_555 GLN B 505 ? 1_555 . . GLN 18 NH2 None            'Terminal amidation'         
# 
_struct_mon_prot_cis.pdbx_id                1 
_struct_mon_prot_cis.label_comp_id          TPO 
_struct_mon_prot_cis.label_seq_id           3 
_struct_mon_prot_cis.label_asym_id          B 
_struct_mon_prot_cis.label_alt_id           . 
_struct_mon_prot_cis.pdbx_PDB_ins_code      ? 
_struct_mon_prot_cis.auth_comp_id           TPO 
_struct_mon_prot_cis.auth_seq_id            502 
_struct_mon_prot_cis.auth_asym_id           B 
_struct_mon_prot_cis.pdbx_label_comp_id_2   YCP 
_struct_mon_prot_cis.pdbx_label_seq_id_2    4 
_struct_mon_prot_cis.pdbx_label_asym_id_2   B 
_struct_mon_prot_cis.pdbx_PDB_ins_code_2    ? 
_struct_mon_prot_cis.pdbx_auth_comp_id_2    YCP 
_struct_mon_prot_cis.pdbx_auth_seq_id_2     503 
_struct_mon_prot_cis.pdbx_auth_asym_id_2    B 
_struct_mon_prot_cis.pdbx_PDB_model_num     1 
_struct_mon_prot_cis.pdbx_omega_angle       -19.50 
# 
loop_
_struct_sheet.id 
_struct_sheet.type 
_struct_sheet.number_strands 
_struct_sheet.details 
A ? 3 ? 
B ? 4 ? 
# 
loop_
_struct_sheet_order.sheet_id 
_struct_sheet_order.range_id_1 
_struct_sheet_order.range_id_2 
_struct_sheet_order.offset 
_struct_sheet_order.sense 
A 1 2 ? anti-parallel 
A 2 3 ? anti-parallel 
B 1 2 ? anti-parallel 
B 2 3 ? anti-parallel 
B 3 4 ? anti-parallel 
# 
loop_
_struct_sheet_range.sheet_id 
_struct_sheet_range.id 
_struct_sheet_range.beg_label_comp_id 
_struct_sheet_range.beg_label_asym_id 
_struct_sheet_range.beg_label_seq_id 
_struct_sheet_range.pdbx_beg_PDB_ins_code 
_struct_sheet_range.end_label_comp_id 
_struct_sheet_range.end_label_asym_id 
_struct_sheet_range.end_label_seq_id 
_struct_sheet_range.pdbx_end_PDB_ins_code 
_struct_sheet_range.beg_auth_comp_id 
_struct_sheet_range.beg_auth_asym_id 
_struct_sheet_range.beg_auth_seq_id 
_struct_sheet_range.end_auth_comp_id 
_struct_sheet_range.end_auth_asym_id 
_struct_sheet_range.end_auth_seq_id 
A 1 TRP A 15  ? MET A 19  ? TRP A 11  MET A 15  
A 2 VAL A 26  ? ASN A 30  ? VAL A 22  ASN A 26  
A 3 SER A 36  ? GLN A 37  ? SER A 32  GLN A 33  
B 1 ASP A 125 ? SER A 130 ? ASP A 121 SER A 126 
B 2 ARG A 58  ? VAL A 66  ? ARG A 54  VAL A 62  
B 3 GLY A 159 ? ARG A 165 ? GLY A 155 ARG A 161 
B 4 VAL A 154 ? THR A 156 ? VAL A 150 THR A 152 
# 
loop_
_pdbx_struct_sheet_hbond.sheet_id 
_pdbx_struct_sheet_hbond.range_id_1 
_pdbx_struct_sheet_hbond.range_id_2 
_pdbx_struct_sheet_hbond.range_1_label_atom_id 
_pdbx_struct_sheet_hbond.range_1_label_comp_id 
_pdbx_struct_sheet_hbond.range_1_label_asym_id 
_pdbx_struct_sheet_hbond.range_1_label_seq_id 
_pdbx_struct_sheet_hbond.range_1_PDB_ins_code 
_pdbx_struct_sheet_hbond.range_1_auth_atom_id 
_pdbx_struct_sheet_hbond.range_1_auth_comp_id 
_pdbx_struct_sheet_hbond.range_1_auth_asym_id 
_pdbx_struct_sheet_hbond.range_1_auth_seq_id 
_pdbx_struct_sheet_hbond.range_2_label_atom_id 
_pdbx_struct_sheet_hbond.range_2_label_comp_id 
_pdbx_struct_sheet_hbond.range_2_label_asym_id 
_pdbx_struct_sheet_hbond.range_2_label_seq_id 
_pdbx_struct_sheet_hbond.range_2_PDB_ins_code 
_pdbx_struct_sheet_hbond.range_2_auth_atom_id 
_pdbx_struct_sheet_hbond.range_2_auth_comp_id 
_pdbx_struct_sheet_hbond.range_2_auth_asym_id 
_pdbx_struct_sheet_hbond.range_2_auth_seq_id 
A 1 2 N ALA A 18  ? N ALA A 14  O TYR A 27  ? O TYR A 23  
A 2 3 N TYR A 28  ? N TYR A 24  O GLN A 37  ? O GLN A 33  
B 1 2 O LEU A 126 ? O LEU A 122 N CYS A 61  ? N CYS A 57  
B 2 3 N SER A 62  ? N SER A 58  O LEU A 164 ? O LEU A 160 
B 3 4 O HIS A 161 ? O HIS A 157 N VAL A 154 ? N VAL A 150 
# 
loop_
_struct_site.id 
_struct_site.pdbx_evidence_code 
_struct_site.pdbx_auth_asym_id 
_struct_site.pdbx_auth_comp_id 
_struct_site.pdbx_auth_seq_id 
_struct_site.pdbx_auth_ins_code 
_struct_site.pdbx_num_residues 
_struct_site.details 
AC1 Software A 16P 300 ? 15 'BINDING SITE FOR RESIDUE 16P A 300'               
AC2 Software ? ?   ?   ? 12 'BINDING SITE FOR CHAIN B OF FIVE RESIDUE PEPTIDE' 
# 
loop_
_struct_site_gen.id 
_struct_site_gen.site_id 
_struct_site_gen.pdbx_num_res 
_struct_site_gen.label_comp_id 
_struct_site_gen.label_asym_id 
_struct_site_gen.label_seq_id 
_struct_site_gen.pdbx_auth_ins_code 
_struct_site_gen.auth_comp_id 
_struct_site_gen.auth_asym_id 
_struct_site_gen.auth_seq_id 
_struct_site_gen.label_atom_id 
_struct_site_gen.label_alt_id 
_struct_site_gen.symmetry 
_struct_site_gen.details 
1  AC1 15 TYR A 27  ? TYR A 23  . ? 1_555 ? 
2  AC1 15 ASN A 34  ? ASN A 30  . ? 1_555 ? 
3  AC1 15 ALA A 35  ? ALA A 31  . ? 1_555 ? 
4  AC1 15 SER A 36  ? SER A 32  . ? 1_555 ? 
5  AC1 15 TRP A 38  ? TRP A 34  . ? 1_555 ? 
6  AC1 15 ILE A 97  ? ILE A 93  . ? 1_555 ? 
7  AC1 15 LYS A 101 ? LYS A 97  . ? 1_555 ? 
8  AC1 15 LYS A 101 ? LYS A 97  . ? 5_555 ? 
9  AC1 15 SER A 102 ? SER A 98  . ? 5_555 ? 
10 AC1 15 MET A 150 ? MET A 146 . ? 1_555 ? 
11 AC1 15 SER A 151 ? SER A 147 . ? 1_555 ? 
12 AC1 15 GLY A 152 ? GLY A 148 . ? 1_555 ? 
13 AC1 15 HOH D .   ? HOH A 325 . ? 1_555 ? 
14 AC1 15 HOH D .   ? HOH A 334 . ? 1_555 ? 
15 AC1 15 HOH D .   ? HOH A 394 . ? 1_555 ? 
16 AC2 12 MET A 19  ? MET A 15  . ? 4_566 ? 
17 AC2 12 LEU A 65  ? LEU A 61  . ? 1_555 ? 
18 AC2 12 LYS A 67  ? LYS A 63  . ? 1_555 ? 
19 AC2 12 ARG A 73  ? ARG A 69  . ? 1_555 ? 
20 AC2 12 LEU A 126 ? LEU A 122 . ? 1_555 ? 
21 AC2 12 GLN A 133 ? GLN A 129 . ? 1_555 ? 
22 AC2 12 MET A 134 ? MET A 130 . ? 1_555 ? 
23 AC2 12 GLN A 135 ? GLN A 131 . ? 1_555 ? 
24 AC2 12 HOH E .   ? HOH B 28  . ? 1_555 ? 
25 AC2 12 HOH E .   ? HOH B 33  . ? 1_555 ? 
26 AC2 12 HOH E .   ? HOH B 83  . ? 1_555 ? 
27 AC2 12 HOH E .   ? HOH B 148 . ? 1_555 ? 
# 
_pdbx_entry_details.entry_id                   2Q5A 
_pdbx_entry_details.compound_details           ? 
_pdbx_entry_details.source_details             ? 
_pdbx_entry_details.nonpolymer_details         ? 
_pdbx_entry_details.sequence_details           ? 
_pdbx_entry_details.has_ligand_of_interest     ? 
_pdbx_entry_details.has_protein_modification   Y 
# 
_pdbx_validate_close_contact.id               1 
_pdbx_validate_close_contact.PDB_model_num    1 
_pdbx_validate_close_contact.auth_atom_id_1   O 
_pdbx_validate_close_contact.auth_asym_id_1   A 
_pdbx_validate_close_contact.auth_comp_id_1   HOH 
_pdbx_validate_close_contact.auth_seq_id_1    334 
_pdbx_validate_close_contact.PDB_ins_code_1   ? 
_pdbx_validate_close_contact.label_alt_id_1   ? 
_pdbx_validate_close_contact.auth_atom_id_2   O 
_pdbx_validate_close_contact.auth_asym_id_2   A 
_pdbx_validate_close_contact.auth_comp_id_2   HOH 
_pdbx_validate_close_contact.auth_seq_id_2    421 
_pdbx_validate_close_contact.PDB_ins_code_2   ? 
_pdbx_validate_close_contact.label_alt_id_2   ? 
_pdbx_validate_close_contact.dist             1.93 
# 
loop_
_pdbx_validate_torsion.id 
_pdbx_validate_torsion.PDB_model_num 
_pdbx_validate_torsion.auth_comp_id 
_pdbx_validate_torsion.auth_asym_id 
_pdbx_validate_torsion.auth_seq_id 
_pdbx_validate_torsion.PDB_ins_code 
_pdbx_validate_torsion.label_alt_id 
_pdbx_validate_torsion.phi 
_pdbx_validate_torsion.psi 
1 1 ASP A 112 ? ? -81.23  47.31 
2 1 YCP B 503 ? ? -102.89 47.20 
# 
loop_
_pdbx_struct_mod_residue.id 
_pdbx_struct_mod_residue.label_asym_id 
_pdbx_struct_mod_residue.label_comp_id 
_pdbx_struct_mod_residue.label_seq_id 
_pdbx_struct_mod_residue.auth_asym_id 
_pdbx_struct_mod_residue.auth_comp_id 
_pdbx_struct_mod_residue.auth_seq_id 
_pdbx_struct_mod_residue.PDB_ins_code 
_pdbx_struct_mod_residue.parent_comp_id 
_pdbx_struct_mod_residue.details 
1 B TPO 3 B TPO 502 ? THR PHOSPHOTHREONINE            
2 B NAL 5 B NAL 504 ? ALA 'BETA-(2-NAPHTHYL)-ALANINE' 
# 
loop_
_pdbx_unobs_or_zero_occ_residues.id 
_pdbx_unobs_or_zero_occ_residues.PDB_model_num 
_pdbx_unobs_or_zero_occ_residues.polymer_flag 
_pdbx_unobs_or_zero_occ_residues.occupancy_flag 
_pdbx_unobs_or_zero_occ_residues.auth_asym_id 
_pdbx_unobs_or_zero_occ_residues.auth_comp_id 
_pdbx_unobs_or_zero_occ_residues.auth_seq_id 
_pdbx_unobs_or_zero_occ_residues.PDB_ins_code 
_pdbx_unobs_or_zero_occ_residues.label_asym_id 
_pdbx_unobs_or_zero_occ_residues.label_comp_id 
_pdbx_unobs_or_zero_occ_residues.label_seq_id 
1  1 Y 1 A GLY -3  ? A GLY 1  
2  1 Y 1 A SER -2  ? A SER 2  
3  1 Y 1 A HIS -1  ? A HIS 3  
4  1 Y 1 A GLY 0   ? A GLY 4  
5  1 Y 1 A MET 1   ? A MET 5  
6  1 Y 1 A ALA 2   ? A ALA 6  
7  1 Y 1 A ASP 3   ? A ASP 7  
8  1 Y 1 A GLU 4   ? A GLU 8  
9  1 Y 1 A GLU 5   ? A GLU 9  
10 1 Y 1 A LYS 6   ? A LYS 10 
11 1 Y 1 A GLY 39  ? A GLY 43 
12 1 Y 1 A ASN 40  ? A ASN 44 
13 1 Y 1 A SER 41  ? A SER 45 
14 1 Y 1 A SER 42  ? A SER 46 
15 1 Y 1 A SER 43  ? A SER 47 
16 1 Y 1 A GLY 44  ? A GLY 48 
17 1 Y 1 A GLY 45  ? A GLY 49 
18 1 Y 1 A LYS 46  ? A LYS 50 
19 1 Y 1 A ASN 47  ? A ASN 51 
20 1 Y 1 A GLY 48  ? A GLY 52 
21 1 Y 1 A GLN 49  ? A GLN 53 
22 1 Y 1 A GLY 50  ? A GLY 54 
23 1 Y 1 B ACE 500 ? B ACE 1  
# 
loop_
_chem_comp_atom.comp_id 
_chem_comp_atom.atom_id 
_chem_comp_atom.type_symbol 
_chem_comp_atom.pdbx_aromatic_flag 
_chem_comp_atom.pdbx_stereo_config 
_chem_comp_atom.pdbx_ordinal 
16P C1   C N N 1   
16P C2   C N N 2   
16P O1   O N N 3   
16P C3   C N N 4   
16P C4   C N N 5   
16P O2   O N N 6   
16P C5   C N N 7   
16P C6   C N N 8   
16P O3   O N N 9   
16P C7   C N N 10  
16P C8   C N N 11  
16P O4   O N N 12  
16P C9   C N N 13  
16P C10  C N N 14  
16P O5   O N N 15  
16P C11  C N N 16  
16P C12  C N N 17  
16P O6   O N N 18  
16P C13  C N N 19  
16P C14  C N N 20  
16P H11  H N N 21  
16P H12  H N N 22  
16P H13  H N N 23  
16P H21  H N N 24  
16P H22  H N N 25  
16P H31  H N N 26  
16P H32  H N N 27  
16P H41  H N N 28  
16P H42  H N N 29  
16P H51  H N N 30  
16P H52  H N N 31  
16P H61  H N N 32  
16P H62  H N N 33  
16P H71  H N N 34  
16P H72  H N N 35  
16P H81  H N N 36  
16P H82  H N N 37  
16P H91  H N N 38  
16P H92  H N N 39  
16P H101 H N N 40  
16P H102 H N N 41  
16P H111 H N N 42  
16P H112 H N N 43  
16P H121 H N N 44  
16P H122 H N N 45  
16P H131 H N N 46  
16P H132 H N N 47  
16P H141 H N N 48  
16P H142 H N N 49  
16P H143 H N N 50  
ACE C    C N N 51  
ACE O    O N N 52  
ACE CH3  C N N 53  
ACE H    H N N 54  
ACE H1   H N N 55  
ACE H2   H N N 56  
ACE H3   H N N 57  
ALA N    N N N 58  
ALA CA   C N S 59  
ALA C    C N N 60  
ALA O    O N N 61  
ALA CB   C N N 62  
ALA OXT  O N N 63  
ALA H    H N N 64  
ALA H2   H N N 65  
ALA HA   H N N 66  
ALA HB1  H N N 67  
ALA HB2  H N N 68  
ALA HB3  H N N 69  
ALA HXT  H N N 70  
ARG N    N N N 71  
ARG CA   C N S 72  
ARG C    C N N 73  
ARG O    O N N 74  
ARG CB   C N N 75  
ARG CG   C N N 76  
ARG CD   C N N 77  
ARG NE   N N N 78  
ARG CZ   C N N 79  
ARG NH1  N N N 80  
ARG NH2  N N N 81  
ARG OXT  O N N 82  
ARG H    H N N 83  
ARG H2   H N N 84  
ARG HA   H N N 85  
ARG HB2  H N N 86  
ARG HB3  H N N 87  
ARG HG2  H N N 88  
ARG HG3  H N N 89  
ARG HD2  H N N 90  
ARG HD3  H N N 91  
ARG HE   H N N 92  
ARG HH11 H N N 93  
ARG HH12 H N N 94  
ARG HH21 H N N 95  
ARG HH22 H N N 96  
ARG HXT  H N N 97  
ASN N    N N N 98  
ASN CA   C N S 99  
ASN C    C N N 100 
ASN O    O N N 101 
ASN CB   C N N 102 
ASN CG   C N N 103 
ASN OD1  O N N 104 
ASN ND2  N N N 105 
ASN OXT  O N N 106 
ASN H    H N N 107 
ASN H2   H N N 108 
ASN HA   H N N 109 
ASN HB2  H N N 110 
ASN HB3  H N N 111 
ASN HD21 H N N 112 
ASN HD22 H N N 113 
ASN HXT  H N N 114 
ASP N    N N N 115 
ASP CA   C N S 116 
ASP C    C N N 117 
ASP O    O N N 118 
ASP CB   C N N 119 
ASP CG   C N N 120 
ASP OD1  O N N 121 
ASP OD2  O N N 122 
ASP OXT  O N N 123 
ASP H    H N N 124 
ASP H2   H N N 125 
ASP HA   H N N 126 
ASP HB2  H N N 127 
ASP HB3  H N N 128 
ASP HD2  H N N 129 
ASP HXT  H N N 130 
CYS N    N N N 131 
CYS CA   C N R 132 
CYS C    C N N 133 
CYS O    O N N 134 
CYS CB   C N N 135 
CYS SG   S N N 136 
CYS OXT  O N N 137 
CYS H    H N N 138 
CYS H2   H N N 139 
CYS HA   H N N 140 
CYS HB2  H N N 141 
CYS HB3  H N N 142 
CYS HG   H N N 143 
CYS HXT  H N N 144 
GLN N    N N N 145 
GLN CA   C N S 146 
GLN C    C N N 147 
GLN O    O N N 148 
GLN CB   C N N 149 
GLN CG   C N N 150 
GLN CD   C N N 151 
GLN OE1  O N N 152 
GLN NE2  N N N 153 
GLN OXT  O N N 154 
GLN H    H N N 155 
GLN H2   H N N 156 
GLN HA   H N N 157 
GLN HB2  H N N 158 
GLN HB3  H N N 159 
GLN HG2  H N N 160 
GLN HG3  H N N 161 
GLN HE21 H N N 162 
GLN HE22 H N N 163 
GLN HXT  H N N 164 
GLU N    N N N 165 
GLU CA   C N S 166 
GLU C    C N N 167 
GLU O    O N N 168 
GLU CB   C N N 169 
GLU CG   C N N 170 
GLU CD   C N N 171 
GLU OE1  O N N 172 
GLU OE2  O N N 173 
GLU OXT  O N N 174 
GLU H    H N N 175 
GLU H2   H N N 176 
GLU HA   H N N 177 
GLU HB2  H N N 178 
GLU HB3  H N N 179 
GLU HG2  H N N 180 
GLU HG3  H N N 181 
GLU HE2  H N N 182 
GLU HXT  H N N 183 
GLY N    N N N 184 
GLY CA   C N N 185 
GLY C    C N N 186 
GLY O    O N N 187 
GLY OXT  O N N 188 
GLY H    H N N 189 
GLY H2   H N N 190 
GLY HA2  H N N 191 
GLY HA3  H N N 192 
GLY HXT  H N N 193 
HIS N    N N N 194 
HIS CA   C N S 195 
HIS C    C N N 196 
HIS O    O N N 197 
HIS CB   C N N 198 
HIS CG   C Y N 199 
HIS ND1  N Y N 200 
HIS CD2  C Y N 201 
HIS CE1  C Y N 202 
HIS NE2  N Y N 203 
HIS OXT  O N N 204 
HIS H    H N N 205 
HIS H2   H N N 206 
HIS HA   H N N 207 
HIS HB2  H N N 208 
HIS HB3  H N N 209 
HIS HD1  H N N 210 
HIS HD2  H N N 211 
HIS HE1  H N N 212 
HIS HE2  H N N 213 
HIS HXT  H N N 214 
HOH O    O N N 215 
HOH H1   H N N 216 
HOH H2   H N N 217 
ILE N    N N N 218 
ILE CA   C N S 219 
ILE C    C N N 220 
ILE O    O N N 221 
ILE CB   C N S 222 
ILE CG1  C N N 223 
ILE CG2  C N N 224 
ILE CD1  C N N 225 
ILE OXT  O N N 226 
ILE H    H N N 227 
ILE H2   H N N 228 
ILE HA   H N N 229 
ILE HB   H N N 230 
ILE HG12 H N N 231 
ILE HG13 H N N 232 
ILE HG21 H N N 233 
ILE HG22 H N N 234 
ILE HG23 H N N 235 
ILE HD11 H N N 236 
ILE HD12 H N N 237 
ILE HD13 H N N 238 
ILE HXT  H N N 239 
LEU N    N N N 240 
LEU CA   C N S 241 
LEU C    C N N 242 
LEU O    O N N 243 
LEU CB   C N N 244 
LEU CG   C N N 245 
LEU CD1  C N N 246 
LEU CD2  C N N 247 
LEU OXT  O N N 248 
LEU H    H N N 249 
LEU H2   H N N 250 
LEU HA   H N N 251 
LEU HB2  H N N 252 
LEU HB3  H N N 253 
LEU HG   H N N 254 
LEU HD11 H N N 255 
LEU HD12 H N N 256 
LEU HD13 H N N 257 
LEU HD21 H N N 258 
LEU HD22 H N N 259 
LEU HD23 H N N 260 
LEU HXT  H N N 261 
LYS N    N N N 262 
LYS CA   C N S 263 
LYS C    C N N 264 
LYS O    O N N 265 
LYS CB   C N N 266 
LYS CG   C N N 267 
LYS CD   C N N 268 
LYS CE   C N N 269 
LYS NZ   N N N 270 
LYS OXT  O N N 271 
LYS H    H N N 272 
LYS H2   H N N 273 
LYS HA   H N N 274 
LYS HB2  H N N 275 
LYS HB3  H N N 276 
LYS HG2  H N N 277 
LYS HG3  H N N 278 
LYS HD2  H N N 279 
LYS HD3  H N N 280 
LYS HE2  H N N 281 
LYS HE3  H N N 282 
LYS HZ1  H N N 283 
LYS HZ2  H N N 284 
LYS HZ3  H N N 285 
LYS HXT  H N N 286 
MET N    N N N 287 
MET CA   C N S 288 
MET C    C N N 289 
MET O    O N N 290 
MET CB   C N N 291 
MET CG   C N N 292 
MET SD   S N N 293 
MET CE   C N N 294 
MET OXT  O N N 295 
MET H    H N N 296 
MET H2   H N N 297 
MET HA   H N N 298 
MET HB2  H N N 299 
MET HB3  H N N 300 
MET HG2  H N N 301 
MET HG3  H N N 302 
MET HE1  H N N 303 
MET HE2  H N N 304 
MET HE3  H N N 305 
MET HXT  H N N 306 
NAL C1   C Y N 307 
NAL C2   C Y N 308 
NAL C3   C Y N 309 
NAL C4   C Y N 310 
NAL C4A  C Y N 311 
NAL C5   C Y N 312 
NAL C6   C Y N 313 
NAL C7   C Y N 314 
NAL C8   C Y N 315 
NAL C8A  C Y N 316 
NAL C9   C N N 317 
NAL CA   C N S 318 
NAL C    C N N 319 
NAL N    N N N 320 
NAL O    O N N 321 
NAL OXT  O N N 322 
NAL H1   H N N 323 
NAL H3   H N N 324 
NAL H4   H N N 325 
NAL H5   H N N 326 
NAL H6   H N N 327 
NAL H7   H N N 328 
NAL H8   H N N 329 
NAL H91  H N N 330 
NAL H92  H N N 331 
NAL HA   H N N 332 
NAL H    H N N 333 
NAL H2   H N N 334 
NAL HXT  H N N 335 
NH2 N    N N N 336 
NH2 HN1  H N N 337 
NH2 HN2  H N N 338 
PHE N    N N N 339 
PHE CA   C N S 340 
PHE C    C N N 341 
PHE O    O N N 342 
PHE CB   C N N 343 
PHE CG   C Y N 344 
PHE CD1  C Y N 345 
PHE CD2  C Y N 346 
PHE CE1  C Y N 347 
PHE CE2  C Y N 348 
PHE CZ   C Y N 349 
PHE OXT  O N N 350 
PHE H    H N N 351 
PHE H2   H N N 352 
PHE HA   H N N 353 
PHE HB2  H N N 354 
PHE HB3  H N N 355 
PHE HD1  H N N 356 
PHE HD2  H N N 357 
PHE HE1  H N N 358 
PHE HE2  H N N 359 
PHE HZ   H N N 360 
PHE HXT  H N N 361 
PRO N    N N N 362 
PRO CA   C N S 363 
PRO C    C N N 364 
PRO O    O N N 365 
PRO CB   C N N 366 
PRO CG   C N N 367 
PRO CD   C N N 368 
PRO OXT  O N N 369 
PRO H    H N N 370 
PRO HA   H N N 371 
PRO HB2  H N N 372 
PRO HB3  H N N 373 
PRO HG2  H N N 374 
PRO HG3  H N N 375 
PRO HD2  H N N 376 
PRO HD3  H N N 377 
PRO HXT  H N N 378 
SER N    N N N 379 
SER CA   C N S 380 
SER C    C N N 381 
SER O    O N N 382 
SER CB   C N N 383 
SER OG   O N N 384 
SER OXT  O N N 385 
SER H    H N N 386 
SER H2   H N N 387 
SER HA   H N N 388 
SER HB2  H N N 389 
SER HB3  H N N 390 
SER HG   H N N 391 
SER HXT  H N N 392 
THR N    N N N 393 
THR CA   C N S 394 
THR C    C N N 395 
THR O    O N N 396 
THR CB   C N R 397 
THR OG1  O N N 398 
THR CG2  C N N 399 
THR OXT  O N N 400 
THR H    H N N 401 
THR H2   H N N 402 
THR HA   H N N 403 
THR HB   H N N 404 
THR HG1  H N N 405 
THR HG21 H N N 406 
THR HG22 H N N 407 
THR HG23 H N N 408 
THR HXT  H N N 409 
TPO N    N N N 410 
TPO CA   C N S 411 
TPO CB   C N R 412 
TPO CG2  C N N 413 
TPO OG1  O N N 414 
TPO P    P N N 415 
TPO O1P  O N N 416 
TPO O2P  O N N 417 
TPO O3P  O N N 418 
TPO C    C N N 419 
TPO O    O N N 420 
TPO OXT  O N N 421 
TPO H    H N N 422 
TPO H2   H N N 423 
TPO HA   H N N 424 
TPO HB   H N N 425 
TPO HG21 H N N 426 
TPO HG22 H N N 427 
TPO HG23 H N N 428 
TPO HOP2 H N N 429 
TPO HOP3 H N N 430 
TPO HXT  H N N 431 
TRP N    N N N 432 
TRP CA   C N S 433 
TRP C    C N N 434 
TRP O    O N N 435 
TRP CB   C N N 436 
TRP CG   C Y N 437 
TRP CD1  C Y N 438 
TRP CD2  C Y N 439 
TRP NE1  N Y N 440 
TRP CE2  C Y N 441 
TRP CE3  C Y N 442 
TRP CZ2  C Y N 443 
TRP CZ3  C Y N 444 
TRP CH2  C Y N 445 
TRP OXT  O N N 446 
TRP H    H N N 447 
TRP H2   H N N 448 
TRP HA   H N N 449 
TRP HB2  H N N 450 
TRP HB3  H N N 451 
TRP HD1  H N N 452 
TRP HE1  H N N 453 
TRP HE3  H N N 454 
TRP HZ2  H N N 455 
TRP HZ3  H N N 456 
TRP HH2  H N N 457 
TRP HXT  H N N 458 
TYR N    N N N 459 
TYR CA   C N S 460 
TYR C    C N N 461 
TYR O    O N N 462 
TYR CB   C N N 463 
TYR CG   C Y N 464 
TYR CD1  C Y N 465 
TYR CD2  C Y N 466 
TYR CE1  C Y N 467 
TYR CE2  C Y N 468 
TYR CZ   C Y N 469 
TYR OH   O N N 470 
TYR OXT  O N N 471 
TYR H    H N N 472 
TYR H2   H N N 473 
TYR HA   H N N 474 
TYR HB2  H N N 475 
TYR HB3  H N N 476 
TYR HD1  H N N 477 
TYR HD2  H N N 478 
TYR HE1  H N N 479 
TYR HE2  H N N 480 
TYR HH   H N N 481 
TYR HXT  H N N 482 
VAL N    N N N 483 
VAL CA   C N S 484 
VAL C    C N N 485 
VAL O    O N N 486 
VAL CB   C N N 487 
VAL CG1  C N N 488 
VAL CG2  C N N 489 
VAL OXT  O N N 490 
VAL H    H N N 491 
VAL H2   H N N 492 
VAL HA   H N N 493 
VAL HB   H N N 494 
VAL HG11 H N N 495 
VAL HG12 H N N 496 
VAL HG13 H N N 497 
VAL HG21 H N N 498 
VAL HG22 H N N 499 
VAL HG23 H N N 500 
VAL HXT  H N N 501 
YCP C    C N N 502 
YCP N    N N N 503 
YCP O    O N N 504 
YCP CA   C N S 505 
YCP CB   C N N 506 
YCP CD   C N N 507 
YCP CE   C N N 508 
YCP CG   C N N 509 
YCP OXT  O N N 510 
YCP H    H N N 511 
YCP HA   H N N 512 
YCP HB   H N N 513 
YCP HBA  H N N 514 
YCP HD   H N N 515 
YCP HDA  H N N 516 
YCP HE   H N N 517 
YCP HEA  H N N 518 
YCP HG   H N N 519 
YCP HGA  H N N 520 
YCP HXT  H N N 521 
# 
loop_
_chem_comp_bond.comp_id 
_chem_comp_bond.atom_id_1 
_chem_comp_bond.atom_id_2 
_chem_comp_bond.value_order 
_chem_comp_bond.pdbx_aromatic_flag 
_chem_comp_bond.pdbx_stereo_config 
_chem_comp_bond.pdbx_ordinal 
16P C1  C2   sing N N 1   
16P C1  H11  sing N N 2   
16P C1  H12  sing N N 3   
16P C1  H13  sing N N 4   
16P C2  O1   sing N N 5   
16P C2  H21  sing N N 6   
16P C2  H22  sing N N 7   
16P O1  C3   sing N N 8   
16P C3  C4   sing N N 9   
16P C3  H31  sing N N 10  
16P C3  H32  sing N N 11  
16P C4  O2   sing N N 12  
16P C4  H41  sing N N 13  
16P C4  H42  sing N N 14  
16P O2  C5   sing N N 15  
16P C5  C6   sing N N 16  
16P C5  H51  sing N N 17  
16P C5  H52  sing N N 18  
16P C6  O3   sing N N 19  
16P C6  H61  sing N N 20  
16P C6  H62  sing N N 21  
16P O3  C7   sing N N 22  
16P C7  C8   sing N N 23  
16P C7  H71  sing N N 24  
16P C7  H72  sing N N 25  
16P C8  O4   sing N N 26  
16P C8  H81  sing N N 27  
16P C8  H82  sing N N 28  
16P O4  C9   sing N N 29  
16P C9  C10  sing N N 30  
16P C9  H91  sing N N 31  
16P C9  H92  sing N N 32  
16P C10 O5   sing N N 33  
16P C10 H101 sing N N 34  
16P C10 H102 sing N N 35  
16P O5  C11  sing N N 36  
16P C11 C12  sing N N 37  
16P C11 H111 sing N N 38  
16P C11 H112 sing N N 39  
16P C12 O6   sing N N 40  
16P C12 H121 sing N N 41  
16P C12 H122 sing N N 42  
16P O6  C13  sing N N 43  
16P C13 C14  sing N N 44  
16P C13 H131 sing N N 45  
16P C13 H132 sing N N 46  
16P C14 H141 sing N N 47  
16P C14 H142 sing N N 48  
16P C14 H143 sing N N 49  
ACE C   O    doub N N 50  
ACE C   CH3  sing N N 51  
ACE C   H    sing N N 52  
ACE CH3 H1   sing N N 53  
ACE CH3 H2   sing N N 54  
ACE CH3 H3   sing N N 55  
ALA N   CA   sing N N 56  
ALA N   H    sing N N 57  
ALA N   H2   sing N N 58  
ALA CA  C    sing N N 59  
ALA CA  CB   sing N N 60  
ALA CA  HA   sing N N 61  
ALA C   O    doub N N 62  
ALA C   OXT  sing N N 63  
ALA CB  HB1  sing N N 64  
ALA CB  HB2  sing N N 65  
ALA CB  HB3  sing N N 66  
ALA OXT HXT  sing N N 67  
ARG N   CA   sing N N 68  
ARG N   H    sing N N 69  
ARG N   H2   sing N N 70  
ARG CA  C    sing N N 71  
ARG CA  CB   sing N N 72  
ARG CA  HA   sing N N 73  
ARG C   O    doub N N 74  
ARG C   OXT  sing N N 75  
ARG CB  CG   sing N N 76  
ARG CB  HB2  sing N N 77  
ARG CB  HB3  sing N N 78  
ARG CG  CD   sing N N 79  
ARG CG  HG2  sing N N 80  
ARG CG  HG3  sing N N 81  
ARG CD  NE   sing N N 82  
ARG CD  HD2  sing N N 83  
ARG CD  HD3  sing N N 84  
ARG NE  CZ   sing N N 85  
ARG NE  HE   sing N N 86  
ARG CZ  NH1  sing N N 87  
ARG CZ  NH2  doub N N 88  
ARG NH1 HH11 sing N N 89  
ARG NH1 HH12 sing N N 90  
ARG NH2 HH21 sing N N 91  
ARG NH2 HH22 sing N N 92  
ARG OXT HXT  sing N N 93  
ASN N   CA   sing N N 94  
ASN N   H    sing N N 95  
ASN N   H2   sing N N 96  
ASN CA  C    sing N N 97  
ASN CA  CB   sing N N 98  
ASN CA  HA   sing N N 99  
ASN C   O    doub N N 100 
ASN C   OXT  sing N N 101 
ASN CB  CG   sing N N 102 
ASN CB  HB2  sing N N 103 
ASN CB  HB3  sing N N 104 
ASN CG  OD1  doub N N 105 
ASN CG  ND2  sing N N 106 
ASN ND2 HD21 sing N N 107 
ASN ND2 HD22 sing N N 108 
ASN OXT HXT  sing N N 109 
ASP N   CA   sing N N 110 
ASP N   H    sing N N 111 
ASP N   H2   sing N N 112 
ASP CA  C    sing N N 113 
ASP CA  CB   sing N N 114 
ASP CA  HA   sing N N 115 
ASP C   O    doub N N 116 
ASP C   OXT  sing N N 117 
ASP CB  CG   sing N N 118 
ASP CB  HB2  sing N N 119 
ASP CB  HB3  sing N N 120 
ASP CG  OD1  doub N N 121 
ASP CG  OD2  sing N N 122 
ASP OD2 HD2  sing N N 123 
ASP OXT HXT  sing N N 124 
CYS N   CA   sing N N 125 
CYS N   H    sing N N 126 
CYS N   H2   sing N N 127 
CYS CA  C    sing N N 128 
CYS CA  CB   sing N N 129 
CYS CA  HA   sing N N 130 
CYS C   O    doub N N 131 
CYS C   OXT  sing N N 132 
CYS CB  SG   sing N N 133 
CYS CB  HB2  sing N N 134 
CYS CB  HB3  sing N N 135 
CYS SG  HG   sing N N 136 
CYS OXT HXT  sing N N 137 
GLN N   CA   sing N N 138 
GLN N   H    sing N N 139 
GLN N   H2   sing N N 140 
GLN CA  C    sing N N 141 
GLN CA  CB   sing N N 142 
GLN CA  HA   sing N N 143 
GLN C   O    doub N N 144 
GLN C   OXT  sing N N 145 
GLN CB  CG   sing N N 146 
GLN CB  HB2  sing N N 147 
GLN CB  HB3  sing N N 148 
GLN CG  CD   sing N N 149 
GLN CG  HG2  sing N N 150 
GLN CG  HG3  sing N N 151 
GLN CD  OE1  doub N N 152 
GLN CD  NE2  sing N N 153 
GLN NE2 HE21 sing N N 154 
GLN NE2 HE22 sing N N 155 
GLN OXT HXT  sing N N 156 
GLU N   CA   sing N N 157 
GLU N   H    sing N N 158 
GLU N   H2   sing N N 159 
GLU CA  C    sing N N 160 
GLU CA  CB   sing N N 161 
GLU CA  HA   sing N N 162 
GLU C   O    doub N N 163 
GLU C   OXT  sing N N 164 
GLU CB  CG   sing N N 165 
GLU CB  HB2  sing N N 166 
GLU CB  HB3  sing N N 167 
GLU CG  CD   sing N N 168 
GLU CG  HG2  sing N N 169 
GLU CG  HG3  sing N N 170 
GLU CD  OE1  doub N N 171 
GLU CD  OE2  sing N N 172 
GLU OE2 HE2  sing N N 173 
GLU OXT HXT  sing N N 174 
GLY N   CA   sing N N 175 
GLY N   H    sing N N 176 
GLY N   H2   sing N N 177 
GLY CA  C    sing N N 178 
GLY CA  HA2  sing N N 179 
GLY CA  HA3  sing N N 180 
GLY C   O    doub N N 181 
GLY C   OXT  sing N N 182 
GLY OXT HXT  sing N N 183 
HIS N   CA   sing N N 184 
HIS N   H    sing N N 185 
HIS N   H2   sing N N 186 
HIS CA  C    sing N N 187 
HIS CA  CB   sing N N 188 
HIS CA  HA   sing N N 189 
HIS C   O    doub N N 190 
HIS C   OXT  sing N N 191 
HIS CB  CG   sing N N 192 
HIS CB  HB2  sing N N 193 
HIS CB  HB3  sing N N 194 
HIS CG  ND1  sing Y N 195 
HIS CG  CD2  doub Y N 196 
HIS ND1 CE1  doub Y N 197 
HIS ND1 HD1  sing N N 198 
HIS CD2 NE2  sing Y N 199 
HIS CD2 HD2  sing N N 200 
HIS CE1 NE2  sing Y N 201 
HIS CE1 HE1  sing N N 202 
HIS NE2 HE2  sing N N 203 
HIS OXT HXT  sing N N 204 
HOH O   H1   sing N N 205 
HOH O   H2   sing N N 206 
ILE N   CA   sing N N 207 
ILE N   H    sing N N 208 
ILE N   H2   sing N N 209 
ILE CA  C    sing N N 210 
ILE CA  CB   sing N N 211 
ILE CA  HA   sing N N 212 
ILE C   O    doub N N 213 
ILE C   OXT  sing N N 214 
ILE CB  CG1  sing N N 215 
ILE CB  CG2  sing N N 216 
ILE CB  HB   sing N N 217 
ILE CG1 CD1  sing N N 218 
ILE CG1 HG12 sing N N 219 
ILE CG1 HG13 sing N N 220 
ILE CG2 HG21 sing N N 221 
ILE CG2 HG22 sing N N 222 
ILE CG2 HG23 sing N N 223 
ILE CD1 HD11 sing N N 224 
ILE CD1 HD12 sing N N 225 
ILE CD1 HD13 sing N N 226 
ILE OXT HXT  sing N N 227 
LEU N   CA   sing N N 228 
LEU N   H    sing N N 229 
LEU N   H2   sing N N 230 
LEU CA  C    sing N N 231 
LEU CA  CB   sing N N 232 
LEU CA  HA   sing N N 233 
LEU C   O    doub N N 234 
LEU C   OXT  sing N N 235 
LEU CB  CG   sing N N 236 
LEU CB  HB2  sing N N 237 
LEU CB  HB3  sing N N 238 
LEU CG  CD1  sing N N 239 
LEU CG  CD2  sing N N 240 
LEU CG  HG   sing N N 241 
LEU CD1 HD11 sing N N 242 
LEU CD1 HD12 sing N N 243 
LEU CD1 HD13 sing N N 244 
LEU CD2 HD21 sing N N 245 
LEU CD2 HD22 sing N N 246 
LEU CD2 HD23 sing N N 247 
LEU OXT HXT  sing N N 248 
LYS N   CA   sing N N 249 
LYS N   H    sing N N 250 
LYS N   H2   sing N N 251 
LYS CA  C    sing N N 252 
LYS CA  CB   sing N N 253 
LYS CA  HA   sing N N 254 
LYS C   O    doub N N 255 
LYS C   OXT  sing N N 256 
LYS CB  CG   sing N N 257 
LYS CB  HB2  sing N N 258 
LYS CB  HB3  sing N N 259 
LYS CG  CD   sing N N 260 
LYS CG  HG2  sing N N 261 
LYS CG  HG3  sing N N 262 
LYS CD  CE   sing N N 263 
LYS CD  HD2  sing N N 264 
LYS CD  HD3  sing N N 265 
LYS CE  NZ   sing N N 266 
LYS CE  HE2  sing N N 267 
LYS CE  HE3  sing N N 268 
LYS NZ  HZ1  sing N N 269 
LYS NZ  HZ2  sing N N 270 
LYS NZ  HZ3  sing N N 271 
LYS OXT HXT  sing N N 272 
MET N   CA   sing N N 273 
MET N   H    sing N N 274 
MET N   H2   sing N N 275 
MET CA  C    sing N N 276 
MET CA  CB   sing N N 277 
MET CA  HA   sing N N 278 
MET C   O    doub N N 279 
MET C   OXT  sing N N 280 
MET CB  CG   sing N N 281 
MET CB  HB2  sing N N 282 
MET CB  HB3  sing N N 283 
MET CG  SD   sing N N 284 
MET CG  HG2  sing N N 285 
MET CG  HG3  sing N N 286 
MET SD  CE   sing N N 287 
MET CE  HE1  sing N N 288 
MET CE  HE2  sing N N 289 
MET CE  HE3  sing N N 290 
MET OXT HXT  sing N N 291 
NAL C6  C5   doub Y N 292 
NAL C6  C7   sing Y N 293 
NAL C5  C4A  sing Y N 294 
NAL C7  C8   doub Y N 295 
NAL C4A C4   doub Y N 296 
NAL C4A C8A  sing Y N 297 
NAL C8  C8A  sing Y N 298 
NAL C4  C3   sing Y N 299 
NAL C8A C1   doub Y N 300 
NAL C3  C2   doub Y N 301 
NAL C1  C2   sing Y N 302 
NAL C2  C9   sing N N 303 
NAL C9  CA   sing N N 304 
NAL CA  N    sing N N 305 
NAL CA  C    sing N N 306 
NAL C   O    doub N N 307 
NAL C   OXT  sing N N 308 
NAL C1  H1   sing N N 309 
NAL C3  H3   sing N N 310 
NAL C4  H4   sing N N 311 
NAL C5  H5   sing N N 312 
NAL C6  H6   sing N N 313 
NAL C7  H7   sing N N 314 
NAL C8  H8   sing N N 315 
NAL C9  H91  sing N N 316 
NAL C9  H92  sing N N 317 
NAL CA  HA   sing N N 318 
NAL N   H    sing N N 319 
NAL N   H2   sing N N 320 
NAL OXT HXT  sing N N 321 
NH2 N   HN1  sing N N 322 
NH2 N   HN2  sing N N 323 
PHE N   CA   sing N N 324 
PHE N   H    sing N N 325 
PHE N   H2   sing N N 326 
PHE CA  C    sing N N 327 
PHE CA  CB   sing N N 328 
PHE CA  HA   sing N N 329 
PHE C   O    doub N N 330 
PHE C   OXT  sing N N 331 
PHE CB  CG   sing N N 332 
PHE CB  HB2  sing N N 333 
PHE CB  HB3  sing N N 334 
PHE CG  CD1  doub Y N 335 
PHE CG  CD2  sing Y N 336 
PHE CD1 CE1  sing Y N 337 
PHE CD1 HD1  sing N N 338 
PHE CD2 CE2  doub Y N 339 
PHE CD2 HD2  sing N N 340 
PHE CE1 CZ   doub Y N 341 
PHE CE1 HE1  sing N N 342 
PHE CE2 CZ   sing Y N 343 
PHE CE2 HE2  sing N N 344 
PHE CZ  HZ   sing N N 345 
PHE OXT HXT  sing N N 346 
PRO N   CA   sing N N 347 
PRO N   CD   sing N N 348 
PRO N   H    sing N N 349 
PRO CA  C    sing N N 350 
PRO CA  CB   sing N N 351 
PRO CA  HA   sing N N 352 
PRO C   O    doub N N 353 
PRO C   OXT  sing N N 354 
PRO CB  CG   sing N N 355 
PRO CB  HB2  sing N N 356 
PRO CB  HB3  sing N N 357 
PRO CG  CD   sing N N 358 
PRO CG  HG2  sing N N 359 
PRO CG  HG3  sing N N 360 
PRO CD  HD2  sing N N 361 
PRO CD  HD3  sing N N 362 
PRO OXT HXT  sing N N 363 
SER N   CA   sing N N 364 
SER N   H    sing N N 365 
SER N   H2   sing N N 366 
SER CA  C    sing N N 367 
SER CA  CB   sing N N 368 
SER CA  HA   sing N N 369 
SER C   O    doub N N 370 
SER C   OXT  sing N N 371 
SER CB  OG   sing N N 372 
SER CB  HB2  sing N N 373 
SER CB  HB3  sing N N 374 
SER OG  HG   sing N N 375 
SER OXT HXT  sing N N 376 
THR N   CA   sing N N 377 
THR N   H    sing N N 378 
THR N   H2   sing N N 379 
THR CA  C    sing N N 380 
THR CA  CB   sing N N 381 
THR CA  HA   sing N N 382 
THR C   O    doub N N 383 
THR C   OXT  sing N N 384 
THR CB  OG1  sing N N 385 
THR CB  CG2  sing N N 386 
THR CB  HB   sing N N 387 
THR OG1 HG1  sing N N 388 
THR CG2 HG21 sing N N 389 
THR CG2 HG22 sing N N 390 
THR CG2 HG23 sing N N 391 
THR OXT HXT  sing N N 392 
TPO N   CA   sing N N 393 
TPO N   H    sing N N 394 
TPO N   H2   sing N N 395 
TPO CA  CB   sing N N 396 
TPO CA  C    sing N N 397 
TPO CA  HA   sing N N 398 
TPO CB  CG2  sing N N 399 
TPO CB  OG1  sing N N 400 
TPO CB  HB   sing N N 401 
TPO CG2 HG21 sing N N 402 
TPO CG2 HG22 sing N N 403 
TPO CG2 HG23 sing N N 404 
TPO OG1 P    sing N N 405 
TPO P   O1P  doub N N 406 
TPO P   O2P  sing N N 407 
TPO P   O3P  sing N N 408 
TPO O2P HOP2 sing N N 409 
TPO O3P HOP3 sing N N 410 
TPO C   O    doub N N 411 
TPO C   OXT  sing N N 412 
TPO OXT HXT  sing N N 413 
TRP N   CA   sing N N 414 
TRP N   H    sing N N 415 
TRP N   H2   sing N N 416 
TRP CA  C    sing N N 417 
TRP CA  CB   sing N N 418 
TRP CA  HA   sing N N 419 
TRP C   O    doub N N 420 
TRP C   OXT  sing N N 421 
TRP CB  CG   sing N N 422 
TRP CB  HB2  sing N N 423 
TRP CB  HB3  sing N N 424 
TRP CG  CD1  doub Y N 425 
TRP CG  CD2  sing Y N 426 
TRP CD1 NE1  sing Y N 427 
TRP CD1 HD1  sing N N 428 
TRP CD2 CE2  doub Y N 429 
TRP CD2 CE3  sing Y N 430 
TRP NE1 CE2  sing Y N 431 
TRP NE1 HE1  sing N N 432 
TRP CE2 CZ2  sing Y N 433 
TRP CE3 CZ3  doub Y N 434 
TRP CE3 HE3  sing N N 435 
TRP CZ2 CH2  doub Y N 436 
TRP CZ2 HZ2  sing N N 437 
TRP CZ3 CH2  sing Y N 438 
TRP CZ3 HZ3  sing N N 439 
TRP CH2 HH2  sing N N 440 
TRP OXT HXT  sing N N 441 
TYR N   CA   sing N N 442 
TYR N   H    sing N N 443 
TYR N   H2   sing N N 444 
TYR CA  C    sing N N 445 
TYR CA  CB   sing N N 446 
TYR CA  HA   sing N N 447 
TYR C   O    doub N N 448 
TYR C   OXT  sing N N 449 
TYR CB  CG   sing N N 450 
TYR CB  HB2  sing N N 451 
TYR CB  HB3  sing N N 452 
TYR CG  CD1  doub Y N 453 
TYR CG  CD2  sing Y N 454 
TYR CD1 CE1  sing Y N 455 
TYR CD1 HD1  sing N N 456 
TYR CD2 CE2  doub Y N 457 
TYR CD2 HD2  sing N N 458 
TYR CE1 CZ   doub Y N 459 
TYR CE1 HE1  sing N N 460 
TYR CE2 CZ   sing Y N 461 
TYR CE2 HE2  sing N N 462 
TYR CZ  OH   sing N N 463 
TYR OH  HH   sing N N 464 
TYR OXT HXT  sing N N 465 
VAL N   CA   sing N N 466 
VAL N   H    sing N N 467 
VAL N   H2   sing N N 468 
VAL CA  C    sing N N 469 
VAL CA  CB   sing N N 470 
VAL CA  HA   sing N N 471 
VAL C   O    doub N N 472 
VAL C   OXT  sing N N 473 
VAL CB  CG1  sing N N 474 
VAL CB  CG2  sing N N 475 
VAL CB  HB   sing N N 476 
VAL CG1 HG11 sing N N 477 
VAL CG1 HG12 sing N N 478 
VAL CG1 HG13 sing N N 479 
VAL CG2 HG21 sing N N 480 
VAL CG2 HG22 sing N N 481 
VAL CG2 HG23 sing N N 482 
VAL OXT HXT  sing N N 483 
YCP C   O    doub N N 484 
YCP C   CA   sing N N 485 
YCP C   OXT  sing N N 486 
YCP N   CA   sing N N 487 
YCP N   CE   sing N N 488 
YCP CA  CB   sing N N 489 
YCP CB  CG   sing N N 490 
YCP CD  CE   sing N N 491 
YCP CD  CG   sing N N 492 
YCP N   H    sing N N 493 
YCP CA  HA   sing N N 494 
YCP CB  HB   sing N N 495 
YCP CB  HBA  sing N N 496 
YCP CD  HD   sing N N 497 
YCP CD  HDA  sing N N 498 
YCP CE  HE   sing N N 499 
YCP CE  HEA  sing N N 500 
YCP CG  HG   sing N N 501 
YCP CG  HGA  sing N N 502 
YCP OXT HXT  sing N N 503 
# 
_atom_sites.entry_id                    2Q5A 
_atom_sites.fract_transf_matrix[1][1]   0.01373210 
_atom_sites.fract_transf_matrix[1][2]   0.00780021 
_atom_sites.fract_transf_matrix[1][3]   0.00565090 
_atom_sites.fract_transf_matrix[2][1]   0.01237324 
_atom_sites.fract_transf_matrix[2][2]   0.00394255 
_atom_sites.fract_transf_matrix[2][3]   -0.01061568 
_atom_sites.fract_transf_matrix[3][1]   -0.00542444 
_atom_sites.fract_transf_matrix[3][2]   0.01113426 
_atom_sites.fract_transf_matrix[3][3]   -0.00218738 
_atom_sites.fract_transf_vector[1]      -0.362073 
_atom_sites.fract_transf_vector[2]      0.248622 
_atom_sites.fract_transf_vector[3]      0.352225 
# 
loop_
_atom_type.symbol 
C 
N 
O 
P 
S 
# 
loop_
_atom_site.group_PDB 
_atom_site.id 
_atom_site.type_symbol 
_atom_site.label_atom_id 
_atom_site.label_alt_id 
_atom_site.label_comp_id 
_atom_site.label_asym_id 
_atom_site.label_entity_id 
_atom_site.label_seq_id 
_atom_site.pdbx_PDB_ins_code 
_atom_site.Cartn_x 
_atom_site.Cartn_y 
_atom_site.Cartn_z 
_atom_site.occupancy 
_atom_site.B_iso_or_equiv 
_atom_site.pdbx_formal_charge 
_atom_site.auth_seq_id 
_atom_site.auth_comp_id 
_atom_site.auth_asym_id 
_atom_site.auth_atom_id 
_atom_site.pdbx_PDB_model_num 
ATOM   1    N N   . LEU A 1 11  ? -2.395  12.012  18.955  1.00 35.72 ? 7   LEU A N   1 
ATOM   2    C CA  . LEU A 1 11  ? -2.425  10.878  17.985  1.00 35.52 ? 7   LEU A CA  1 
ATOM   3    C C   . LEU A 1 11  ? -1.064  10.729  17.296  1.00 34.98 ? 7   LEU A C   1 
ATOM   4    O O   . LEU A 1 11  ? -0.414  11.730  16.986  1.00 34.92 ? 7   LEU A O   1 
ATOM   5    C CB  . LEU A 1 11  ? -3.528  11.107  16.942  1.00 35.65 ? 7   LEU A CB  1 
ATOM   6    C CG  . LEU A 1 11  ? -4.949  11.454  17.418  1.00 36.82 ? 7   LEU A CG  1 
ATOM   7    C CD1 . LEU A 1 11  ? -5.734  12.243  16.370  1.00 37.29 ? 7   LEU A CD1 1 
ATOM   8    C CD2 . LEU A 1 11  ? -5.729  10.211  17.831  1.00 36.89 ? 7   LEU A CD2 1 
ATOM   9    N N   . PRO A 1 12  ? -0.636  9.479   17.032  1.00 34.43 ? 8   PRO A N   1 
ATOM   10   C CA  . PRO A 1 12  ? 0.628   9.219   16.317  1.00 33.74 ? 8   PRO A CA  1 
ATOM   11   C C   . PRO A 1 12  ? 0.731   9.910   14.934  1.00 32.84 ? 8   PRO A C   1 
ATOM   12   O O   . PRO A 1 12  ? -0.297  10.311  14.369  1.00 33.02 ? 8   PRO A O   1 
ATOM   13   C CB  . PRO A 1 12  ? 0.632   7.695   16.160  1.00 34.04 ? 8   PRO A CB  1 
ATOM   14   C CG  . PRO A 1 12  ? -0.259  7.194   17.258  1.00 34.59 ? 8   PRO A CG  1 
ATOM   15   C CD  . PRO A 1 12  ? -1.327  8.228   17.398  1.00 34.52 ? 8   PRO A CD  1 
ATOM   16   N N   . PRO A 1 13  ? 1.965   10.059  14.398  1.00 31.68 ? 9   PRO A N   1 
ATOM   17   C CA  . PRO A 1 13  ? 2.207   10.816  13.158  1.00 30.73 ? 9   PRO A CA  1 
ATOM   18   C C   . PRO A 1 13  ? 1.200   10.577  12.027  1.00 29.61 ? 9   PRO A C   1 
ATOM   19   O O   . PRO A 1 13  ? 1.133   9.461   11.470  1.00 29.18 ? 9   PRO A O   1 
ATOM   20   C CB  . PRO A 1 13  ? 3.614   10.357  12.738  1.00 30.71 ? 9   PRO A CB  1 
ATOM   21   C CG  . PRO A 1 13  ? 4.294   10.103  14.040  1.00 31.25 ? 9   PRO A CG  1 
ATOM   22   C CD  . PRO A 1 13  ? 3.221   9.514   14.948  1.00 31.36 ? 9   PRO A CD  1 
ATOM   23   N N   . GLY A 1 14  ? 0.421   11.622  11.725  1.00 28.58 ? 10  GLY A N   1 
ATOM   24   C CA  . GLY A 1 14  ? -0.448  11.655  10.547  1.00 26.23 ? 10  GLY A CA  1 
ATOM   25   C C   . GLY A 1 14  ? -1.932  11.366  10.736  1.00 25.07 ? 10  GLY A C   1 
ATOM   26   O O   . GLY A 1 14  ? -2.649  11.211  9.754   1.00 22.71 ? 10  GLY A O   1 
ATOM   27   N N   . TRP A 1 15  ? -2.392  11.326  11.985  1.00 24.78 ? 11  TRP A N   1 
ATOM   28   C CA  . TRP A 1 15  ? -3.785  10.938  12.291  1.00 24.44 ? 11  TRP A CA  1 
ATOM   29   C C   . TRP A 1 15  ? -4.734  12.100  12.515  1.00 25.20 ? 11  TRP A C   1 
ATOM   30   O O   . TRP A 1 15  ? -4.372  13.122  13.105  1.00 25.50 ? 11  TRP A O   1 
ATOM   31   C CB  . TRP A 1 15  ? -3.856  10.009  13.507  1.00 24.16 ? 11  TRP A CB  1 
ATOM   32   C CG  . TRP A 1 15  ? -3.278  8.674   13.266  1.00 23.02 ? 11  TRP A CG  1 
ATOM   33   C CD1 . TRP A 1 15  ? -2.028  8.255   13.612  1.00 23.25 ? 11  TRP A CD1 1 
ATOM   34   C CD2 . TRP A 1 15  ? -3.913  7.551   12.636  1.00 22.92 ? 11  TRP A CD2 1 
ATOM   35   N NE1 . TRP A 1 15  ? -1.837  6.962   13.229  1.00 22.37 ? 11  TRP A NE1 1 
ATOM   36   C CE2 . TRP A 1 15  ? -2.981  6.491   12.640  1.00 22.49 ? 11  TRP A CE2 1 
ATOM   37   C CE3 . TRP A 1 15  ? -5.183  7.331   12.071  1.00 22.22 ? 11  TRP A CE3 1 
ATOM   38   C CZ2 . TRP A 1 15  ? -3.265  5.227   12.087  1.00 22.01 ? 11  TRP A CZ2 1 
ATOM   39   C CZ3 . TRP A 1 15  ? -5.472  6.061   11.527  1.00 21.93 ? 11  TRP A CZ3 1 
ATOM   40   C CH2 . TRP A 1 15  ? -4.517  5.029   11.540  1.00 22.77 ? 11  TRP A CH2 1 
ATOM   41   N N   . GLU A 1 16  ? -5.969  11.918  12.055  1.00 24.71 ? 12  GLU A N   1 
ATOM   42   C CA  . GLU A 1 16  ? -7.042  12.855  12.309  1.00 25.22 ? 12  GLU A CA  1 
ATOM   43   C C   . GLU A 1 16  ? -8.302  12.063  12.614  1.00 24.56 ? 12  GLU A C   1 
ATOM   44   O O   . GLU A 1 16  ? -8.458  10.922  12.151  1.00 22.87 ? 12  GLU A O   1 
ATOM   45   C CB  . GLU A 1 16  ? -7.267  13.813  11.122  1.00 25.03 ? 12  GLU A CB  1 
ATOM   46   C CG  . GLU A 1 16  ? -8.107  13.251  9.960   1.00 26.83 ? 12  GLU A CG  1 
ATOM   47   C CD  . GLU A 1 16  ? -8.112  14.145  8.716   1.00 27.48 ? 12  GLU A CD  1 
ATOM   48   O OE1 . GLU A 1 16  ? -7.053  14.291  8.059   1.00 28.69 ? 12  GLU A OE1 1 
ATOM   49   O OE2 . GLU A 1 16  ? -9.192  14.685  8.376   1.00 31.05 ? 12  GLU A OE2 1 
ATOM   50   N N   . LYS A 1 17  ? -9.166  12.675  13.417  1.00 25.08 ? 13  LYS A N   1 
ATOM   51   C CA  . LYS A 1 17  ? -10.504 12.164  13.703  1.00 25.89 ? 13  LYS A CA  1 
ATOM   52   C C   . LYS A 1 17  ? -11.403 12.514  12.530  1.00 25.24 ? 13  LYS A C   1 
ATOM   53   O O   . LYS A 1 17  ? -11.307 13.614  11.968  1.00 25.45 ? 13  LYS A O   1 
ATOM   54   C CB  . LYS A 1 17  ? -11.036 12.803  15.002  1.00 26.10 ? 13  LYS A CB  1 
ATOM   55   C CG  . LYS A 1 17  ? -12.365 12.242  15.528  1.00 27.78 ? 13  LYS A CG  1 
ATOM   56   C CD  . LYS A 1 17  ? -12.625 12.679  16.987  1.00 28.17 ? 13  LYS A CD  1 
ATOM   57   C CE  . LYS A 1 17  ? -11.820 11.855  17.999  1.00 31.76 ? 13  LYS A CE  1 
ATOM   58   N NZ  . LYS A 1 17  ? -12.094 12.275  19.411  1.00 34.18 ? 13  LYS A NZ  1 
ATOM   59   N N   . ALA A 1 18  ? -12.272 11.578  12.149  1.00 24.20 ? 14  ALA A N   1 
ATOM   60   C CA  . ALA A 1 18  ? -13.257 11.828  11.113  1.00 23.81 ? 14  ALA A CA  1 
ATOM   61   C C   . ALA A 1 18  ? -14.592 11.204  11.529  1.00 23.49 ? 14  ALA A C   1 
ATOM   62   O O   . ALA A 1 18  ? -14.686 10.595  12.591  1.00 21.68 ? 14  ALA A O   1 
ATOM   63   C CB  . ALA A 1 18  ? -12.788 11.277  9.782   1.00 24.21 ? 14  ALA A CB  1 
ATOM   64   N N   . MET A 1 19  ? -15.610 11.375  10.694  1.00 24.32 ? 15  MET A N   1 
ATOM   65   C CA  . MET A 1 19  ? -16.940 10.827  10.963  1.00 25.19 ? 15  MET A CA  1 
ATOM   66   C C   . MET A 1 19  ? -17.414 10.047  9.754   1.00 24.60 ? 15  MET A C   1 
ATOM   67   O O   . MET A 1 19  ? -17.361 10.543  8.624   1.00 23.66 ? 15  MET A O   1 
ATOM   68   C CB  . MET A 1 19  ? -17.928 11.959  11.254  1.00 26.54 ? 15  MET A CB  1 
ATOM   69   C CG  . MET A 1 19  ? -19.232 11.515  11.910  1.00 29.54 ? 15  MET A CG  1 
ATOM   70   S SD  . MET A 1 19  ? -19.316 12.180  13.582  1.00 40.18 ? 15  MET A SD  1 
ATOM   71   C CE  . MET A 1 19  ? -19.183 13.935  13.245  1.00 36.20 ? 15  MET A CE  1 
ATOM   72   N N   . SER A 1 20  ? -17.864 8.814   9.979   1.00 23.87 ? 16  SER A N   1 
ATOM   73   C CA  . SER A 1 20  ? -18.384 8.000   8.885   1.00 24.02 ? 16  SER A CA  1 
ATOM   74   C C   . SER A 1 20  ? -19.584 8.687   8.232   1.00 24.47 ? 16  SER A C   1 
ATOM   75   O O   . SER A 1 20  ? -20.541 9.075   8.919   1.00 24.34 ? 16  SER A O   1 
ATOM   76   C CB  . SER A 1 20  ? -18.801 6.612   9.380   1.00 24.04 ? 16  SER A CB  1 
ATOM   77   O OG  . SER A 1 20  ? -19.506 5.911   8.361   1.00 24.28 ? 16  SER A OG  1 
ATOM   78   N N   . ARG A 1 21  ? -19.523 8.848   6.915   1.00 25.64 ? 17  ARG A N   1 
ATOM   79   C CA  . ARG A 1 21  ? -20.650 9.425   6.178   1.00 27.09 ? 17  ARG A CA  1 
ATOM   80   C C   . ARG A 1 21  ? -21.867 8.502   6.123   1.00 27.71 ? 17  ARG A C   1 
ATOM   81   O O   . ARG A 1 21  ? -23.000 8.974   6.016   1.00 27.94 ? 17  ARG A O   1 
ATOM   82   C CB  . ARG A 1 21  ? -20.237 9.869   4.767   1.00 27.93 ? 17  ARG A CB  1 
ATOM   83   C CG  . ARG A 1 21  ? -20.119 11.383  4.623   1.00 29.59 ? 17  ARG A CG  1 
ATOM   84   C CD  . ARG A 1 21  ? -19.399 11.761  3.330   1.00 34.66 ? 17  ARG A CD  1 
ATOM   85   N NE  . ARG A 1 21  ? -18.741 13.075  3.389   1.00 35.50 ? 17  ARG A NE  1 
ATOM   86   C CZ  . ARG A 1 21  ? -17.772 13.396  4.248   1.00 37.72 ? 17  ARG A CZ  1 
ATOM   87   N NH1 . ARG A 1 21  ? -17.341 12.528  5.165   1.00 38.80 ? 17  ARG A NH1 1 
ATOM   88   N NH2 . ARG A 1 21  ? -17.236 14.596  4.209   1.00 38.50 ? 17  ARG A NH2 1 
ATOM   89   N N   . SER A 1 22  ? -21.644 7.192   6.215   1.00 27.87 ? 18  SER A N   1 
ATOM   90   C CA  . SER A 1 22  ? -22.765 6.248   6.130   1.00 28.55 ? 18  SER A CA  1 
ATOM   91   C C   . SER A 1 22  ? -23.384 5.920   7.494   1.00 28.42 ? 18  SER A C   1 
ATOM   92   O O   . SER A 1 22  ? -24.581 5.607   7.565   1.00 28.89 ? 18  SER A O   1 
ATOM   93   C CB  . SER A 1 22  ? -22.380 4.975   5.366   1.00 28.72 ? 18  SER A CB  1 
ATOM   94   O OG  . SER A 1 22  ? -21.272 4.324   5.976   1.00 29.82 ? 18  SER A OG  1 
ATOM   95   N N   . SER A 1 23  ? -22.596 6.040   8.566   1.00 28.23 ? 19  SER A N   1 
ATOM   96   C CA  . SER A 1 23  ? -23.033 5.657   9.920   1.00 27.64 ? 19  SER A CA  1 
ATOM   97   C C   . SER A 1 23  ? -23.005 6.750   10.999  1.00 26.98 ? 19  SER A C   1 
ATOM   98   O O   . SER A 1 23  ? -23.728 6.646   11.984  1.00 27.21 ? 19  SER A O   1 
ATOM   99   C CB  . SER A 1 23  ? -22.250 4.432   10.418  1.00 28.05 ? 19  SER A CB  1 
ATOM   100  O OG  . SER A 1 23  ? -21.068 4.809   11.112  1.00 28.72 ? 19  SER A OG  1 
ATOM   101  N N   . GLY A 1 24  ? -22.168 7.777   10.832  1.00 25.78 ? 20  GLY A N   1 
ATOM   102  C CA  . GLY A 1 24  ? -22.053 8.849   11.827  1.00 24.95 ? 20  GLY A CA  1 
ATOM   103  C C   . GLY A 1 24  ? -21.074 8.578   12.965  1.00 24.04 ? 20  GLY A C   1 
ATOM   104  O O   . GLY A 1 24  ? -20.788 9.450   13.792  1.00 24.58 ? 20  GLY A O   1 
ATOM   105  N N   . ARG A 1 25  ? -20.537 7.364   13.003  1.00 23.12 ? 21  ARG A N   1 
ATOM   106  C CA  . ARG A 1 25  ? -19.609 6.985   14.047  1.00 21.88 ? 21  ARG A CA  1 
ATOM   107  C C   . ARG A 1 25  ? -18.212 7.540   13.734  1.00 20.66 ? 21  ARG A C   1 
ATOM   108  O O   . ARG A 1 25  ? -17.802 7.593   12.563  1.00 20.74 ? 21  ARG A O   1 
ATOM   109  C CB  . ARG A 1 25  ? -19.587 5.458   14.167  1.00 22.04 ? 21  ARG A CB  1 
ATOM   110  C CG  . ARG A 1 25  ? -18.694 4.893   15.249  1.00 22.34 ? 21  ARG A CG  1 
ATOM   111  C CD  . ARG A 1 25  ? -19.192 3.536   15.727  1.00 24.70 ? 21  ARG A CD  1 
ATOM   112  N NE  . ARG A 1 25  ? -19.751 2.756   14.635  1.00 25.98 ? 21  ARG A NE  1 
ATOM   113  C CZ  . ARG A 1 25  ? -19.126 1.776   13.993  1.00 25.47 ? 21  ARG A CZ  1 
ATOM   114  N NH1 . ARG A 1 25  ? -17.888 1.393   14.325  1.00 24.87 ? 21  ARG A NH1 1 
ATOM   115  N NH2 . ARG A 1 25  ? -19.777 1.148   13.028  1.00 27.17 ? 21  ARG A NH2 1 
ATOM   116  N N   . VAL A 1 26  ? -17.512 7.949   14.784  1.00 20.23 ? 22  VAL A N   1 
ATOM   117  C CA  . VAL A 1 26  ? -16.166 8.497   14.644  1.00 19.49 ? 22  VAL A CA  1 
ATOM   118  C C   . VAL A 1 26  ? -15.190 7.400   14.197  1.00 18.22 ? 22  VAL A C   1 
ATOM   119  O O   . VAL A 1 26  ? -15.306 6.230   14.588  1.00 17.56 ? 22  VAL A O   1 
ATOM   120  C CB  . VAL A 1 26  ? -15.649 9.186   15.932  1.00 20.58 ? 22  VAL A CB  1 
ATOM   121  C CG1 . VAL A 1 26  ? -16.596 10.328  16.361  1.00 20.44 ? 22  VAL A CG1 1 
ATOM   122  C CG2 . VAL A 1 26  ? -15.440 8.195   17.065  1.00 21.48 ? 22  VAL A CG2 1 
ATOM   123  N N   . TYR A 1 27  ? -14.242 7.784   13.348  1.00 16.53 ? 23  TYR A N   1 
ATOM   124  C CA  . TYR A 1 27  ? -13.151 6.883   12.996  1.00 15.28 ? 23  TYR A CA  1 
ATOM   125  C C   . TYR A 1 27  ? -11.879 7.687   12.872  1.00 15.10 ? 23  TYR A C   1 
ATOM   126  O O   . TYR A 1 27  ? -11.896 8.896   13.081  1.00 14.76 ? 23  TYR A O   1 
ATOM   127  C CB  . TYR A 1 27  ? -13.460 6.113   11.720  1.00 15.22 ? 23  TYR A CB  1 
ATOM   128  C CG  . TYR A 1 27  ? -13.438 6.899   10.424  1.00 16.58 ? 23  TYR A CG  1 
ATOM   129  C CD1 . TYR A 1 27  ? -14.530 7.669   10.026  1.00 16.91 ? 23  TYR A CD1 1 
ATOM   130  C CD2 . TYR A 1 27  ? -12.335 6.829   9.560   1.00 16.28 ? 23  TYR A CD2 1 
ATOM   131  C CE1 . TYR A 1 27  ? -14.523 8.366   8.826   1.00 17.51 ? 23  TYR A CE1 1 
ATOM   132  C CE2 . TYR A 1 27  ? -12.307 7.522   8.357   1.00 17.05 ? 23  TYR A CE2 1 
ATOM   133  C CZ  . TYR A 1 27  ? -13.407 8.294   7.992   1.00 17.78 ? 23  TYR A CZ  1 
ATOM   134  O OH  . TYR A 1 27  ? -13.415 8.985   6.802   1.00 20.09 ? 23  TYR A OH  1 
ATOM   135  N N   . TYR A 1 28  ? -10.788 7.001   12.547  1.00 14.27 ? 24  TYR A N   1 
ATOM   136  C CA  . TYR A 1 28  ? -9.476  7.650   12.427  1.00 15.39 ? 24  TYR A CA  1 
ATOM   137  C C   . TYR A 1 28  ? -8.873  7.373   11.055  1.00 14.45 ? 24  TYR A C   1 
ATOM   138  O O   . TYR A 1 28  ? -8.986  6.272   10.522  1.00 13.73 ? 24  TYR A O   1 
ATOM   139  C CB  . TYR A 1 28  ? -8.565  7.229   13.587  1.00 17.20 ? 24  TYR A CB  1 
ATOM   140  C CG  . TYR A 1 28  ? -9.203  7.554   14.922  1.00 19.62 ? 24  TYR A CG  1 
ATOM   141  C CD1 . TYR A 1 28  ? -10.088 6.647   15.528  1.00 20.29 ? 24  TYR A CD1 1 
ATOM   142  C CD2 . TYR A 1 28  ? -8.992  8.787   15.535  1.00 21.81 ? 24  TYR A CD2 1 
ATOM   143  C CE1 . TYR A 1 28  ? -10.714 6.952   16.733  1.00 21.65 ? 24  TYR A CE1 1 
ATOM   144  C CE2 . TYR A 1 28  ? -9.600  9.109   16.754  1.00 22.73 ? 24  TYR A CE2 1 
ATOM   145  C CZ  . TYR A 1 28  ? -10.462 8.186   17.345  1.00 22.51 ? 24  TYR A CZ  1 
ATOM   146  O OH  . TYR A 1 28  ? -11.077 8.488   18.542  1.00 23.93 ? 24  TYR A OH  1 
ATOM   147  N N   . PHE A 1 29  ? -8.271  8.415   10.487  1.00 14.59 ? 25  PHE A N   1 
ATOM   148  C CA  . PHE A 1 29  ? -7.670  8.384   9.160   1.00 15.16 ? 25  PHE A CA  1 
ATOM   149  C C   . PHE A 1 29  ? -6.247  8.928   9.255   1.00 14.75 ? 25  PHE A C   1 
ATOM   150  O O   . PHE A 1 29  ? -6.002  9.902   9.980   1.00 15.50 ? 25  PHE A O   1 
ATOM   151  C CB  . PHE A 1 29  ? -8.488  9.260   8.199   1.00 15.73 ? 25  PHE A CB  1 
ATOM   152  C CG  . PHE A 1 29  ? -7.839  9.453   6.870   1.00 16.29 ? 25  PHE A CG  1 
ATOM   153  C CD1 . PHE A 1 29  ? -7.692  8.372   5.990   1.00 18.21 ? 25  PHE A CD1 1 
ATOM   154  C CD2 . PHE A 1 29  ? -7.320  10.691  6.509   1.00 16.47 ? 25  PHE A CD2 1 
ATOM   155  C CE1 . PHE A 1 29  ? -7.061  8.533   4.741   1.00 19.00 ? 25  PHE A CE1 1 
ATOM   156  C CE2 . PHE A 1 29  ? -6.694  10.855  5.250   1.00 19.18 ? 25  PHE A CE2 1 
ATOM   157  C CZ  . PHE A 1 29  ? -6.569  9.757   4.379   1.00 18.77 ? 25  PHE A CZ  1 
ATOM   158  N N   . ASN A 1 30  ? -5.329  8.301   8.518   1.00 13.22 ? 26  ASN A N   1 
ATOM   159  C CA  . ASN A 1 30  ? -3.932  8.734   8.472   1.00 13.23 ? 26  ASN A CA  1 
ATOM   160  C C   . ASN A 1 30  ? -3.629  9.220   7.055   1.00 11.72 ? 26  ASN A C   1 
ATOM   161  O O   . ASN A 1 30  ? -3.730  8.469   6.095   1.00 12.03 ? 26  ASN A O   1 
ATOM   162  C CB  . ASN A 1 30  ? -3.010  7.574   8.896   1.00 12.90 ? 26  ASN A CB  1 
ATOM   163  C CG  . ASN A 1 30  ? -1.566  7.996   9.019   1.00 13.21 ? 26  ASN A CG  1 
ATOM   164  O OD1 . ASN A 1 30  ? -0.992  8.478   8.049   1.00 13.43 ? 26  ASN A OD1 1 
ATOM   165  N ND2 . ASN A 1 30  ? -0.989  7.836   10.204  1.00 13.45 ? 26  ASN A ND2 1 
ATOM   166  N N   . HIS A 1 31  ? -3.284  10.505  6.913   1.00 11.63 ? 27  HIS A N   1 
ATOM   167  C CA  . HIS A 1 31  ? -3.105  11.107  5.598   1.00 11.36 ? 27  HIS A CA  1 
ATOM   168  C C   . HIS A 1 31  ? -1.718  10.831  4.988   1.00 11.86 ? 27  HIS A C   1 
ATOM   169  O O   . HIS A 1 31  ? -1.451  11.242  3.877   1.00 12.72 ? 27  HIS A O   1 
ATOM   170  C CB  . HIS A 1 31  ? -3.356  12.622  5.647   1.00 12.14 ? 27  HIS A CB  1 
ATOM   171  C CG  . HIS A 1 31  ? -2.372  13.364  6.500   1.00 14.91 ? 27  HIS A CG  1 
ATOM   172  N ND1 . HIS A 1 31  ? -1.140  13.782  6.037   1.00 20.15 ? 27  HIS A ND1 1 
ATOM   173  C CD2 . HIS A 1 31  ? -2.439  13.756  7.794   1.00 16.90 ? 27  HIS A CD2 1 
ATOM   174  C CE1 . HIS A 1 31  ? -0.495  14.401  7.009   1.00 18.59 ? 27  HIS A CE1 1 
ATOM   175  N NE2 . HIS A 1 31  ? -1.254  14.389  8.088   1.00 19.42 ? 27  HIS A NE2 1 
ATOM   176  N N   . ILE A 1 32  ? -0.882  10.111  5.729   1.00 11.88 ? 28  ILE A N   1 
ATOM   177  C CA  . ILE A 1 32  ? 0.429   9.684   5.236   1.00 12.95 ? 28  ILE A CA  1 
ATOM   178  C C   . ILE A 1 32  ? 0.375   8.256   4.691   1.00 12.98 ? 28  ILE A C   1 
ATOM   179  O O   . ILE A 1 32  ? 0.965   7.961   3.667   1.00 13.43 ? 28  ILE A O   1 
ATOM   180  C CB  . ILE A 1 32  ? 1.493   9.771   6.341   1.00 12.76 ? 28  ILE A CB  1 
ATOM   181  C CG1 . ILE A 1 32  ? 1.570   11.180  6.947   1.00 13.23 ? 28  ILE A CG1 1 
ATOM   182  C CG2 . ILE A 1 32  ? 2.896   9.372   5.807   1.00 14.27 ? 28  ILE A CG2 1 
ATOM   183  C CD1 . ILE A 1 32  ? 2.439   11.277  8.184   1.00 14.92 ? 28  ILE A CD1 1 
ATOM   184  N N   . THR A 1 33  ? -0.345  7.373   5.385   1.00 12.22 ? 29  THR A N   1 
ATOM   185  C CA  . THR A 1 33  ? -0.464  5.984   4.941   1.00 11.80 ? 29  THR A CA  1 
ATOM   186  C C   . THR A 1 33  ? -1.787  5.686   4.227   1.00 11.40 ? 29  THR A C   1 
ATOM   187  O O   . THR A 1 33  ? -1.933  4.618   3.639   1.00 10.96 ? 29  THR A O   1 
ATOM   188  C CB  . THR A 1 33  ? -0.423  5.020   6.134   1.00 11.60 ? 29  THR A CB  1 
ATOM   189  O OG1 . THR A 1 33  ? -1.591  5.237   6.938   1.00 12.25 ? 29  THR A OG1 1 
ATOM   190  C CG2 . THR A 1 33  ? 0.812   5.225   7.007   1.00 12.41 ? 29  THR A CG2 1 
ATOM   191  N N   . ASN A 1 34  ? -2.751  6.617   4.322   1.00 11.25 ? 30  ASN A N   1 
ATOM   192  C CA  . ASN A 1 34  ? -4.125  6.414   3.813   1.00 11.32 ? 30  ASN A CA  1 
ATOM   193  C C   . ASN A 1 34  ? -4.892  5.286   4.540   1.00 10.96 ? 30  ASN A C   1 
ATOM   194  O O   . ASN A 1 34  ? -5.923  4.798   4.051   1.00 10.83 ? 30  ASN A O   1 
ATOM   195  C CB  . ASN A 1 34  ? -4.148  6.259   2.285   1.00 11.71 ? 30  ASN A CB  1 
ATOM   196  C CG  . ASN A 1 34  ? -3.864  7.577   1.582   1.00 14.21 ? 30  ASN A CG  1 
ATOM   197  O OD1 . ASN A 1 34  ? -3.237  7.628   0.501   1.00 13.97 ? 30  ASN A OD1 1 
ATOM   198  N ND2 . ASN A 1 34  ? -4.311  8.664   2.214   1.00 11.85 ? 30  ASN A ND2 1 
ATOM   199  N N   . ALA A 1 35  ? -4.389  4.895   5.707   1.00 10.66 ? 31  ALA A N   1 
ATOM   200  C CA  . ALA A 1 35  ? -5.076  3.905   6.526   1.00 11.18 ? 31  ALA A CA  1 
ATOM   201  C C   . ALA A 1 35  ? -6.283  4.555   7.181   1.00 11.48 ? 31  ALA A C   1 
ATOM   202  O O   . ALA A 1 35  ? -6.272  5.757   7.498   1.00 11.97 ? 31  ALA A O   1 
ATOM   203  C CB  . ALA A 1 35  ? -4.148  3.346   7.591   1.00 11.15 ? 31  ALA A CB  1 
ATOM   204  N N   . SER A 1 36  ? -7.312  3.733   7.414   1.00 11.84 ? 32  SER A N   1 
ATOM   205  C CA  . SER A 1 36  ? -8.455  4.175   8.203   1.00 13.07 ? 32  SER A CA  1 
ATOM   206  C C   . SER A 1 36  ? -8.901  3.034   9.091   1.00 14.16 ? 32  SER A C   1 
ATOM   207  O O   . SER A 1 36  ? -8.864  1.867   8.662   1.00 14.57 ? 32  SER A O   1 
ATOM   208  C CB  . SER A 1 36  ? -9.604  4.649   7.313   1.00 13.87 ? 32  SER A CB  1 
ATOM   209  O OG  . SER A 1 36  ? -9.862  3.769   6.239   1.00 15.22 ? 32  SER A OG  1 
ATOM   210  N N   . GLN A 1 37  ? -9.321  3.386   10.309  1.00 15.28 ? 33  GLN A N   1 
ATOM   211  C CA  . GLN A 1 37  ? -9.635  2.405   11.366  1.00 17.20 ? 33  GLN A CA  1 
ATOM   212  C C   . GLN A 1 37  ? -10.666 2.991   12.336  1.00 16.96 ? 33  GLN A C   1 
ATOM   213  O O   . GLN A 1 37  ? -10.795 4.194   12.438  1.00 15.40 ? 33  GLN A O   1 
ATOM   214  C CB  . GLN A 1 37  ? -8.347  1.984   12.110  1.00 17.09 ? 33  GLN A CB  1 
ATOM   215  C CG  . GLN A 1 37  ? -7.709  3.048   13.011  1.00 20.20 ? 33  GLN A CG  1 
ATOM   216  C CD  . GLN A 1 37  ? -6.419  2.571   13.700  1.00 20.23 ? 33  GLN A CD  1 
ATOM   217  O OE1 . GLN A 1 37  ? -6.279  2.650   14.921  1.00 26.87 ? 33  GLN A OE1 1 
ATOM   218  N NE2 . GLN A 1 37  ? -5.486  2.078   12.914  1.00 24.50 ? 33  GLN A NE2 1 
ATOM   219  N N   . TRP A 1 38  ? -11.399 2.125   13.041  1.00 17.42 ? 34  TRP A N   1 
ATOM   220  C CA  . TRP A 1 38  ? -12.408 2.588   13.996  1.00 18.24 ? 34  TRP A CA  1 
ATOM   221  C C   . TRP A 1 38  ? -11.818 2.988   15.352  1.00 20.06 ? 34  TRP A C   1 
ATOM   222  O O   . TRP A 1 38  ? -12.288 3.942   15.968  1.00 20.05 ? 34  TRP A O   1 
ATOM   223  C CB  . TRP A 1 38  ? -13.495 1.516   14.211  1.00 16.85 ? 34  TRP A CB  1 
ATOM   224  C CG  . TRP A 1 38  ? -14.401 1.286   13.044  1.00 15.55 ? 34  TRP A CG  1 
ATOM   225  C CD1 . TRP A 1 38  ? -14.506 0.141   12.315  1.00 15.41 ? 34  TRP A CD1 1 
ATOM   226  C CD2 . TRP A 1 38  ? -15.321 2.217   12.450  1.00 15.26 ? 34  TRP A CD2 1 
ATOM   227  N NE1 . TRP A 1 38  ? -15.427 0.282   11.328  1.00 16.92 ? 34  TRP A NE1 1 
ATOM   228  C CE2 . TRP A 1 38  ? -15.958 1.546   11.382  1.00 15.59 ? 34  TRP A CE2 1 
ATOM   229  C CE3 . TRP A 1 38  ? -15.699 3.540   12.735  1.00 12.62 ? 34  TRP A CE3 1 
ATOM   230  C CZ2 . TRP A 1 38  ? -16.934 2.156   10.579  1.00 15.64 ? 34  TRP A CZ2 1 
ATOM   231  C CZ3 . TRP A 1 38  ? -16.663 4.149   11.935  1.00 15.71 ? 34  TRP A CZ3 1 
ATOM   232  C CH2 . TRP A 1 38  ? -17.272 3.462   10.870  1.00 16.04 ? 34  TRP A CH2 1 
ATOM   233  N N   . GLU A 1 39  ? -10.803 2.256   15.825  1.00 22.84 ? 35  GLU A N   1 
ATOM   234  C CA  . GLU A 1 39  ? -10.189 2.526   17.132  1.00 26.31 ? 35  GLU A CA  1 
ATOM   235  C C   . GLU A 1 39  ? -9.187  3.686   17.152  1.00 28.20 ? 35  GLU A C   1 
ATOM   236  O O   . GLU A 1 39  ? -8.498  3.936   16.147  1.00 28.07 ? 35  GLU A O   1 
ATOM   237  C CB  . GLU A 1 39  ? -9.481  1.288   17.642  1.00 26.89 ? 35  GLU A CB  1 
ATOM   238  C CG  . GLU A 1 39  ? -10.351 0.250   18.283  1.00 29.63 ? 35  GLU A CG  1 
ATOM   239  C CD  . GLU A 1 39  ? -9.509  -0.878  18.851  1.00 33.45 ? 35  GLU A CD  1 
ATOM   240  O OE1 . GLU A 1 39  ? -8.466  -0.595  19.488  1.00 37.40 ? 35  GLU A OE1 1 
ATOM   241  O OE2 . GLU A 1 39  ? -9.871  -2.046  18.646  1.00 35.60 ? 35  GLU A OE2 1 
ATOM   242  N N   . ARG A 1 40  ? -9.094  4.374   18.295  1.00 30.61 ? 36  ARG A N   1 
ATOM   243  C CA  . ARG A 1 40  ? -8.133  5.463   18.478  1.00 33.31 ? 36  ARG A CA  1 
ATOM   244  C C   . ARG A 1 40  ? -6.718  4.894   18.380  1.00 34.29 ? 36  ARG A C   1 
ATOM   245  O O   . ARG A 1 40  ? -6.356  3.994   19.149  1.00 34.38 ? 36  ARG A O   1 
ATOM   246  C CB  . ARG A 1 40  ? -8.342  6.201   19.808  1.00 33.17 ? 36  ARG A CB  1 
ATOM   247  C CG  . ARG A 1 40  ? -7.667  7.575   19.858  1.00 34.73 ? 36  ARG A CG  1 
ATOM   248  C CD  . ARG A 1 40  ? -7.963  8.335   21.150  1.00 35.01 ? 36  ARG A CD  1 
ATOM   249  N NE  . ARG A 1 40  ? -7.436  9.700   21.089  1.00 39.62 ? 36  ARG A NE  1 
ATOM   250  C CZ  . ARG A 1 40  ? -8.107  10.752  20.620  1.00 40.79 ? 36  ARG A CZ  1 
ATOM   251  N NH1 . ARG A 1 40  ? -9.348  10.611  20.163  1.00 42.22 ? 36  ARG A NH1 1 
ATOM   252  N NH2 . ARG A 1 40  ? -7.535  11.950  20.602  1.00 41.68 ? 36  ARG A NH2 1 
ATOM   253  N N   . PRO A 1 41  ? -5.926  5.401   17.414  1.00 35.32 ? 37  PRO A N   1 
ATOM   254  C CA  . PRO A 1 41  ? -4.647  4.783   17.068  1.00 36.21 ? 37  PRO A CA  1 
ATOM   255  C C   . PRO A 1 41  ? -3.660  4.711   18.236  1.00 37.12 ? 37  PRO A C   1 
ATOM   256  O O   . PRO A 1 41  ? -3.593  5.633   19.073  1.00 37.30 ? 37  PRO A O   1 
ATOM   257  C CB  . PRO A 1 41  ? -4.113  5.685   15.942  1.00 35.89 ? 37  PRO A CB  1 
ATOM   258  C CG  . PRO A 1 41  ? -4.822  6.970   16.104  1.00 35.78 ? 37  PRO A CG  1 
ATOM   259  C CD  . PRO A 1 41  ? -6.189  6.602   16.601  1.00 35.18 ? 37  PRO A CD  1 
ATOM   260  N N   . SER A 1 42  ? -2.922  3.601   18.281  1.00 38.11 ? 38  SER A N   1 
ATOM   261  C CA  . SER A 1 42  ? -1.852  3.378   19.245  1.00 39.01 ? 38  SER A CA  1 
ATOM   262  C C   . SER A 1 42  ? -0.587  4.093   18.786  1.00 39.26 ? 38  SER A C   1 
ATOM   263  O O   . SER A 1 42  ? -0.206  3.996   17.616  1.00 39.62 ? 38  SER A O   1 
ATOM   264  C CB  . SER A 1 42  ? -1.572  1.880   19.386  1.00 39.09 ? 38  SER A CB  1 
ATOM   265  O OG  . SER A 1 42  ? -0.622  1.633   20.413  1.00 40.58 ? 38  SER A OG  1 
ATOM   266  N N   . GLU A 1 55  ? 10.836  7.664   15.430  1.00 36.86 ? 51  GLU A N   1 
ATOM   267  C CA  . GLU A 1 55  ? 10.610  6.750   14.316  1.00 36.68 ? 51  GLU A CA  1 
ATOM   268  C C   . GLU A 1 55  ? 11.786  5.778   14.132  1.00 36.29 ? 51  GLU A C   1 
ATOM   269  O O   . GLU A 1 55  ? 12.938  6.144   14.388  1.00 36.77 ? 51  GLU A O   1 
ATOM   270  C CB  . GLU A 1 55  ? 10.346  7.530   13.020  1.00 36.63 ? 51  GLU A CB  1 
ATOM   271  C CG  . GLU A 1 55  ? 11.594  7.954   12.257  1.00 36.76 ? 51  GLU A CG  1 
ATOM   272  C CD  . GLU A 1 55  ? 11.329  8.241   10.787  1.00 36.16 ? 51  GLU A CD  1 
ATOM   273  O OE1 . GLU A 1 55  ? 10.165  8.529   10.428  1.00 36.35 ? 51  GLU A OE1 1 
ATOM   274  O OE2 . GLU A 1 55  ? 12.292  8.184   9.994   1.00 35.38 ? 51  GLU A OE2 1 
ATOM   275  N N   . PRO A 1 56  ? 11.500  4.535   13.677  1.00 35.73 ? 52  PRO A N   1 
ATOM   276  C CA  . PRO A 1 56  ? 12.543  3.524   13.434  1.00 34.71 ? 52  PRO A CA  1 
ATOM   277  C C   . PRO A 1 56  ? 13.585  3.936   12.375  1.00 33.58 ? 52  PRO A C   1 
ATOM   278  O O   . PRO A 1 56  ? 13.270  4.700   11.459  1.00 33.67 ? 52  PRO A O   1 
ATOM   279  C CB  . PRO A 1 56  ? 11.747  2.312   12.938  1.00 35.02 ? 52  PRO A CB  1 
ATOM   280  C CG  . PRO A 1 56  ? 10.434  2.872   12.463  1.00 35.53 ? 52  PRO A CG  1 
ATOM   281  C CD  . PRO A 1 56  ? 10.152  4.017   13.369  1.00 35.67 ? 52  PRO A CD  1 
ATOM   282  N N   . ALA A 1 57  ? 14.806  3.415   12.505  1.00 31.81 ? 53  ALA A N   1 
ATOM   283  C CA  . ALA A 1 57  ? 15.895  3.683   11.549  1.00 30.12 ? 53  ALA A CA  1 
ATOM   284  C C   . ALA A 1 57  ? 15.787  2.907   10.227  1.00 28.76 ? 53  ALA A C   1 
ATOM   285  O O   . ALA A 1 57  ? 16.115  3.429   9.154   1.00 28.43 ? 53  ALA A O   1 
ATOM   286  C CB  . ALA A 1 57  ? 17.232  3.418   12.200  1.00 30.78 ? 53  ALA A CB  1 
ATOM   287  N N   . ARG A 1 58  ? 15.383  1.641   10.317  1.00 26.58 ? 54  ARG A N   1 
ATOM   288  C CA  . ARG A 1 58  ? 15.040  0.848   9.138   1.00 24.61 ? 54  ARG A CA  1 
ATOM   289  C C   . ARG A 1 58  ? 13.698  0.173   9.365   1.00 22.16 ? 54  ARG A C   1 
ATOM   290  O O   . ARG A 1 58  ? 13.294  -0.061  10.515  1.00 21.81 ? 54  ARG A O   1 
ATOM   291  C CB  . ARG A 1 58  ? 16.108  -0.214  8.811   1.00 25.22 ? 54  ARG A CB  1 
ATOM   292  C CG  . ARG A 1 58  ? 17.455  0.358   8.341   1.00 27.62 ? 54  ARG A CG  1 
ATOM   293  C CD  . ARG A 1 58  ? 18.048  -0.432  7.170   1.00 31.09 ? 54  ARG A CD  1 
ATOM   294  N NE  . ARG A 1 58  ? 18.375  -1.815  7.509   1.00 32.57 ? 54  ARG A NE  1 
ATOM   295  C CZ  . ARG A 1 58  ? 18.673  -2.759  6.619   1.00 34.41 ? 54  ARG A CZ  1 
ATOM   296  N NH1 . ARG A 1 58  ? 18.684  -2.486  5.315   1.00 35.18 ? 54  ARG A NH1 1 
ATOM   297  N NH2 . ARG A 1 58  ? 18.959  -3.989  7.032   1.00 34.94 ? 54  ARG A NH2 1 
ATOM   298  N N   . VAL A 1 59  ? 12.993  -0.083  8.267   1.00 20.07 ? 55  VAL A N   1 
ATOM   299  C CA  . VAL A 1 59  ? 11.769  -0.901  8.307   1.00 17.73 ? 55  VAL A CA  1 
ATOM   300  C C   . VAL A 1 59  ? 11.842  -1.958  7.224   1.00 16.65 ? 55  VAL A C   1 
ATOM   301  O O   . VAL A 1 59  ? 12.587  -1.820  6.262   1.00 17.34 ? 55  VAL A O   1 
ATOM   302  C CB  . VAL A 1 59  ? 10.462  -0.047  8.129   1.00 16.81 ? 55  VAL A CB  1 
ATOM   303  C CG1 . VAL A 1 59  ? 10.378  1.035   9.209   1.00 17.19 ? 55  VAL A CG1 1 
ATOM   304  C CG2 . VAL A 1 59  ? 10.379  0.545   6.715   1.00 17.93 ? 55  VAL A CG2 1 
ATOM   305  N N   . ARG A 1 60  ? 11.053  -3.016  7.404   1.00 15.03 ? 56  ARG A N   1 
ATOM   306  C CA  . ARG A 1 60  ? 10.863  -4.027  6.389   1.00 13.32 ? 56  ARG A CA  1 
ATOM   307  C C   . ARG A 1 60  ? 9.385   -3.993  5.978   1.00 12.23 ? 56  ARG A C   1 
ATOM   308  O O   . ARG A 1 60  ? 8.508   -3.929  6.839   1.00 12.92 ? 56  ARG A O   1 
ATOM   309  C CB  . ARG A 1 60  ? 11.220  -5.423  6.919   1.00 12.91 ? 56  ARG A CB  1 
ATOM   310  C CG  . ARG A 1 60  ? 11.173  -6.485  5.869   1.00 14.28 ? 56  ARG A CG  1 
ATOM   311  C CD  . ARG A 1 60  ? 11.352  -7.876  6.465   1.00 17.06 ? 56  ARG A CD  1 
ATOM   312  N NE  . ARG A 1 60  ? 11.482  -8.901  5.433   1.00 16.56 ? 56  ARG A NE  1 
ATOM   313  C CZ  . ARG A 1 60  ? 11.763  -10.179 5.694   1.00 20.36 ? 56  ARG A CZ  1 
ATOM   314  N NH1 . ARG A 1 60  ? 11.930  -10.587 6.952   1.00 21.46 ? 56  ARG A NH1 1 
ATOM   315  N NH2 . ARG A 1 60  ? 11.866  -11.050 4.701   1.00 20.84 ? 56  ARG A NH2 1 
ATOM   316  N N   . CYS A 1 61  ? 9.148   -4.004  4.674   1.00 12.52 ? 57  CYS A N   1 
ATOM   317  C CA  . CYS A 1 61  ? 7.789   -3.977  4.137   1.00 11.69 ? 57  CYS A CA  1 
ATOM   318  C C   . CYS A 1 61  ? 7.595   -4.965  3.009   1.00 11.57 ? 57  CYS A C   1 
ATOM   319  O O   . CYS A 1 61  ? 8.542   -5.298  2.292   1.00 11.35 ? 57  CYS A O   1 
ATOM   320  C CB  . CYS A 1 61  ? 7.433   -2.558  3.632   1.00 12.74 ? 57  CYS A CB  1 
ATOM   321  S SG  . CYS A 1 61  ? 7.382   -1.349  4.927   1.00 13.55 ? 57  CYS A SG  1 
ATOM   322  N N   . SER A 1 62  ? 6.351   -5.416  2.845   1.00 10.15 ? 58  SER A N   1 
ATOM   323  C CA  . SER A 1 62  ? 5.927   -6.040  1.634   1.00 9.84  ? 58  SER A CA  1 
ATOM   324  C C   . SER A 1 62  ? 4.973   -5.057  0.969   1.00 9.50  ? 58  SER A C   1 
ATOM   325  O O   . SER A 1 62  ? 4.455   -4.144  1.642   1.00 9.61  ? 58  SER A O   1 
ATOM   326  C CB  . SER A 1 62  ? 5.177   -7.343  1.931   1.00 9.62  ? 58  SER A CB  1 
ATOM   327  O OG  . SER A 1 62  ? 6.042   -8.264  2.576   1.00 11.75 ? 58  SER A OG  1 
ATOM   328  N N   . HIS A 1 63  ? 4.747   -5.255  -0.326  1.00 9.93  ? 59  HIS A N   1 
ATOM   329  C CA  . HIS A 1 63  ? 3.728   -4.479  -1.019  1.00 9.52  ? 59  HIS A CA  1 
ATOM   330  C C   . HIS A 1 63  ? 3.058   -5.255  -2.128  1.00 9.41  ? 59  HIS A C   1 
ATOM   331  O O   . HIS A 1 63  ? 3.562   -6.275  -2.591  1.00 10.20 ? 59  HIS A O   1 
ATOM   332  C CB  . HIS A 1 63  ? 4.310   -3.136  -1.494  1.00 11.07 ? 59  HIS A CB  1 
ATOM   333  C CG  . HIS A 1 63  ? 4.999   -3.164  -2.821  1.00 12.70 ? 59  HIS A CG  1 
ATOM   334  N ND1 . HIS A 1 63  ? 5.987   -4.065  -3.190  1.00 15.33 ? 59  HIS A ND1 1 
ATOM   335  C CD2 . HIS A 1 63  ? 4.874   -2.302  -3.857  1.00 8.79  ? 59  HIS A CD2 1 
ATOM   336  C CE1 . HIS A 1 63  ? 6.406   -3.769  -4.414  1.00 10.80 ? 59  HIS A CE1 1 
ATOM   337  N NE2 . HIS A 1 63  ? 5.734   -2.716  -4.840  1.00 14.92 ? 59  HIS A NE2 1 
ATOM   338  N N   . LEU A 1 64  ? 1.896   -4.737  -2.534  1.00 8.64  ? 60  LEU A N   1 
ATOM   339  C CA  . LEU A 1 64  ? 1.162   -5.194  -3.694  1.00 8.84  ? 60  LEU A CA  1 
ATOM   340  C C   . LEU A 1 64  ? 1.004   -3.946  -4.579  1.00 9.23  ? 60  LEU A C   1 
ATOM   341  O O   . LEU A 1 64  ? 0.418   -2.936  -4.160  1.00 9.81  ? 60  LEU A O   1 
ATOM   342  C CB  . LEU A 1 64  ? -0.215  -5.738  -3.289  1.00 9.28  ? 60  LEU A CB  1 
ATOM   343  C CG  . LEU A 1 64  ? -1.035  -6.445  -4.365  1.00 9.62  ? 60  LEU A CG  1 
ATOM   344  C CD1 . LEU A 1 64  ? -2.183  -7.186  -3.649  1.00 10.70 ? 60  LEU A CD1 1 
ATOM   345  C CD2 . LEU A 1 64  ? -1.570  -5.483  -5.393  1.00 10.75 ? 60  LEU A CD2 1 
ATOM   346  N N   . LEU A 1 65  ? 1.551   -4.013  -5.792  1.00 10.23 ? 61  LEU A N   1 
ATOM   347  C CA  . LEU A 1 65  ? 1.473   -2.893  -6.724  1.00 11.01 ? 61  LEU A CA  1 
ATOM   348  C C   . LEU A 1 65  ? 0.485   -3.184  -7.829  1.00 10.27 ? 61  LEU A C   1 
ATOM   349  O O   . LEU A 1 65  ? 0.505   -4.246  -8.423  1.00 10.58 ? 61  LEU A O   1 
ATOM   350  C CB  . LEU A 1 65  ? 2.847   -2.702  -7.363  1.00 10.46 ? 61  LEU A CB  1 
ATOM   351  C CG  . LEU A 1 65  ? 2.972   -1.642  -8.461  1.00 10.87 ? 61  LEU A CG  1 
ATOM   352  C CD1 . LEU A 1 65  ? 2.747   -0.235  -7.880  1.00 14.47 ? 61  LEU A CD1 1 
ATOM   353  C CD2 . LEU A 1 65  ? 4.350   -1.749  -9.069  1.00 14.31 ? 61  LEU A CD2 1 
ATOM   354  N N   . VAL A 1 66  ? -0.382  -2.204  -8.106  1.00 10.93 ? 62  VAL A N   1 
ATOM   355  C CA  . VAL A 1 66  ? -1.215  -2.259  -9.283  1.00 11.35 ? 62  VAL A CA  1 
ATOM   356  C C   . VAL A 1 66  ? -0.798  -1.107  -10.182 1.00 12.28 ? 62  VAL A C   1 
ATOM   357  O O   . VAL A 1 66  ? -0.907  0.054   -9.819  1.00 12.39 ? 62  VAL A O   1 
ATOM   358  C CB  . VAL A 1 66  ? -2.728  -2.212  -8.977  1.00 11.24 ? 62  VAL A CB  1 
ATOM   359  C CG1 . VAL A 1 66  ? -3.511  -2.239  -10.257 1.00 11.59 ? 62  VAL A CG1 1 
ATOM   360  C CG2 . VAL A 1 66  ? -3.130  -3.408  -8.135  1.00 12.24 ? 62  VAL A CG2 1 
ATOM   361  N N   . LYS A 1 67  ? -0.219  -1.456  -11.322 1.00 14.02 ? 63  LYS A N   1 
ATOM   362  C CA  . LYS A 1 67  ? 0.244   -0.426  -12.246 1.00 14.87 ? 63  LYS A CA  1 
ATOM   363  C C   . LYS A 1 67  ? -0.913  0.060   -13.110 1.00 14.86 ? 63  LYS A C   1 
ATOM   364  O O   . LYS A 1 67  ? -1.960  -0.581  -13.196 1.00 14.00 ? 63  LYS A O   1 
ATOM   365  C CB  . LYS A 1 67  ? 1.385   -0.981  -13.116 1.00 14.91 ? 63  LYS A CB  1 
ATOM   366  C CG  . LYS A 1 67  ? 2.730   -0.992  -12.412 1.00 14.56 ? 63  LYS A CG  1 
ATOM   367  C CD  . LYS A 1 67  ? 3.859   -1.416  -13.388 1.00 14.82 ? 63  LYS A CD  1 
ATOM   368  C CE  . LYS A 1 67  ? 5.190   -1.375  -12.719 1.00 15.04 ? 63  LYS A CE  1 
ATOM   369  N NZ  . LYS A 1 67  ? 6.260   -1.532  -13.772 1.00 15.44 ? 63  LYS A NZ  1 
ATOM   370  N N   . HIS A 1 68  ? -0.719  1.207   -13.763 1.00 15.47 ? 64  HIS A N   1 
ATOM   371  C CA  . HIS A 1 68  ? -1.738  1.721   -14.686 1.00 15.67 ? 64  HIS A CA  1 
ATOM   372  C C   . HIS A 1 68  ? -1.073  2.343   -15.900 1.00 16.20 ? 64  HIS A C   1 
ATOM   373  O O   . HIS A 1 68  ? 0.157   2.396   -15.974 1.00 16.12 ? 64  HIS A O   1 
ATOM   374  C CB  . HIS A 1 68  ? -2.673  2.723   -13.986 1.00 15.02 ? 64  HIS A CB  1 
ATOM   375  C CG  . HIS A 1 68  ? -1.956  3.774   -13.206 1.00 14.70 ? 64  HIS A CG  1 
ATOM   376  N ND1 . HIS A 1 68  ? -1.341  4.859   -13.794 1.00 15.79 ? 64  HIS A ND1 1 
ATOM   377  C CD2 . HIS A 1 68  ? -1.763  3.914   -11.875 1.00 15.46 ? 64  HIS A CD2 1 
ATOM   378  C CE1 . HIS A 1 68  ? -0.783  5.607   -12.861 1.00 18.92 ? 64  HIS A CE1 1 
ATOM   379  N NE2 . HIS A 1 68  ? -1.030  5.054   -11.684 1.00 16.23 ? 64  HIS A NE2 1 
ATOM   380  N N   . SER A 1 69  ? -1.894  2.818   -16.836 1.00 16.55 ? 65  SER A N   1 
ATOM   381  C CA  . SER A 1 69  ? -1.368  3.347   -18.109 1.00 17.57 ? 65  SER A CA  1 
ATOM   382  C C   . SER A 1 69  ? -0.411  4.546   -17.957 1.00 17.77 ? 65  SER A C   1 
ATOM   383  O O   . SER A 1 69  ? 0.419   4.793   -18.840 1.00 18.51 ? 65  SER A O   1 
ATOM   384  C CB  . SER A 1 69  ? -2.510  3.663   -19.078 1.00 18.05 ? 65  SER A CB  1 
ATOM   385  O OG  . SER A 1 69  ? -3.237  4.807   -18.667 1.00 20.47 ? 65  SER A OG  1 
ATOM   386  N N   . GLN A 1 70  ? -0.504  5.276   -16.840 1.00 17.35 ? 66  GLN A N   1 
ATOM   387  C CA  . GLN A 1 70  ? 0.390   6.394   -16.559 1.00 18.51 ? 66  GLN A CA  1 
ATOM   388  C C   . GLN A 1 70  ? 1.570   6.044   -15.656 1.00 17.80 ? 66  GLN A C   1 
ATOM   389  O O   . GLN A 1 70  ? 2.365   6.918   -15.302 1.00 19.22 ? 66  GLN A O   1 
ATOM   390  C CB  . GLN A 1 70  ? -0.389  7.584   -15.983 1.00 18.32 ? 66  GLN A CB  1 
ATOM   391  C CG  . GLN A 1 70  ? -1.240  8.306   -17.005 1.00 21.02 ? 66  GLN A CG  1 
ATOM   392  C CD  . GLN A 1 70  ? -1.784  9.620   -16.468 1.00 23.22 ? 66  GLN A CD  1 
ATOM   393  O OE1 . GLN A 1 70  ? -1.023  10.508  -16.075 1.00 21.97 ? 66  GLN A OE1 1 
ATOM   394  N NE2 . GLN A 1 70  ? -3.101  9.746   -16.451 1.00 27.23 ? 66  GLN A NE2 1 
ATOM   395  N N   . SER A 1 71  ? 1.705   4.760   -15.303 1.00 18.08 ? 67  SER A N   1 
ATOM   396  C CA  . SER A 1 71  ? 2.855   4.305   -14.535 1.00 18.17 ? 67  SER A CA  1 
ATOM   397  C C   . SER A 1 71  ? 4.109   4.613   -15.335 1.00 18.87 ? 67  SER A C   1 
ATOM   398  O O   . SER A 1 71  ? 4.068   4.549   -16.565 1.00 19.60 ? 67  SER A O   1 
ATOM   399  C CB  . SER A 1 71  ? 2.779   2.799   -14.295 1.00 17.92 ? 67  SER A CB  1 
ATOM   400  O OG  . SER A 1 71  ? 1.756   2.489   -13.341 1.00 16.59 ? 67  SER A OG  1 
ATOM   401  N N   . ARG A 1 72  ? 5.205   4.919   -14.644 1.00 20.18 ? 68  ARG A N   1 
ATOM   402  C CA  . ARG A 1 72  ? 6.480   5.191   -15.329 1.00 22.43 ? 68  ARG A CA  1 
ATOM   403  C C   . ARG A 1 72  ? 6.822   4.123   -16.370 1.00 22.42 ? 68  ARG A C   1 
ATOM   404  O O   . ARG A 1 72  ? 7.244   4.454   -17.487 1.00 22.50 ? 68  ARG A O   1 
ATOM   405  C CB  . ARG A 1 72  ? 7.622   5.380   -14.331 1.00 22.60 ? 68  ARG A CB  1 
ATOM   406  C CG  . ARG A 1 72  ? 8.958   5.730   -15.007 1.00 24.50 ? 68  ARG A CG  1 
ATOM   407  C CD  . ARG A 1 72  ? 10.034  6.174   -14.034 1.00 26.57 ? 68  ARG A CD  1 
ATOM   408  N NE  . ARG A 1 72  ? 11.322  6.287   -14.732 1.00 34.89 ? 68  ARG A NE  1 
ATOM   409  C CZ  . ARG A 1 72  ? 12.416  6.876   -14.246 1.00 36.47 ? 68  ARG A CZ  1 
ATOM   410  N NH1 . ARG A 1 72  ? 12.413  7.429   -13.034 1.00 38.23 ? 68  ARG A NH1 1 
ATOM   411  N NH2 . ARG A 1 72  ? 13.524  6.909   -14.980 1.00 37.56 ? 68  ARG A NH2 1 
ATOM   412  N N   . ARG A 1 73  ? 6.610   2.857   -16.007 1.00 22.06 ? 69  ARG A N   1 
ATOM   413  C CA  . ARG A 1 73  ? 6.895   1.709   -16.857 1.00 21.60 ? 69  ARG A CA  1 
ATOM   414  C C   . ARG A 1 73  ? 5.633   0.820   -16.889 1.00 20.44 ? 69  ARG A C   1 
ATOM   415  O O   . ARG A 1 73  ? 5.484   -0.072  -16.039 1.00 18.89 ? 69  ARG A O   1 
ATOM   416  C CB  . ARG A 1 73  ? 8.095   0.953   -16.269 1.00 22.85 ? 69  ARG A CB  1 
ATOM   417  C CG  . ARG A 1 73  ? 9.124   0.424   -17.267 1.00 27.04 ? 69  ARG A CG  1 
ATOM   418  C CD  . ARG A 1 73  ? 9.077   -1.105  -17.413 1.00 31.45 ? 69  ARG A CD  1 
ATOM   419  N NE  . ARG A 1 73  ? 9.130   -1.808  -16.127 1.00 33.88 ? 69  ARG A NE  1 
ATOM   420  C CZ  . ARG A 1 73  ? 8.962   -3.122  -15.980 1.00 34.50 ? 69  ARG A CZ  1 
ATOM   421  N NH1 . ARG A 1 73  ? 8.738   -3.888  -17.037 1.00 36.45 ? 69  ARG A NH1 1 
ATOM   422  N NH2 . ARG A 1 73  ? 9.016   -3.675  -14.774 1.00 35.65 ? 69  ARG A NH2 1 
ATOM   423  N N   . PRO A 1 74  ? 4.705   1.065   -17.837 1.00 18.98 ? 70  PRO A N   1 
ATOM   424  C CA  . PRO A 1 74  ? 3.420   0.356   -17.935 1.00 18.89 ? 70  PRO A CA  1 
ATOM   425  C C   . PRO A 1 74  ? 3.524   -1.070  -18.497 1.00 17.97 ? 70  PRO A C   1 
ATOM   426  O O   . PRO A 1 74  ? 2.941   -1.408  -19.547 1.00 18.12 ? 70  PRO A O   1 
ATOM   427  C CB  . PRO A 1 74  ? 2.587   1.250   -18.845 1.00 19.39 ? 70  PRO A CB  1 
ATOM   428  C CG  . PRO A 1 74  ? 3.600   1.906   -19.715 1.00 19.24 ? 70  PRO A CG  1 
ATOM   429  C CD  . PRO A 1 74  ? 4.844   2.091   -18.898 1.00 19.72 ? 70  PRO A CD  1 
ATOM   430  N N   . SER A 1 75  ? 4.251   -1.905  -17.759 1.00 17.33 ? 71  SER A N   1 
ATOM   431  C CA  . SER A 1 75  ? 4.521   -3.294  -18.139 1.00 16.95 ? 71  SER A CA  1 
ATOM   432  C C   . SER A 1 75  ? 4.863   -4.024  -16.856 1.00 16.19 ? 71  SER A C   1 
ATOM   433  O O   . SER A 1 75  ? 5.411   -3.423  -15.946 1.00 16.00 ? 71  SER A O   1 
ATOM   434  C CB  . SER A 1 75  ? 5.758   -3.338  -19.060 1.00 16.85 ? 71  SER A CB  1 
ATOM   435  O OG  . SER A 1 75  ? 5.974   -4.633  -19.598 1.00 19.06 ? 71  SER A OG  1 
ATOM   436  N N   . SER A 1 76  ? 4.543   -5.311  -16.781 1.00 15.37 ? 72  SER A N   1 
ATOM   437  C CA  . SER A 1 76  ? 4.983   -6.121  -15.626 1.00 15.81 ? 72  SER A CA  1 
ATOM   438  C C   . SER A 1 76  ? 5.062   -7.579  -16.034 1.00 16.01 ? 72  SER A C   1 
ATOM   439  O O   . SER A 1 76  ? 4.728   -7.941  -17.164 1.00 16.94 ? 72  SER A O   1 
ATOM   440  C CB  . SER A 1 76  ? 4.012   -5.973  -14.436 1.00 15.48 ? 72  SER A CB  1 
ATOM   441  O OG  . SER A 1 76  ? 2.854   -6.742  -14.672 1.00 14.33 ? 72  SER A OG  1 
ATOM   442  N N   . TRP A 1 77  ? 5.450   -8.444  -15.098 1.00 16.72 ? 73  TRP A N   1 
ATOM   443  C CA  . TRP A 1 77  ? 5.450   -9.881  -15.368 1.00 16.60 ? 73  TRP A CA  1 
ATOM   444  C C   . TRP A 1 77  ? 4.055   -10.414 -15.696 1.00 16.45 ? 73  TRP A C   1 
ATOM   445  O O   . TRP A 1 77  ? 3.916   -11.464 -16.303 1.00 17.38 ? 73  TRP A O   1 
ATOM   446  C CB  . TRP A 1 77  ? 6.061   -10.662 -14.197 1.00 16.34 ? 73  TRP A CB  1 
ATOM   447  C CG  . TRP A 1 77  ? 5.224   -10.677 -12.947 1.00 16.88 ? 73  TRP A CG  1 
ATOM   448  C CD1 . TRP A 1 77  ? 5.264   -9.776  -11.926 1.00 16.23 ? 73  TRP A CD1 1 
ATOM   449  C CD2 . TRP A 1 77  ? 4.239   -11.656 -12.593 1.00 14.62 ? 73  TRP A CD2 1 
ATOM   450  N NE1 . TRP A 1 77  ? 4.345   -10.134 -10.951 1.00 16.22 ? 73  TRP A NE1 1 
ATOM   451  C CE2 . TRP A 1 77  ? 3.699   -11.276 -11.344 1.00 15.48 ? 73  TRP A CE2 1 
ATOM   452  C CE3 . TRP A 1 77  ? 3.736   -12.808 -13.224 1.00 14.30 ? 73  TRP A CE3 1 
ATOM   453  C CZ2 . TRP A 1 77  ? 2.699   -12.022 -10.703 1.00 16.65 ? 73  TRP A CZ2 1 
ATOM   454  C CZ3 . TRP A 1 77  ? 2.745   -13.552 -12.580 1.00 16.14 ? 73  TRP A CZ3 1 
ATOM   455  C CH2 . TRP A 1 77  ? 2.230   -13.142 -11.331 1.00 15.10 ? 73  TRP A CH2 1 
ATOM   456  N N   . ARG A 1 78  ? 3.017   -9.686  -15.263 1.00 16.28 ? 74  ARG A N   1 
ATOM   457  C CA  . ARG A 1 78  ? 1.639   -10.106 -15.444 1.00 16.92 ? 74  ARG A CA  1 
ATOM   458  C C   . ARG A 1 78  ? 1.123   -9.794  -16.840 1.00 17.38 ? 74  ARG A C   1 
ATOM   459  O O   . ARG A 1 78  ? 0.285   -10.510 -17.358 1.00 18.45 ? 74  ARG A O   1 
ATOM   460  C CB  . ARG A 1 78  ? 0.726   -9.410  -14.422 1.00 16.67 ? 74  ARG A CB  1 
ATOM   461  C CG  . ARG A 1 78  ? 1.092   -9.693  -12.961 1.00 16.32 ? 74  ARG A CG  1 
ATOM   462  C CD  . ARG A 1 78  ? -0.101  -9.410  -12.037 1.00 15.90 ? 74  ARG A CD  1 
ATOM   463  N NE  . ARG A 1 78  ? -1.222  -10.283 -12.379 1.00 15.83 ? 74  ARG A NE  1 
ATOM   464  C CZ  . ARG A 1 78  ? -2.488  -9.895  -12.430 1.00 15.51 ? 74  ARG A CZ  1 
ATOM   465  N NH1 . ARG A 1 78  ? -2.821  -8.637  -12.140 1.00 18.35 ? 74  ARG A NH1 1 
ATOM   466  N NH2 . ARG A 1 78  ? -3.423  -10.761 -12.767 1.00 19.84 ? 74  ARG A NH2 1 
ATOM   467  N N   . GLN A 1 79  ? 1.608   -8.693  -17.411 1.00 18.17 ? 75  GLN A N   1 
ATOM   468  C CA  . GLN A 1 79  ? 0.977   -8.142  -18.596 1.00 19.10 ? 75  GLN A CA  1 
ATOM   469  C C   . GLN A 1 79  ? 1.995   -7.274  -19.302 1.00 17.71 ? 75  GLN A C   1 
ATOM   470  O O   . GLN A 1 79  ? 2.535   -6.347  -18.726 1.00 18.06 ? 75  GLN A O   1 
ATOM   471  C CB  . GLN A 1 79  ? -0.219  -7.301  -18.167 1.00 18.75 ? 75  GLN A CB  1 
ATOM   472  C CG  . GLN A 1 79  ? -1.129  -6.833  -19.278 1.00 21.18 ? 75  GLN A CG  1 
ATOM   473  C CD  . GLN A 1 79  ? -2.400  -6.179  -18.733 1.00 21.35 ? 75  GLN A CD  1 
ATOM   474  O OE1 . GLN A 1 79  ? -3.478  -6.322  -19.320 1.00 26.43 ? 75  GLN A OE1 1 
ATOM   475  N NE2 . GLN A 1 79  ? -2.273  -5.459  -17.605 1.00 21.40 ? 75  GLN A NE2 1 
ATOM   476  N N   . GLU A 1 80  ? 2.246   -7.569  -20.576 1.00 18.19 ? 76  GLU A N   1 
ATOM   477  C CA  . GLU A 1 80  ? 3.301   -6.865  -21.294 1.00 17.55 ? 76  GLU A CA  1 
ATOM   478  C C   . GLU A 1 80  ? 2.988   -5.374  -21.509 1.00 17.63 ? 76  GLU A C   1 
ATOM   479  O O   . GLU A 1 80  ? 3.858   -4.539  -21.324 1.00 17.56 ? 76  GLU A O   1 
ATOM   480  C CB  . GLU A 1 80  ? 3.612   -7.557  -22.624 1.00 18.15 ? 76  GLU A CB  1 
ATOM   481  C CG  . GLU A 1 80  ? 4.862   -7.020  -23.288 1.00 17.48 ? 76  GLU A CG  1 
ATOM   482  C CD  . GLU A 1 80  ? 5.367   -7.903  -24.444 1.00 16.96 ? 76  GLU A CD  1 
ATOM   483  O OE1 . GLU A 1 80  ? 4.647   -8.830  -24.855 1.00 16.92 ? 76  GLU A OE1 1 
ATOM   484  O OE2 . GLU A 1 80  ? 6.499   -7.644  -24.914 1.00 19.73 ? 76  GLU A OE2 1 
ATOM   485  N N   . LYS A 1 81  ? 1.744   -5.074  -21.866 1.00 18.63 ? 77  LYS A N   1 
ATOM   486  C CA  . LYS A 1 81  ? 1.272   -3.695  -22.039 1.00 20.09 ? 77  LYS A CA  1 
ATOM   487  C C   . LYS A 1 81  ? 0.141   -3.472  -21.024 1.00 19.33 ? 77  LYS A C   1 
ATOM   488  O O   . LYS A 1 81  ? -0.938  -4.033  -21.168 1.00 20.27 ? 77  LYS A O   1 
ATOM   489  C CB  . LYS A 1 81  ? 0.778   -3.480  -23.480 1.00 20.67 ? 77  LYS A CB  1 
ATOM   490  C CG  . LYS A 1 81  ? 0.442   -2.034  -23.810 1.00 21.76 ? 77  LYS A CG  1 
ATOM   491  C CD  . LYS A 1 81  ? -0.252  -1.887  -25.168 1.00 21.66 ? 77  LYS A CD  1 
ATOM   492  C CE  . LYS A 1 81  ? -0.462  -0.409  -25.524 1.00 24.04 ? 77  LYS A CE  1 
ATOM   493  N NZ  . LYS A 1 81  ? 0.777   0.399   -25.323 1.00 25.25 ? 77  LYS A NZ  1 
ATOM   494  N N   . ILE A 1 82  ? 0.413   -2.671  -20.005 1.00 19.15 ? 78  ILE A N   1 
ATOM   495  C CA  . ILE A 1 82  ? -0.619  -2.387  -19.011 1.00 19.56 ? 78  ILE A CA  1 
ATOM   496  C C   . ILE A 1 82  ? -1.425  -1.189  -19.481 1.00 19.26 ? 78  ILE A C   1 
ATOM   497  O O   . ILE A 1 82  ? -0.891  -0.093  -19.643 1.00 20.21 ? 78  ILE A O   1 
ATOM   498  C CB  . ILE A 1 82  ? -0.037  -2.179  -17.619 1.00 19.58 ? 78  ILE A CB  1 
ATOM   499  C CG1 . ILE A 1 82  ? 0.591   -3.504  -17.159 1.00 20.17 ? 78  ILE A CG1 1 
ATOM   500  C CG2 . ILE A 1 82  ? -1.136  -1.692  -16.642 1.00 18.85 ? 78  ILE A CG2 1 
ATOM   501  C CD1 . ILE A 1 82  ? 1.225   -3.491  -15.810 1.00 20.53 ? 78  ILE A CD1 1 
ATOM   502  N N   . THR A 1 83  ? -2.714  -1.424  -19.676 1.00 19.45 ? 79  THR A N   1 
ATOM   503  C CA  . THR A 1 83  ? -3.588  -0.447  -20.310 1.00 20.16 ? 79  THR A CA  1 
ATOM   504  C C   . THR A 1 83  ? -4.657  0.110   -19.377 1.00 19.62 ? 79  THR A C   1 
ATOM   505  O O   . THR A 1 83  ? -5.336  1.090   -19.715 1.00 19.86 ? 79  THR A O   1 
ATOM   506  C CB  . THR A 1 83  ? -4.272  -1.064  -21.547 1.00 20.58 ? 79  THR A CB  1 
ATOM   507  O OG1 . THR A 1 83  ? -5.040  -2.211  -21.154 1.00 22.29 ? 79  THR A OG1 1 
ATOM   508  C CG2 . THR A 1 83  ? -3.237  -1.468  -22.588 1.00 22.27 ? 79  THR A CG2 1 
ATOM   509  N N   . ARG A 1 84  ? -4.823  -0.511  -18.210 1.00 18.33 ? 80  ARG A N   1 
ATOM   510  C CA  . ARG A 1 84  ? -5.870  -0.061  -17.296 1.00 16.92 ? 80  ARG A CA  1 
ATOM   511  C C   . ARG A 1 84  ? -5.633  1.390   -16.881 1.00 16.60 ? 80  ARG A C   1 
ATOM   512  O O   . ARG A 1 84  ? -4.490  1.848   -16.783 1.00 16.98 ? 80  ARG A O   1 
ATOM   513  C CB  . ARG A 1 84  ? -5.977  -1.005  -16.077 1.00 17.25 ? 80  ARG A CB  1 
ATOM   514  C CG  . ARG A 1 84  ? -4.851  -0.842  -15.045 1.00 16.36 ? 80  ARG A CG  1 
ATOM   515  C CD  . ARG A 1 84  ? -5.080  -1.680  -13.792 1.00 16.28 ? 80  ARG A CD  1 
ATOM   516  N NE  . ARG A 1 84  ? -5.034  -3.118  -14.050 1.00 15.29 ? 80  ARG A NE  1 
ATOM   517  C CZ  . ARG A 1 84  ? -3.930  -3.880  -13.968 1.00 13.85 ? 80  ARG A CZ  1 
ATOM   518  N NH1 . ARG A 1 84  ? -2.758  -3.347  -13.639 1.00 12.95 ? 80  ARG A NH1 1 
ATOM   519  N NH2 . ARG A 1 84  ? -4.016  -5.184  -14.199 1.00 14.99 ? 80  ARG A NH2 1 
ATOM   520  N N   . THR A 1 85  ? -6.728  2.108   -16.637 1.00 16.14 ? 81  THR A N   1 
ATOM   521  C CA  . THR A 1 85  ? -6.663  3.483   -16.199 1.00 16.63 ? 81  THR A CA  1 
ATOM   522  C C   . THR A 1 85  ? -6.274  3.523   -14.724 1.00 16.25 ? 81  THR A C   1 
ATOM   523  O O   . THR A 1 85  ? -6.397  2.513   -14.017 1.00 15.63 ? 81  THR A O   1 
ATOM   524  C CB  . THR A 1 85  ? -8.013  4.216   -16.391 1.00 16.59 ? 81  THR A CB  1 
ATOM   525  O OG1 . THR A 1 85  ? -8.998  3.660   -15.507 1.00 17.25 ? 81  THR A OG1 1 
ATOM   526  C CG2 . THR A 1 85  ? -8.500  4.096   -17.835 1.00 18.62 ? 81  THR A CG2 1 
ATOM   527  N N   . LYS A 1 86  ? -5.796  4.672   -14.273 1.00 16.94 ? 82  LYS A N   1 
ATOM   528  C CA  . LYS A 1 86  ? -5.536  4.876   -12.853 1.00 16.97 ? 82  LYS A CA  1 
ATOM   529  C C   . LYS A 1 86  ? -6.787  4.620   -12.016 1.00 17.16 ? 82  LYS A C   1 
ATOM   530  O O   . LYS A 1 86  ? -6.717  4.015   -10.950 1.00 15.91 ? 82  LYS A O   1 
ATOM   531  C CB  . LYS A 1 86  ? -5.018  6.277   -12.623 1.00 17.80 ? 82  LYS A CB  1 
ATOM   532  C CG  . LYS A 1 86  ? -4.616  6.514   -11.187 1.00 19.94 ? 82  LYS A CG  1 
ATOM   533  C CD  . LYS A 1 86  ? -4.369  7.975   -10.933 1.00 25.44 ? 82  LYS A CD  1 
ATOM   534  C CE  . LYS A 1 86  ? -3.080  8.419   -11.593 1.00 28.60 ? 82  LYS A CE  1 
ATOM   535  N NZ  . LYS A 1 86  ? -3.086  9.885   -11.820 1.00 30.54 ? 82  LYS A NZ  1 
ATOM   536  N N   . GLU A 1 87  ? -7.938  5.070   -12.505 1.00 16.56 ? 83  GLU A N   1 
ATOM   537  C CA  . GLU A 1 87  ? -9.190  4.836   -11.807 1.00 16.98 ? 83  GLU A CA  1 
ATOM   538  C C   . GLU A 1 87  ? -9.480  3.334   -11.648 1.00 15.94 ? 83  GLU A C   1 
ATOM   539  O O   . GLU A 1 87  ? -9.851  2.899   -10.560 1.00 15.54 ? 83  GLU A O   1 
ATOM   540  C CB  . GLU A 1 87  ? -10.330 5.565   -12.532 1.00 17.50 ? 83  GLU A CB  1 
ATOM   541  C CG  . GLU A 1 87  ? -10.175 7.117   -12.585 1.00 22.40 ? 83  GLU A CG  1 
ATOM   542  C CD  . GLU A 1 87  ? -9.004  7.646   -13.472 1.00 26.42 ? 83  GLU A CD  1 
ATOM   543  O OE1 . GLU A 1 87  ? -8.643  7.016   -14.498 1.00 24.82 ? 83  GLU A OE1 1 
ATOM   544  O OE2 . GLU A 1 87  ? -8.441  8.725   -13.133 1.00 30.69 ? 83  GLU A OE2 1 
ATOM   545  N N   . GLU A 1 88  ? -9.249  2.543   -12.701 1.00 14.87 ? 84  GLU A N   1 
ATOM   546  C CA  . GLU A 1 88  ? -9.432  1.090   -12.675 1.00 15.33 ? 84  GLU A CA  1 
ATOM   547  C C   . GLU A 1 88  ? -8.442  0.410   -11.710 1.00 14.02 ? 84  GLU A C   1 
ATOM   548  O O   . GLU A 1 88  ? -8.805  -0.527  -10.973 1.00 14.64 ? 84  GLU A O   1 
ATOM   549  C CB  . GLU A 1 88  ? -9.304  0.500   -14.091 1.00 15.62 ? 84  GLU A CB  1 
ATOM   550  C CG  . GLU A 1 88  ? -10.530 0.773   -14.963 1.00 17.20 ? 84  GLU A CG  1 
ATOM   551  C CD  . GLU A 1 88  ? -10.292 0.514   -16.451 1.00 18.58 ? 84  GLU A CD  1 
ATOM   552  O OE1 . GLU A 1 88  ? -9.119  0.489   -16.890 1.00 20.20 ? 84  GLU A OE1 1 
ATOM   553  O OE2 . GLU A 1 88  ? -11.295 0.376   -17.186 1.00 22.68 ? 84  GLU A OE2 1 
ATOM   554  N N   . ALA A 1 89  ? -7.209  0.900   -11.717 1.00 13.78 ? 85  ALA A N   1 
ATOM   555  C CA  . ALA A 1 89  ? -6.189  0.418   -10.787 1.00 13.07 ? 85  ALA A CA  1 
ATOM   556  C C   . ALA A 1 89  ? -6.610  0.651   -9.338  1.00 13.02 ? 85  ALA A C   1 
ATOM   557  O O   . ALA A 1 89  ? -6.445  -0.239  -8.479  1.00 12.15 ? 85  ALA A O   1 
ATOM   558  C CB  . ALA A 1 89  ? -4.852  1.089   -11.074 1.00 12.65 ? 85  ALA A CB  1 
ATOM   559  N N   . LEU A 1 90  ? -7.172  1.830   -9.066  1.00 12.21 ? 86  LEU A N   1 
ATOM   560  C CA  . LEU A 1 90  ? -7.603  2.145   -7.715  1.00 12.25 ? 86  LEU A CA  1 
ATOM   561  C C   . LEU A 1 90  ? -8.761  1.233   -7.305  1.00 11.95 ? 86  LEU A C   1 
ATOM   562  O O   . LEU A 1 90  ? -8.799  0.771   -6.168  1.00 11.69 ? 86  LEU A O   1 
ATOM   563  C CB  . LEU A 1 90  ? -7.989  3.621   -7.577  1.00 11.38 ? 86  LEU A CB  1 
ATOM   564  C CG  . LEU A 1 90  ? -8.396  4.085   -6.168  1.00 12.86 ? 86  LEU A CG  1 
ATOM   565  C CD1 . LEU A 1 90  ? -7.291  3.824   -5.123  1.00 12.29 ? 86  LEU A CD1 1 
ATOM   566  C CD2 . LEU A 1 90  ? -8.762  5.558   -6.221  1.00 12.33 ? 86  LEU A CD2 1 
ATOM   567  N N   . GLU A 1 91  ? -9.704  0.958   -8.207  1.00 12.76 ? 87  GLU A N   1 
ATOM   568  C CA  . GLU A 1 91  ? -10.787 0.003   -7.875  1.00 14.14 ? 87  GLU A CA  1 
ATOM   569  C C   . GLU A 1 91  ? -10.266 -1.380  -7.492  1.00 12.86 ? 87  GLU A C   1 
ATOM   570  O O   . GLU A 1 91  ? -10.764 -2.003  -6.532  1.00 13.69 ? 87  GLU A O   1 
ATOM   571  C CB  . GLU A 1 91  ? -11.812 -0.130  -9.008  1.00 15.14 ? 87  GLU A CB  1 
ATOM   572  C CG  . GLU A 1 91  ? -12.568 1.151   -9.321  1.00 21.18 ? 87  GLU A CG  1 
ATOM   573  C CD  . GLU A 1 91  ? -13.390 1.017   -10.596 1.00 28.44 ? 87  GLU A CD  1 
ATOM   574  O OE1 . GLU A 1 91  ? -14.387 0.260   -10.552 1.00 32.05 ? 87  GLU A OE1 1 
ATOM   575  O OE2 . GLU A 1 91  ? -13.037 1.650   -11.636 1.00 31.70 ? 87  GLU A OE2 1 
ATOM   576  N N   . LEU A 1 92  ? -9.267  -1.848  -8.236  1.00 11.87 ? 88  LEU A N   1 
ATOM   577  C CA  . LEU A 1 92  ? -8.628  -3.128  -7.954  1.00 11.55 ? 88  LEU A CA  1 
ATOM   578  C C   . LEU A 1 92  ? -7.967  -3.121  -6.581  1.00 10.84 ? 88  LEU A C   1 
ATOM   579  O O   . LEU A 1 92  ? -8.181  -4.049  -5.791  1.00 10.20 ? 88  LEU A O   1 
ATOM   580  C CB  . LEU A 1 92  ? -7.578  -3.424  -9.033  1.00 12.07 ? 88  LEU A CB  1 
ATOM   581  C CG  . LEU A 1 92  ? -8.188  -3.883  -10.369 1.00 14.07 ? 88  LEU A CG  1 
ATOM   582  C CD1 . LEU A 1 92  ? -7.164  -3.808  -11.518 1.00 13.29 ? 88  LEU A CD1 1 
ATOM   583  C CD2 . LEU A 1 92  ? -8.746  -5.286  -10.267 1.00 14.17 ? 88  LEU A CD2 1 
ATOM   584  N N   . ILE A 1 93  ? -7.208  -2.065  -6.290  1.00 10.18 ? 89  ILE A N   1 
ATOM   585  C CA  . ILE A 1 93  ? -6.546  -1.927  -5.001  1.00 10.08 ? 89  ILE A CA  1 
ATOM   586  C C   . ILE A 1 93  ? -7.606  -1.964  -3.899  1.00 9.63  ? 89  ILE A C   1 
ATOM   587  O O   . ILE A 1 93  ? -7.448  -2.674  -2.894  1.00 9.93  ? 89  ILE A O   1 
ATOM   588  C CB  . ILE A 1 93  ? -5.696  -0.628  -4.936  1.00 9.41  ? 89  ILE A CB  1 
ATOM   589  C CG1 . ILE A 1 93  ? -4.406  -0.765  -5.773  1.00 11.71 ? 89  ILE A CG1 1 
ATOM   590  C CG2 . ILE A 1 93  ? -5.394  -0.218  -3.498  1.00 10.69 ? 89  ILE A CG2 1 
ATOM   591  C CD1 . ILE A 1 93  ? -3.264  -1.540  -5.086  1.00 10.26 ? 89  ILE A CD1 1 
ATOM   592  N N   . ASN A 1 94  ? -8.678  -1.192  -4.087  1.00 10.44 ? 90  ASN A N   1 
ATOM   593  C CA  . ASN A 1 94  ? -9.701  -1.104  -3.040  1.00 10.16 ? 90  ASN A CA  1 
ATOM   594  C C   . ASN A 1 94  ? -10.332 -2.465  -2.788  1.00 10.61 ? 90  ASN A C   1 
ATOM   595  O O   . ASN A 1 94  ? -10.615 -2.804  -1.633  1.00 10.53 ? 90  ASN A O   1 
ATOM   596  C CB  . ASN A 1 94  ? -10.758 -0.079  -3.441  1.00 11.57 ? 90  ASN A CB  1 
ATOM   597  C CG  . ASN A 1 94  ? -10.304 1.345   -3.230  1.00 12.96 ? 90  ASN A CG  1 
ATOM   598  O OD1 . ASN A 1 94  ? -9.399  1.617   -2.438  1.00 17.08 ? 90  ASN A OD1 1 
ATOM   599  N ND2 . ASN A 1 94  ? -10.956 2.270   -3.914  1.00 17.61 ? 90  ASN A ND2 1 
ATOM   600  N N   . GLY A 1 95  ? -10.540 -3.250  -3.849  1.00 10.41 ? 91  GLY A N   1 
ATOM   601  C CA  . GLY A 1 95  ? -11.084 -4.617  -3.721  1.00 9.84  ? 91  GLY A CA  1 
ATOM   602  C C   . GLY A 1 95  ? -10.139 -5.526  -2.954  1.00 10.40 ? 91  GLY A C   1 
ATOM   603  O O   . GLY A 1 95  ? -10.542 -6.322  -2.096  1.00 11.78 ? 91  GLY A O   1 
ATOM   604  N N   . TYR A 1 96  ? -8.858  -5.436  -3.260  1.00 9.08  ? 92  TYR A N   1 
ATOM   605  C CA  . TYR A 1 96  ? -7.895  -6.259  -2.540  1.00 9.52  ? 92  TYR A CA  1 
ATOM   606  C C   . TYR A 1 96  ? -7.863  -5.898  -1.054  1.00 9.05  ? 92  TYR A C   1 
ATOM   607  O O   . TYR A 1 96  ? -7.813  -6.794  -0.213  1.00 8.79  ? 92  TYR A O   1 
ATOM   608  C CB  . TYR A 1 96  ? -6.477  -6.129  -3.136  1.00 9.71  ? 92  TYR A CB  1 
ATOM   609  C CG  . TYR A 1 96  ? -6.341  -6.566  -4.578  1.00 10.17 ? 92  TYR A CG  1 
ATOM   610  C CD1 . TYR A 1 96  ? -6.990  -7.709  -5.039  1.00 10.76 ? 92  TYR A CD1 1 
ATOM   611  C CD2 . TYR A 1 96  ? -5.493  -5.877  -5.457  1.00 9.65  ? 92  TYR A CD2 1 
ATOM   612  C CE1 . TYR A 1 96  ? -6.866  -8.124  -6.371  1.00 11.45 ? 92  TYR A CE1 1 
ATOM   613  C CE2 . TYR A 1 96  ? -5.362  -6.293  -6.777  1.00 9.84  ? 92  TYR A CE2 1 
ATOM   614  C CZ  . TYR A 1 96  ? -6.037  -7.400  -7.222  1.00 9.64  ? 92  TYR A CZ  1 
ATOM   615  O OH  . TYR A 1 96  ? -5.907  -7.786  -8.537  1.00 12.46 ? 92  TYR A OH  1 
ATOM   616  N N   . ILE A 1 97  ? -7.847  -4.597  -0.744  1.00 8.44  ? 93  ILE A N   1 
ATOM   617  C CA  . ILE A 1 97  ? -7.944  -4.132  0.652   1.00 8.68  ? 93  ILE A CA  1 
ATOM   618  C C   . ILE A 1 97  ? -9.160  -4.711  1.371   1.00 9.36  ? 93  ILE A C   1 
ATOM   619  O O   . ILE A 1 97  ? -9.047  -5.212  2.497   1.00 9.42  ? 93  ILE A O   1 
ATOM   620  C CB  . ILE A 1 97  ? -7.903  -2.582  0.756   1.00 8.43  ? 93  ILE A CB  1 
ATOM   621  C CG1 . ILE A 1 97  ? -6.502  -2.076  0.373   1.00 10.37 ? 93  ILE A CG1 1 
ATOM   622  C CG2 . ILE A 1 97  ? -8.208  -2.100  2.210   1.00 9.00  ? 93  ILE A CG2 1 
ATOM   623  C CD1 . ILE A 1 97  ? -6.393  -0.558  0.306   1.00 9.55  ? 93  ILE A CD1 1 
ATOM   624  N N   . GLN A 1 98  ? -10.317 -4.672  0.713   1.00 10.04 ? 94  GLN A N   1 
ATOM   625  C CA  . GLN A 1 98  ? -11.524 -5.282  1.301   1.00 10.52 ? 94  GLN A CA  1 
ATOM   626  C C   . GLN A 1 98  ? -11.338 -6.745  1.657   1.00 10.80 ? 94  GLN A C   1 
ATOM   627  O O   . GLN A 1 98  ? -11.725 -7.166  2.754   1.00 11.43 ? 94  GLN A O   1 
ATOM   628  C CB  . GLN A 1 98  ? -12.738 -5.128  0.379   1.00 11.25 ? 94  GLN A CB  1 
ATOM   629  C CG  . GLN A 1 98  ? -13.246 -3.716  0.320   1.00 13.80 ? 94  GLN A CG  1 
ATOM   630  C CD  . GLN A 1 98  ? -14.466 -3.553  -0.567  1.00 20.56 ? 94  GLN A CD  1 
ATOM   631  O OE1 . GLN A 1 98  ? -14.487 -4.011  -1.714  1.00 23.66 ? 94  GLN A OE1 1 
ATOM   632  N NE2 . GLN A 1 98  ? -15.496 -2.893  -0.034  1.00 23.93 ? 94  GLN A NE2 1 
ATOM   633  N N   . LYS A 1 99  ? -10.807 -7.538  0.723   1.00 10.63 ? 95  LYS A N   1 
ATOM   634  C CA  . LYS A 1 99  ? -10.638 -8.972  0.940   1.00 11.88 ? 95  LYS A CA  1 
ATOM   635  C C   . LYS A 1 99  ? -9.610  -9.242  2.040   1.00 10.20 ? 95  LYS A C   1 
ATOM   636  O O   . LYS A 1 99  ? -9.750  -10.197 2.816   1.00 11.06 ? 95  LYS A O   1 
ATOM   637  C CB  . LYS A 1 99  ? -10.243 -9.680  -0.372  1.00 12.38 ? 95  LYS A CB  1 
ATOM   638  C CG  . LYS A 1 99  ? -11.320 -9.672  -1.466  1.00 16.43 ? 95  LYS A CG  1 
ATOM   639  C CD  . LYS A 1 99  ? -10.741 -10.184 -2.802  1.00 18.44 ? 95  LYS A CD  1 
ATOM   640  C CE  . LYS A 1 99  ? -11.433 -9.529  -4.042  1.00 24.98 ? 95  LYS A CE  1 
ATOM   641  N NZ  . LYS A 1 99  ? -10.658 -8.400  -4.747  1.00 23.06 ? 95  LYS A NZ  1 
ATOM   642  N N   . ILE A 1 100 ? -8.563  -8.412  2.108   1.00 9.50  ? 96  ILE A N   1 
ATOM   643  C CA  . ILE A 1 100 ? -7.534  -8.576  3.133   1.00 9.63  ? 96  ILE A CA  1 
ATOM   644  C C   . ILE A 1 100 ? -8.137  -8.257  4.507   1.00 9.07  ? 96  ILE A C   1 
ATOM   645  O O   . ILE A 1 100 ? -7.949  -9.001  5.477   1.00 9.66  ? 96  ILE A O   1 
ATOM   646  C CB  . ILE A 1 100 ? -6.294  -7.703  2.837   1.00 8.92  ? 96  ILE A CB  1 
ATOM   647  C CG1 . ILE A 1 100 ? -5.601  -8.223  1.583   1.00 9.48  ? 96  ILE A CG1 1 
ATOM   648  C CG2 . ILE A 1 100 ? -5.317  -7.762  4.005   1.00 10.50 ? 96  ILE A CG2 1 
ATOM   649  C CD1 . ILE A 1 100 ? -4.634  -7.217  0.967   1.00 9.61  ? 96  ILE A CD1 1 
ATOM   650  N N   . LYS A 1 101 ? -8.887  -7.167  4.579   1.00 9.40  ? 97  LYS A N   1 
ATOM   651  C CA  . LYS A 1 101 ? -9.473  -6.760  5.868   1.00 9.23  ? 97  LYS A CA  1 
ATOM   652  C C   . LYS A 1 101 ? -10.535 -7.718  6.358   1.00 10.50 ? 97  LYS A C   1 
ATOM   653  O O   . LYS A 1 101 ? -10.676 -7.904  7.556   1.00 10.36 ? 97  LYS A O   1 
ATOM   654  C CB  . LYS A 1 101 ? -10.042 -5.345  5.814   1.00 9.80  ? 97  LYS A CB  1 
ATOM   655  C CG  . LYS A 1 101 ? -8.958  -4.285  5.839   1.00 10.52 ? 97  LYS A CG  1 
ATOM   656  C CD  . LYS A 1 101 ? -9.612  -2.948  6.123   1.00 12.52 ? 97  LYS A CD  1 
ATOM   657  C CE  . LYS A 1 101 ? -8.563  -1.888  6.351   1.00 12.22 ? 97  LYS A CE  1 
ATOM   658  N NZ  . LYS A 1 101 ? -9.120  -0.568  6.776   1.00 12.41 ? 97  LYS A NZ  1 
ATOM   659  N N   . SER A 1 102 ? -11.287 -8.296  5.441   1.00 10.54 ? 98  SER A N   1 
ATOM   660  C CA  . SER A 1 102 ? -12.325 -9.271  5.823   1.00 11.25 ? 98  SER A CA  1 
ATOM   661  C C   . SER A 1 102 ? -11.753 -10.632 6.220   1.00 12.11 ? 98  SER A C   1 
ATOM   662  O O   . SER A 1 102 ? -12.449 -11.459 6.830   1.00 12.89 ? 98  SER A O   1 
ATOM   663  C CB  . SER A 1 102 ? -13.305 -9.465  4.677   1.00 12.45 ? 98  SER A CB  1 
ATOM   664  O OG  . SER A 1 102 ? -12.722 -10.208 3.614   1.00 12.24 ? 98  SER A OG  1 
ATOM   665  N N   . GLY A 1 103 ? -10.509 -10.901 5.839   1.00 11.62 ? 99  GLY A N   1 
ATOM   666  C CA  . GLY A 1 103 ? -9.929  -12.215 6.059   1.00 12.57 ? 99  GLY A CA  1 
ATOM   667  C C   . GLY A 1 103 ? -10.247 -13.238 4.977   1.00 13.37 ? 99  GLY A C   1 
ATOM   668  O O   . GLY A 1 103 ? -9.782  -14.384 5.068   1.00 15.88 ? 99  GLY A O   1 
ATOM   669  N N   . GLU A 1 104 ? -10.983 -12.829 3.943   1.00 14.35 ? 100 GLU A N   1 
ATOM   670  C CA  . GLU A 1 104 ? -11.310 -13.708 2.811   1.00 16.71 ? 100 GLU A CA  1 
ATOM   671  C C   . GLU A 1 104 ? -10.034 -14.124 2.092   1.00 16.90 ? 100 GLU A C   1 
ATOM   672  O O   . GLU A 1 104 ? -9.947  -15.239 1.580   1.00 17.73 ? 100 GLU A O   1 
ATOM   673  C CB  . GLU A 1 104 ? -12.232 -13.023 1.799   1.00 17.85 ? 100 GLU A CB  1 
ATOM   674  C CG  . GLU A 1 104 ? -13.615 -12.631 2.268   1.00 22.38 ? 100 GLU A CG  1 
ATOM   675  C CD  . GLU A 1 104 ? -14.267 -11.677 1.281   1.00 27.67 ? 100 GLU A CD  1 
ATOM   676  O OE1 . GLU A 1 104 ? -14.691 -12.153 0.204   1.00 30.83 ? 100 GLU A OE1 1 
ATOM   677  O OE2 . GLU A 1 104 ? -14.325 -10.454 1.556   1.00 27.54 ? 100 GLU A OE2 1 
ATOM   678  N N   . GLU A 1 105 ? -9.060  -13.209 2.034   1.00 16.53 ? 101 GLU A N   1 
ATOM   679  C CA  . GLU A 1 105 ? -7.776  -13.460 1.391   1.00 17.30 ? 101 GLU A CA  1 
ATOM   680  C C   . GLU A 1 105 ? -6.657  -12.937 2.272   1.00 16.89 ? 101 GLU A C   1 
ATOM   681  O O   . GLU A 1 105 ? -6.865  -12.001 3.022   1.00 17.84 ? 101 GLU A O   1 
ATOM   682  C CB  . GLU A 1 105 ? -7.727  -12.725 0.050   1.00 17.98 ? 101 GLU A CB  1 
ATOM   683  C CG  . GLU A 1 105 ? -8.644  -13.320 -1.005  1.00 21.91 ? 101 GLU A CG  1 
ATOM   684  C CD  . GLU A 1 105 ? -8.073  -14.601 -1.619  1.00 26.14 ? 101 GLU A CD  1 
ATOM   685  O OE1 . GLU A 1 105 ? -7.552  -15.459 -0.876  1.00 31.15 ? 101 GLU A OE1 1 
ATOM   686  O OE2 . GLU A 1 105 ? -8.140  -14.747 -2.852  1.00 29.25 ? 101 GLU A OE2 1 
ATOM   687  N N   . ASP A 1 106 ? -5.478  -13.539 2.168   1.00 15.91 ? 102 ASP A N   1 
ATOM   688  C CA  . ASP A 1 106 ? -4.266  -13.042 2.799   1.00 15.80 ? 102 ASP A CA  1 
ATOM   689  C C   . ASP A 1 106 ? -3.552  -12.038 1.900   1.00 13.81 ? 102 ASP A C   1 
ATOM   690  O O   . ASP A 1 106 ? -3.523  -12.206 0.671   1.00 13.06 ? 102 ASP A O   1 
ATOM   691  C CB  . ASP A 1 106 ? -3.285  -14.206 3.064   1.00 17.27 ? 102 ASP A CB  1 
ATOM   692  C CG  . ASP A 1 106 ? -3.753  -15.134 4.164   1.00 21.75 ? 102 ASP A CG  1 
ATOM   693  O OD1 . ASP A 1 106 ? -4.667  -14.757 4.930   1.00 24.63 ? 102 ASP A OD1 1 
ATOM   694  O OD2 . ASP A 1 106 ? -3.190  -16.244 4.262   1.00 26.78 ? 102 ASP A OD2 1 
ATOM   695  N N   . PHE A 1 107 ? -2.934  -11.042 2.523   1.00 12.18 ? 103 PHE A N   1 
ATOM   696  C CA  . PHE A 1 107 ? -2.104  -10.083 1.779   1.00 11.17 ? 103 PHE A CA  1 
ATOM   697  C C   . PHE A 1 107 ? -1.081  -10.812 0.906   1.00 11.46 ? 103 PHE A C   1 
ATOM   698  O O   . PHE A 1 107 ? -0.925  -10.494 -0.269  1.00 10.17 ? 103 PHE A O   1 
ATOM   699  C CB  . PHE A 1 107 ? -1.394  -9.124  2.736   1.00 11.32 ? 103 PHE A CB  1 
ATOM   700  C CG  . PHE A 1 107 ? -0.360  -8.286  2.063   1.00 13.00 ? 103 PHE A CG  1 
ATOM   701  C CD1 . PHE A 1 107 ? 0.910   -8.815  1.830   1.00 14.35 ? 103 PHE A CD1 1 
ATOM   702  C CD2 . PHE A 1 107 ? -0.657  -7.011  1.589   1.00 16.57 ? 103 PHE A CD2 1 
ATOM   703  C CE1 . PHE A 1 107 ? 1.879   -8.083  1.198   1.00 16.76 ? 103 PHE A CE1 1 
ATOM   704  C CE2 . PHE A 1 107 ? 0.328   -6.269  0.922   1.00 15.37 ? 103 PHE A CE2 1 
ATOM   705  C CZ  . PHE A 1 107 ? 1.587   -6.821  0.724   1.00 14.52 ? 103 PHE A CZ  1 
ATOM   706  N N   . GLU A 1 108 ? -0.424  -11.812 1.480   1.00 11.58 ? 104 GLU A N   1 
ATOM   707  C CA  . GLU A 1 108 ? 0.664   -12.523 0.793   1.00 12.17 ? 104 GLU A CA  1 
ATOM   708  C C   . GLU A 1 108 ? 0.189   -13.240 -0.443  1.00 12.27 ? 104 GLU A C   1 
ATOM   709  O O   . GLU A 1 108 ? 0.900   -13.274 -1.471  1.00 12.57 ? 104 GLU A O   1 
ATOM   710  C CB  . GLU A 1 108 ? 1.280   -13.562 1.732   1.00 12.12 ? 104 GLU A CB  1 
ATOM   711  C CG  . GLU A 1 108 ? 2.064   -12.988 2.911   1.00 13.68 ? 104 GLU A CG  1 
ATOM   712  C CD  . GLU A 1 108 ? 1.208   -12.645 4.131   1.00 16.21 ? 104 GLU A CD  1 
ATOM   713  O OE1 . GLU A 1 108 ? -0.035  -12.645 4.050   1.00 15.08 ? 104 GLU A OE1 1 
ATOM   714  O OE2 . GLU A 1 108 ? 1.812   -12.389 5.199   1.00 19.43 ? 104 GLU A OE2 1 
ATOM   715  N N   . SER A 1 109 ? -1.004  -13.809 -0.353  1.00 12.15 ? 105 SER A N   1 
ATOM   716  C CA  . SER A 1 109 ? -1.609  -14.530 -1.453  1.00 13.02 ? 105 SER A CA  1 
ATOM   717  C C   . SER A 1 109 ? -1.961  -13.562 -2.576  1.00 12.25 ? 105 SER A C   1 
ATOM   718  O O   . SER A 1 109 ? -1.721  -13.852 -3.749  1.00 13.12 ? 105 SER A O   1 
ATOM   719  C CB  . SER A 1 109 ? -2.869  -15.255 -0.965  1.00 14.54 ? 105 SER A CB  1 
ATOM   720  O OG  . SER A 1 109 ? -3.604  -15.823 -2.024  1.00 17.81 ? 105 SER A OG  1 
ATOM   721  N N   . LEU A 1 110 ? -2.569  -12.434 -2.233  1.00 10.97 ? 106 LEU A N   1 
ATOM   722  C CA  . LEU A 1 110 ? -2.943  -11.457 -3.258  1.00 9.65  ? 106 LEU A CA  1 
ATOM   723  C C   . LEU A 1 110 ? -1.686  -10.842 -3.872  1.00 9.36  ? 106 LEU A C   1 
ATOM   724  O O   . LEU A 1 110 ? -1.678  -10.573 -5.096  1.00 9.11  ? 106 LEU A O   1 
ATOM   725  C CB  . LEU A 1 110 ? -3.890  -10.385 -2.694  1.00 9.87  ? 106 LEU A CB  1 
ATOM   726  C CG  . LEU A 1 110 ? -5.255  -10.937 -2.276  1.00 10.81 ? 106 LEU A CG  1 
ATOM   727  C CD1 . LEU A 1 110 ? -6.111  -9.791  -1.784  1.00 11.92 ? 106 LEU A CD1 1 
ATOM   728  C CD2 . LEU A 1 110 ? -5.959  -11.673 -3.408  1.00 12.83 ? 106 LEU A CD2 1 
ATOM   729  N N   . ALA A 1 111 ? -0.650  -10.572 -3.076  1.00 9.42  ? 107 ALA A N   1 
ATOM   730  C CA  . ALA A 1 111 ? 0.599   -10.023 -3.649  1.00 9.37  ? 107 ALA A CA  1 
ATOM   731  C C   . ALA A 1 111 ? 1.200   -11.013 -4.651  1.00 10.71 ? 107 ALA A C   1 
ATOM   732  O O   . ALA A 1 111 ? 1.580   -10.627 -5.761  1.00 11.00 ? 107 ALA A O   1 
ATOM   733  C CB  . ALA A 1 111 ? 1.604   -9.614  -2.573  1.00 10.12 ? 107 ALA A CB  1 
ATOM   734  N N   . SER A 1 112 ? 1.245   -12.295 -4.281  1.00 9.90  ? 108 SER A N   1 
ATOM   735  C CA  . SER A 1 112 ? 1.853   -13.298 -5.164  1.00 10.80 ? 108 SER A CA  1 
ATOM   736  C C   . SER A 1 112 ? 1.130   -13.377 -6.494  1.00 10.83 ? 108 SER A C   1 
ATOM   737  O O   . SER A 1 112 ? 1.737   -13.575 -7.555  1.00 11.96 ? 108 SER A O   1 
ATOM   738  C CB  . SER A 1 112 ? 1.787   -14.666 -4.501  1.00 11.09 ? 108 SER A CB  1 
ATOM   739  O OG  . SER A 1 112 ? 2.557   -14.658 -3.317  1.00 13.87 ? 108 SER A OG  1 
ATOM   740  N N   . GLN A 1 113 ? -0.189  -13.257 -6.444  1.00 10.96 ? 109 GLN A N   1 
ATOM   741  C CA  . GLN A 1 113 ? -1.008  -13.446 -7.617  1.00 12.22 ? 109 GLN A CA  1 
ATOM   742  C C   . GLN A 1 113 ? -1.112  -12.198 -8.472  1.00 12.26 ? 109 GLN A C   1 
ATOM   743  O O   . GLN A 1 113 ? -1.181  -12.301 -9.700  1.00 13.59 ? 109 GLN A O   1 
ATOM   744  C CB  . GLN A 1 113 ? -2.404  -13.889 -7.210  1.00 11.70 ? 109 GLN A CB  1 
ATOM   745  C CG  . GLN A 1 113 ? -2.450  -15.305 -6.665  1.00 12.34 ? 109 GLN A CG  1 
ATOM   746  C CD  . GLN A 1 113 ? -3.844  -15.647 -6.180  1.00 15.71 ? 109 GLN A CD  1 
ATOM   747  O OE1 . GLN A 1 113 ? -4.143  -15.523 -4.984  1.00 19.95 ? 109 GLN A OE1 1 
ATOM   748  N NE2 . GLN A 1 113 ? -4.699  -16.070 -7.093  1.00 16.67 ? 109 GLN A NE2 1 
ATOM   749  N N   . PHE A 1 114 ? -1.142  -11.032 -7.839  1.00 11.54 ? 110 PHE A N   1 
ATOM   750  C CA  . PHE A 1 114 ? -1.644  -9.828  -8.517  1.00 11.54 ? 110 PHE A CA  1 
ATOM   751  C C   . PHE A 1 114 ? -0.743  -8.607  -8.489  1.00 11.83 ? 110 PHE A C   1 
ATOM   752  O O   . PHE A 1 114 ? -1.068  -7.613  -9.150  1.00 12.79 ? 110 PHE A O   1 
ATOM   753  C CB  . PHE A 1 114 ? -3.048  -9.451  -7.996  1.00 12.23 ? 110 PHE A CB  1 
ATOM   754  C CG  . PHE A 1 114 ? -4.056  -10.546 -8.133  1.00 12.85 ? 110 PHE A CG  1 
ATOM   755  C CD1 . PHE A 1 114 ? -4.365  -11.073 -9.384  1.00 13.64 ? 110 PHE A CD1 1 
ATOM   756  C CD2 . PHE A 1 114 ? -4.718  -11.059 -7.010  1.00 13.23 ? 110 PHE A CD2 1 
ATOM   757  C CE1 . PHE A 1 114 ? -5.299  -12.099 -9.529  1.00 15.95 ? 110 PHE A CE1 1 
ATOM   758  C CE2 . PHE A 1 114 ? -5.668  -12.074 -7.140  1.00 13.82 ? 110 PHE A CE2 1 
ATOM   759  C CZ  . PHE A 1 114 ? -5.954  -12.607 -8.402  1.00 15.31 ? 110 PHE A CZ  1 
ATOM   760  N N   . SER A 1 115 ? 0.363   -8.645  -7.760  1.00 11.50 ? 111 SER A N   1 
ATOM   761  C CA  . SER A 1 115 ? 1.258   -7.495  -7.743  1.00 11.47 ? 111 SER A CA  1 
ATOM   762  C C   . SER A 1 115 ? 2.008   -7.356  -9.071  1.00 11.86 ? 111 SER A C   1 
ATOM   763  O O   . SER A 1 115 ? 2.643   -8.332  -9.547  1.00 12.62 ? 111 SER A O   1 
ATOM   764  C CB  . SER A 1 115 ? 2.260   -7.550  -6.596  1.00 10.95 ? 111 SER A CB  1 
ATOM   765  O OG  . SER A 1 115 ? 3.071   -6.383  -6.599  1.00 10.95 ? 111 SER A OG  1 
ATOM   766  N N   . ASP A 1 116 ? 1.952   -6.147  -9.632  1.00 11.92 ? 112 ASP A N   1 
ATOM   767  C CA  . ASP A 1 116 ? 2.680   -5.818  -10.891 1.00 12.85 ? 112 ASP A CA  1 
ATOM   768  C C   . ASP A 1 116 ? 4.160   -5.489  -10.660 1.00 14.29 ? 112 ASP A C   1 
ATOM   769  O O   . ASP A 1 116 ? 4.693   -4.497  -11.176 1.00 15.75 ? 112 ASP A O   1 
ATOM   770  C CB  . ASP A 1 116 ? 1.987   -4.640  -11.604 1.00 12.23 ? 112 ASP A CB  1 
ATOM   771  C CG  . ASP A 1 116 ? 0.728   -5.065  -12.371 1.00 13.29 ? 112 ASP A CG  1 
ATOM   772  O OD1 . ASP A 1 116 ? 0.743   -6.081  -13.099 1.00 14.93 ? 112 ASP A OD1 1 
ATOM   773  O OD2 . ASP A 1 116 ? -0.309  -4.353  -12.252 1.00 13.17 ? 112 ASP A OD2 1 
ATOM   774  N N   . CYS A 1 117 ? 4.823   -6.334  -9.880  1.00 16.21 ? 113 CYS A N   1 
ATOM   775  C CA  . CYS A 1 117 ? 6.205   -6.142  -9.476  1.00 15.45 ? 113 CYS A CA  1 
ATOM   776  C C   . CYS A 1 117 ? 6.806   -7.525  -9.300  1.00 15.79 ? 113 CYS A C   1 
ATOM   777  O O   . CYS A 1 117 ? 6.111   -8.460  -8.896  1.00 15.12 ? 113 CYS A O   1 
ATOM   778  C CB  . CYS A 1 117 ? 6.295   -5.373  -8.156  1.00 15.72 ? 113 CYS A CB  1 
ATOM   779  S SG  . CYS A 1 117 ? 7.914   -4.624  -7.875  1.00 18.94 ? 113 CYS A SG  1 
ATOM   780  N N   . SER A 1 118 ? 8.078   -7.676  -9.653  1.00 15.63 ? 114 SER A N   1 
ATOM   781  C CA  . SER A 1 118 ? 8.709   -8.993  -9.539  1.00 15.80 ? 114 SER A CA  1 
ATOM   782  C C   . SER A 1 118 ? 8.792   -9.470  -8.085  1.00 15.09 ? 114 SER A C   1 
ATOM   783  O O   . SER A 1 118 ? 8.903   -10.670 -7.840  1.00 15.36 ? 114 SER A O   1 
ATOM   784  C CB  . SER A 1 118 ? 10.091  -9.015  -10.217 1.00 16.80 ? 114 SER A CB  1 
ATOM   785  O OG  . SER A 1 118 ? 11.010  -8.197  -9.524  1.00 20.04 ? 114 SER A OG  1 
ATOM   786  N N   . SER A 1 119 ? 8.698   -8.533  -7.137  1.00 14.17 ? 115 SER A N   1 
ATOM   787  C CA  . SER A 1 119 ? 8.637   -8.901  -5.717  1.00 13.26 ? 115 SER A CA  1 
ATOM   788  C C   . SER A 1 119 ? 7.402   -9.747  -5.390  1.00 12.82 ? 115 SER A C   1 
ATOM   789  O O   . SER A 1 119 ? 7.352   -10.325 -4.313  1.00 11.38 ? 115 SER A O   1 
ATOM   790  C CB  . SER A 1 119 ? 8.680   -7.678  -4.829  1.00 14.78 ? 115 SER A CB  1 
ATOM   791  O OG  . SER A 1 119 ? 7.607   -6.817  -5.174  1.00 14.35 ? 115 SER A OG  1 
ATOM   792  N N   . ALA A 1 120 ? 6.434   -9.842  -6.297  1.00 11.48 ? 116 ALA A N   1 
ATOM   793  C CA  . ALA A 1 120 ? 5.313   -10.784 -6.156  1.00 10.49 ? 116 ALA A CA  1 
ATOM   794  C C   . ALA A 1 120 ? 5.818   -12.187 -5.838  1.00 10.64 ? 116 ALA A C   1 
ATOM   795  O O   . ALA A 1 120 ? 5.182   -12.911 -5.069  1.00 11.42 ? 116 ALA A O   1 
ATOM   796  C CB  . ALA A 1 120 ? 4.466   -10.824 -7.440  1.00 10.46 ? 116 ALA A CB  1 
ATOM   797  N N   . LYS A 1 121 ? 6.944   -12.563 -6.457  1.00 10.58 ? 117 LYS A N   1 
ATOM   798  C CA  . LYS A 1 121 ? 7.478   -13.918 -6.312  1.00 11.73 ? 117 LYS A CA  1 
ATOM   799  C C   . LYS A 1 121 ? 7.957   -14.217 -4.894  1.00 11.77 ? 117 LYS A C   1 
ATOM   800  O O   . LYS A 1 121 ? 8.151   -15.389 -4.548  1.00 11.80 ? 117 LYS A O   1 
ATOM   801  C CB  . LYS A 1 121 ? 8.618   -14.149 -7.317  1.00 12.36 ? 117 LYS A CB  1 
ATOM   802  C CG  . LYS A 1 121 ? 8.216   -13.947 -8.743  1.00 17.37 ? 117 LYS A CG  1 
ATOM   803  C CD  . LYS A 1 121 ? 7.349   -15.053 -9.266  1.00 22.46 ? 117 LYS A CD  1 
ATOM   804  C CE  . LYS A 1 121 ? 6.930   -14.765 -10.714 1.00 25.01 ? 117 LYS A CE  1 
ATOM   805  N NZ  . LYS A 1 121 ? 5.557   -14.217 -10.790 1.00 22.61 ? 117 LYS A NZ  1 
ATOM   806  N N   . ALA A 1 122 ? 8.143   -13.154 -4.105  1.00 11.31 ? 118 ALA A N   1 
ATOM   807  C CA  . ALA A 1 122 ? 8.490   -13.255 -2.694  1.00 11.69 ? 118 ALA A CA  1 
ATOM   808  C C   . ALA A 1 122 ? 7.336   -12.790 -1.784  1.00 11.02 ? 118 ALA A C   1 
ATOM   809  O O   . ALA A 1 122 ? 7.575   -12.228 -0.700  1.00 10.79 ? 118 ALA A O   1 
ATOM   810  C CB  . ALA A 1 122 ? 9.749   -12.445 -2.414  1.00 11.12 ? 118 ALA A CB  1 
ATOM   811  N N   . ARG A 1 123 ? 6.102   -13.022 -2.244  1.00 11.16 ? 119 ARG A N   1 
ATOM   812  C CA  . ARG A 1 123 ? 4.883   -12.671 -1.488  1.00 11.64 ? 119 ARG A CA  1 
ATOM   813  C C   . ARG A 1 123 ? 4.850   -11.168 -1.225  1.00 11.19 ? 119 ARG A C   1 
ATOM   814  O O   . ARG A 1 123 ? 4.279   -10.710 -0.239  1.00 10.91 ? 119 ARG A O   1 
ATOM   815  C CB  . ARG A 1 123 ? 4.824   -13.430 -0.163  1.00 11.75 ? 119 ARG A CB  1 
ATOM   816  C CG  . ARG A 1 123 ? 4.767   -14.924 -0.357  1.00 14.39 ? 119 ARG A CG  1 
ATOM   817  C CD  . ARG A 1 123 ? 4.940   -15.621 0.988   1.00 18.42 ? 119 ARG A CD  1 
ATOM   818  N NE  . ARG A 1 123 ? 3.744   -16.343 1.351   1.00 26.22 ? 119 ARG A NE  1 
ATOM   819  C CZ  . ARG A 1 123 ? 3.342   -16.607 2.604   1.00 28.25 ? 119 ARG A CZ  1 
ATOM   820  N NH1 . ARG A 1 123 ? 4.023   -16.174 3.676   1.00 27.51 ? 119 ARG A NH1 1 
ATOM   821  N NH2 . ARG A 1 123 ? 2.228   -17.301 2.779   1.00 29.16 ? 119 ARG A NH2 1 
ATOM   822  N N   . GLY A 1 124 ? 5.445   -10.396 -2.132  1.00 10.56 ? 120 GLY A N   1 
ATOM   823  C CA  . GLY A 1 124 ? 5.529   -8.946  -1.983  1.00 10.81 ? 120 GLY A CA  1 
ATOM   824  C C   . GLY A 1 124 ? 6.653   -8.374  -1.148  1.00 10.68 ? 120 GLY A C   1 
ATOM   825  O O   . GLY A 1 124 ? 6.806   -7.150  -1.080  1.00 10.65 ? 120 GLY A O   1 
ATOM   826  N N   . ASP A 1 125 ? 7.447   -9.227  -0.492  1.00 11.24 ? 121 ASP A N   1 
ATOM   827  C CA  . ASP A 1 125 ? 8.497   -8.762  0.402   1.00 11.69 ? 121 ASP A CA  1 
ATOM   828  C C   . ASP A 1 125 ? 9.607   -7.994  -0.330  1.00 12.45 ? 121 ASP A C   1 
ATOM   829  O O   . ASP A 1 125 ? 10.099  -8.469  -1.359  1.00 14.01 ? 121 ASP A O   1 
ATOM   830  C CB  . ASP A 1 125 ? 9.121   -9.970  1.124   1.00 11.85 ? 121 ASP A CB  1 
ATOM   831  C CG  . ASP A 1 125 ? 10.273  -9.572  2.027   1.00 14.12 ? 121 ASP A CG  1 
ATOM   832  O OD1 . ASP A 1 125 ? 10.186  -8.563  2.762   1.00 13.82 ? 121 ASP A OD1 1 
ATOM   833  O OD2 . ASP A 1 125 ? 11.292  -10.306 2.022   1.00 15.54 ? 121 ASP A OD2 1 
ATOM   834  N N   . LEU A 1 126 ? 9.961   -6.824  0.200   1.00 12.90 ? 122 LEU A N   1 
ATOM   835  C CA  . LEU A 1 126 ? 11.004  -5.970  -0.384  1.00 14.23 ? 122 LEU A CA  1 
ATOM   836  C C   . LEU A 1 126 ? 12.273  -6.009  0.444   1.00 14.81 ? 122 LEU A C   1 
ATOM   837  O O   . LEU A 1 126 ? 13.303  -5.463  0.032   1.00 16.80 ? 122 LEU A O   1 
ATOM   838  C CB  . LEU A 1 126 ? 10.513  -4.523  -0.493  1.00 13.98 ? 122 LEU A CB  1 
ATOM   839  C CG  . LEU A 1 126 ? 9.368   -4.306  -1.482  1.00 13.67 ? 122 LEU A CG  1 
ATOM   840  C CD1 . LEU A 1 126 ? 8.743   -2.971  -1.181  1.00 14.13 ? 122 LEU A CD1 1 
ATOM   841  C CD2 . LEU A 1 126 ? 9.910   -4.328  -2.887  1.00 14.45 ? 122 LEU A CD2 1 
ATOM   842  N N   . GLY A 1 127 ? 12.202  -6.655  1.606   1.00 15.50 ? 123 GLY A N   1 
ATOM   843  C CA  . GLY A 1 127 ? 13.302  -6.638  2.564   1.00 16.08 ? 123 GLY A CA  1 
ATOM   844  C C   . GLY A 1 127 ? 13.381  -5.321  3.328   1.00 17.02 ? 123 GLY A C   1 
ATOM   845  O O   . GLY A 1 127 ? 12.446  -4.500  3.293   1.00 17.41 ? 123 GLY A O   1 
ATOM   846  N N   . ALA A 1 128 ? 14.487  -5.103  4.024   1.00 17.55 ? 124 ALA A N   1 
ATOM   847  C CA  . ALA A 1 128 ? 14.627  -3.930  4.881   1.00 18.56 ? 124 ALA A CA  1 
ATOM   848  C C   . ALA A 1 128 ? 15.216  -2.747  4.122   1.00 19.45 ? 124 ALA A C   1 
ATOM   849  O O   . ALA A 1 128 ? 15.952  -2.928  3.162   1.00 19.65 ? 124 ALA A O   1 
ATOM   850  C CB  . ALA A 1 128 ? 15.470  -4.250  6.113   1.00 18.94 ? 124 ALA A CB  1 
ATOM   851  N N   . PHE A 1 129 ? 14.857  -1.536  4.539   1.00 19.48 ? 125 PHE A N   1 
ATOM   852  C CA  . PHE A 1 129 ? 15.373  -0.326  3.896   1.00 20.41 ? 125 PHE A CA  1 
ATOM   853  C C   . PHE A 1 129 ? 15.305  0.861   4.848   1.00 20.13 ? 125 PHE A C   1 
ATOM   854  O O   . PHE A 1 129 ? 14.635  0.819   5.890   1.00 20.09 ? 125 PHE A O   1 
ATOM   855  C CB  . PHE A 1 129 ? 14.645  -0.043  2.572   1.00 20.22 ? 125 PHE A CB  1 
ATOM   856  C CG  . PHE A 1 129 ? 13.138  0.112   2.714   1.00 20.55 ? 125 PHE A CG  1 
ATOM   857  C CD1 . PHE A 1 129 ? 12.574  1.347   3.046   1.00 20.94 ? 125 PHE A CD1 1 
ATOM   858  C CD2 . PHE A 1 129 ? 12.291  -0.980  2.502   1.00 21.75 ? 125 PHE A CD2 1 
ATOM   859  C CE1 . PHE A 1 129 ? 11.171  1.496   3.162   1.00 19.76 ? 125 PHE A CE1 1 
ATOM   860  C CE2 . PHE A 1 129 ? 10.899  -0.842  2.631   1.00 19.12 ? 125 PHE A CE2 1 
ATOM   861  C CZ  . PHE A 1 129 ? 10.342  0.396   2.969   1.00 19.76 ? 125 PHE A CZ  1 
ATOM   862  N N   . SER A 1 130 ? 16.067  1.903   4.529   1.00 20.72 ? 126 SER A N   1 
ATOM   863  C CA  . SER A 1 130 ? 16.093  3.102   5.361   1.00 21.60 ? 126 SER A CA  1 
ATOM   864  C C   . SER A 1 130 ? 15.491  4.231   4.550   1.00 20.96 ? 126 SER A C   1 
ATOM   865  O O   . SER A 1 130 ? 15.210  4.080   3.364   1.00 20.29 ? 126 SER A O   1 
ATOM   866  C CB  . SER A 1 130 ? 17.535  3.464   5.766   1.00 22.64 ? 126 SER A CB  1 
ATOM   867  O OG  . SER A 1 130 ? 18.318  3.685   4.607   1.00 25.14 ? 126 SER A OG  1 
ATOM   868  N N   . ARG A 1 131 ? 15.326  5.381   5.188   1.00 21.35 ? 127 ARG A N   1 
ATOM   869  C CA  . ARG A 1 131 ? 14.970  6.579   4.441   1.00 21.35 ? 127 ARG A CA  1 
ATOM   870  C C   . ARG A 1 131 ? 16.098  6.913   3.471   1.00 21.86 ? 127 ARG A C   1 
ATOM   871  O O   . ARG A 1 131 ? 17.274  6.664   3.773   1.00 22.52 ? 127 ARG A O   1 
ATOM   872  C CB  . ARG A 1 131 ? 14.707  7.740   5.387   1.00 21.00 ? 127 ARG A CB  1 
ATOM   873  C CG  . ARG A 1 131 ? 13.456  7.586   6.247   1.00 19.82 ? 127 ARG A CG  1 
ATOM   874  C CD  . ARG A 1 131 ? 13.011  8.943   6.706   1.00 18.64 ? 127 ARG A CD  1 
ATOM   875  N NE  . ARG A 1 131 ? 11.780  8.919   7.494   1.00 17.03 ? 127 ARG A NE  1 
ATOM   876  C CZ  . ARG A 1 131 ? 10.559  9.150   7.000   1.00 16.67 ? 127 ARG A CZ  1 
ATOM   877  N NH1 . ARG A 1 131 ? 10.385  9.376   5.711   1.00 13.11 ? 127 ARG A NH1 1 
ATOM   878  N NH2 . ARG A 1 131 ? 9.518   9.140   7.820   1.00 18.73 ? 127 ARG A NH2 1 
ATOM   879  N N   . GLY A 1 132 ? 15.736  7.431   2.305   1.00 21.81 ? 128 GLY A N   1 
ATOM   880  C CA  . GLY A 1 132 ? 16.717  7.756   1.275   1.00 22.26 ? 128 GLY A CA  1 
ATOM   881  C C   . GLY A 1 132 ? 16.812  6.752   0.140   1.00 22.67 ? 128 GLY A C   1 
ATOM   882  O O   . GLY A 1 132 ? 17.694  6.878   -0.708  1.00 23.29 ? 128 GLY A O   1 
ATOM   883  N N   . GLN A 1 133 ? 15.904  5.766   0.102   1.00 21.52 ? 129 GLN A N   1 
ATOM   884  C CA  . GLN A 1 133 ? 15.961  4.709   -0.916  1.00 20.55 ? 129 GLN A CA  1 
ATOM   885  C C   . GLN A 1 133 ? 14.729  4.605   -1.811  1.00 19.98 ? 129 GLN A C   1 
ATOM   886  O O   . GLN A 1 133 ? 14.851  4.451   -3.016  1.00 19.91 ? 129 GLN A O   1 
ATOM   887  C CB  . GLN A 1 133 ? 16.205  3.328   -0.271  1.00 21.08 ? 129 GLN A CB  1 
ATOM   888  C CG  . GLN A 1 133 ? 17.538  3.176   0.472   1.00 21.45 ? 129 GLN A CG  1 
ATOM   889  C CD  . GLN A 1 133 ? 17.765  1.757   0.999   1.00 20.74 ? 129 GLN A CD  1 
ATOM   890  O OE1 . GLN A 1 133 ? 17.787  1.529   2.201   1.00 21.83 ? 129 GLN A OE1 1 
ATOM   891  N NE2 . GLN A 1 133 ? 17.934  0.809   0.095   1.00 25.76 ? 129 GLN A NE2 1 
ATOM   892  N N   . MET A 1 134 ? 13.540  4.651   -1.205  1.00 19.22 ? 130 MET A N   1 
ATOM   893  C CA  . MET A 1 134 ? 12.297  4.416   -1.931  1.00 19.03 ? 130 MET A CA  1 
ATOM   894  C C   . MET A 1 134 ? 11.667  5.689   -2.480  1.00 18.63 ? 130 MET A C   1 
ATOM   895  O O   . MET A 1 134 ? 11.979  6.773   -2.013  1.00 19.87 ? 130 MET A O   1 
ATOM   896  C CB  . MET A 1 134 ? 11.296  3.702   -1.003  1.00 18.70 ? 130 MET A CB  1 
ATOM   897  C CG  . MET A 1 134 ? 11.740  2.281   -0.614  1.00 19.37 ? 130 MET A CG  1 
ATOM   898  S SD  . MET A 1 134 ? 11.921  1.143   -1.989  1.00 22.61 ? 130 MET A SD  1 
ATOM   899  C CE  . MET A 1 134 ? 12.089  -0.421  -1.122  1.00 20.13 ? 130 MET A CE  1 
ATOM   900  N N   . GLN A 1 135 ? 10.796  5.554   -3.471  1.00 17.78 ? 131 GLN A N   1 
ATOM   901  C CA  . GLN A 1 135 ? 9.962   6.695   -3.895  1.00 18.18 ? 131 GLN A CA  1 
ATOM   902  C C   . GLN A 1 135 ? 9.284   7.290   -2.666  1.00 17.42 ? 131 GLN A C   1 
ATOM   903  O O   . GLN A 1 135 ? 8.833   6.576   -1.755  1.00 16.86 ? 131 GLN A O   1 
ATOM   904  C CB  . GLN A 1 135 ? 8.961   6.283   -4.968  1.00 18.54 ? 131 GLN A CB  1 
ATOM   905  C CG  . GLN A 1 135 ? 9.659   5.936   -6.302  1.00 18.83 ? 131 GLN A CG  1 
ATOM   906  C CD  . GLN A 1 135 ? 8.750   5.336   -7.385  1.00 19.89 ? 131 GLN A CD  1 
ATOM   907  O OE1 . GLN A 1 135 ? 8.959   5.566   -8.584  1.00 24.67 ? 131 GLN A OE1 1 
ATOM   908  N NE2 . GLN A 1 135 ? 7.767   4.551   -6.977  1.00 20.75 ? 131 GLN A NE2 1 
ATOM   909  N N   . LYS A 1 136 ? 9.221   8.614   -2.628  1.00 16.41 ? 132 LYS A N   1 
ATOM   910  C CA  . LYS A 1 136 ? 8.926   9.310   -1.396  1.00 15.98 ? 132 LYS A CA  1 
ATOM   911  C C   . LYS A 1 136 ? 7.566   8.964   -0.714  1.00 14.43 ? 132 LYS A C   1 
ATOM   912  O O   . LYS A 1 136 ? 7.537   8.768   0.509   1.00 16.33 ? 132 LYS A O   1 
ATOM   913  C CB  . LYS A 1 136 ? 9.054   10.817  -1.622  1.00 16.87 ? 132 LYS A CB  1 
ATOM   914  C CG  . LYS A 1 136 ? 8.938   11.609  -0.379  1.00 18.06 ? 132 LYS A CG  1 
ATOM   915  C CD  . LYS A 1 136 ? 9.982   11.303  0.670   1.00 21.77 ? 132 LYS A CD  1 
ATOM   916  C CE  . LYS A 1 136 ? 9.835   12.312  1.775   1.00 23.81 ? 132 LYS A CE  1 
ATOM   917  N NZ  . LYS A 1 136 ? 10.381  11.924  3.096   1.00 23.93 ? 132 LYS A NZ  1 
ATOM   918  N N   . PRO A 1 137 ? 6.467   8.939   -1.489  1.00 14.32 ? 133 PRO A N   1 
ATOM   919  C CA  . PRO A 1 137 ? 5.200   8.587   -0.818  1.00 13.37 ? 133 PRO A CA  1 
ATOM   920  C C   . PRO A 1 137 ? 5.241   7.174   -0.225  1.00 13.29 ? 133 PRO A C   1 
ATOM   921  O O   . PRO A 1 137 ? 4.614   6.916   0.796   1.00 13.44 ? 133 PRO A O   1 
ATOM   922  C CB  . PRO A 1 137 ? 4.178   8.653   -1.951  1.00 13.36 ? 133 PRO A CB  1 
ATOM   923  C CG  . PRO A 1 137 ? 4.827   9.577   -2.997  1.00 14.64 ? 133 PRO A CG  1 
ATOM   924  C CD  . PRO A 1 137 ? 6.270   9.197   -2.927  1.00 14.09 ? 133 PRO A CD  1 
ATOM   925  N N   . PHE A 1 138 ? 5.988   6.287   -0.871  1.00 13.59 ? 134 PHE A N   1 
ATOM   926  C CA  . PHE A 1 138 ? 6.134   4.904   -0.377  1.00 12.37 ? 134 PHE A CA  1 
ATOM   927  C C   . PHE A 1 138 ? 6.977   4.880   0.907   1.00 12.63 ? 134 PHE A C   1 
ATOM   928  O O   . PHE A 1 138 ? 6.622   4.247   1.904   1.00 12.56 ? 134 PHE A O   1 
ATOM   929  C CB  . PHE A 1 138 ? 6.725   4.032   -1.486  1.00 12.45 ? 134 PHE A CB  1 
ATOM   930  C CG  . PHE A 1 138 ? 6.745   2.555   -1.167  1.00 11.08 ? 134 PHE A CG  1 
ATOM   931  C CD1 . PHE A 1 138 ? 7.671   2.046   -0.249  1.00 13.26 ? 134 PHE A CD1 1 
ATOM   932  C CD2 . PHE A 1 138 ? 5.849   1.675   -1.777  1.00 13.10 ? 134 PHE A CD2 1 
ATOM   933  C CE1 . PHE A 1 138 ? 7.686   0.680   0.069   1.00 11.94 ? 134 PHE A CE1 1 
ATOM   934  C CE2 . PHE A 1 138 ? 5.865   0.308   -1.473  1.00 12.38 ? 134 PHE A CE2 1 
ATOM   935  C CZ  . PHE A 1 138 ? 6.798   -0.178  -0.548  1.00 12.14 ? 134 PHE A CZ  1 
ATOM   936  N N   . GLU A 1 139 ? 8.099   5.605   0.900   1.00 12.24 ? 135 GLU A N   1 
ATOM   937  C CA  . GLU A 1 139 ? 8.910   5.751   2.082   1.00 12.70 ? 135 GLU A CA  1 
ATOM   938  C C   . GLU A 1 139 ? 8.107   6.281   3.274   1.00 11.94 ? 135 GLU A C   1 
ATOM   939  O O   . GLU A 1 139 ? 8.138   5.717   4.378   1.00 12.68 ? 135 GLU A O   1 
ATOM   940  C CB  . GLU A 1 139 ? 10.091  6.692   1.804   1.00 12.92 ? 135 GLU A CB  1 
ATOM   941  C CG  . GLU A 1 139 ? 10.890  7.031   3.033   1.00 14.90 ? 135 GLU A CG  1 
ATOM   942  C CD  . GLU A 1 139 ? 12.022  7.981   2.700   1.00 17.34 ? 135 GLU A CD  1 
ATOM   943  O OE1 . GLU A 1 139 ? 12.895  7.596   1.901   1.00 18.65 ? 135 GLU A OE1 1 
ATOM   944  O OE2 . GLU A 1 139 ? 11.994  9.105   3.227   1.00 16.77 ? 135 GLU A OE2 1 
ATOM   945  N N   . ASP A 1 140 ? 7.426   7.411   3.055   1.00 12.38 ? 136 ASP A N   1 
ATOM   946  C CA  . ASP A 1 140 ? 6.730   8.081   4.130   1.00 12.27 ? 136 ASP A CA  1 
ATOM   947  C C   . ASP A 1 140 ? 5.645   7.182   4.733   1.00 11.28 ? 136 ASP A C   1 
ATOM   948  O O   . ASP A 1 140 ? 5.522   7.093   5.945   1.00 12.46 ? 136 ASP A O   1 
ATOM   949  C CB  . ASP A 1 140 ? 6.130   9.398   3.632   1.00 12.71 ? 136 ASP A CB  1 
ATOM   950  C CG  . ASP A 1 140 ? 7.175   10.486  3.471   1.00 16.43 ? 136 ASP A CG  1 
ATOM   951  O OD1 . ASP A 1 140 ? 8.339   10.308  3.937   1.00 16.09 ? 136 ASP A OD1 1 
ATOM   952  O OD2 . ASP A 1 140 ? 6.813   11.533  2.899   1.00 17.85 ? 136 ASP A OD2 1 
ATOM   953  N N   . ALA A 1 141 ? 4.907   6.503   3.864   1.00 12.28 ? 137 ALA A N   1 
ATOM   954  C CA  . ALA A 1 141 ? 3.900   5.550   4.351   1.00 11.73 ? 137 ALA A CA  1 
ATOM   955  C C   . ALA A 1 141 ? 4.553   4.430   5.161   1.00 11.10 ? 137 ALA A C   1 
ATOM   956  O O   . ALA A 1 141 ? 4.115   4.107   6.276   1.00 11.99 ? 137 ALA A O   1 
ATOM   957  C CB  . ALA A 1 141 ? 3.100   4.987   3.213   1.00 11.89 ? 137 ALA A CB  1 
ATOM   958  N N   . SER A 1 142 ? 5.643   3.887   4.620   1.00 10.57 ? 138 SER A N   1 
ATOM   959  C CA  . SER A 1 142 ? 6.291   2.751   5.244   1.00 11.33 ? 138 SER A CA  1 
ATOM   960  C C   . SER A 1 142 ? 6.765   3.076   6.649   1.00 11.94 ? 138 SER A C   1 
ATOM   961  O O   . SER A 1 142 ? 6.601   2.281   7.564   1.00 12.47 ? 138 SER A O   1 
ATOM   962  C CB  . SER A 1 142 ? 7.473   2.282   4.407   1.00 10.29 ? 138 SER A CB  1 
ATOM   963  O OG  . SER A 1 142 ? 7.075   1.767   3.184   1.00 10.39 ? 138 SER A OG  1 
ATOM   964  N N   . PHE A 1 143 ? 7.340   4.272   6.823   1.00 12.61 ? 139 PHE A N   1 
ATOM   965  C CA  . PHE A 1 143 ? 7.855   4.709   8.121   1.00 13.66 ? 139 PHE A CA  1 
ATOM   966  C C   . PHE A 1 143 ? 6.798   5.195   9.111   1.00 13.84 ? 139 PHE A C   1 
ATOM   967  O O   . PHE A 1 143 ? 7.057   5.268   10.330  1.00 15.38 ? 139 PHE A O   1 
ATOM   968  C CB  . PHE A 1 143 ? 8.988   5.754   7.933   1.00 14.16 ? 139 PHE A CB  1 
ATOM   969  C CG  . PHE A 1 143 ? 10.330  5.120   7.624   1.00 13.33 ? 139 PHE A CG  1 
ATOM   970  C CD1 . PHE A 1 143 ? 10.669  4.810   6.314   1.00 13.44 ? 139 PHE A CD1 1 
ATOM   971  C CD2 . PHE A 1 143 ? 11.203  4.757   8.661   1.00 15.22 ? 139 PHE A CD2 1 
ATOM   972  C CE1 . PHE A 1 143 ? 11.902  4.159   6.006   1.00 14.33 ? 139 PHE A CE1 1 
ATOM   973  C CE2 . PHE A 1 143 ? 12.419  4.104   8.362   1.00 15.33 ? 139 PHE A CE2 1 
ATOM   974  C CZ  . PHE A 1 143 ? 12.759  3.816   7.048   1.00 13.92 ? 139 PHE A CZ  1 
ATOM   975  N N   . ALA A 1 144 ? 5.606   5.515   8.593   1.00 13.40 ? 140 ALA A N   1 
ATOM   976  C CA  . ALA A 1 144 ? 4.501   5.953   9.442   1.00 13.76 ? 140 ALA A CA  1 
ATOM   977  C C   . ALA A 1 144 ? 3.626   4.779   9.926   1.00 13.54 ? 140 ALA A C   1 
ATOM   978  O O   . ALA A 1 144 ? 2.918   4.904   10.928  1.00 14.33 ? 140 ALA A O   1 
ATOM   979  C CB  . ALA A 1 144 ? 3.652   6.974   8.709   1.00 13.53 ? 140 ALA A CB  1 
ATOM   980  N N   . LEU A 1 145 ? 3.701   3.649   9.220   1.00 13.83 ? 141 LEU A N   1 
ATOM   981  C CA  . LEU A 1 145 ? 3.053   2.410   9.689   1.00 13.92 ? 141 LEU A CA  1 
ATOM   982  C C   . LEU A 1 145 ? 3.694   1.892   10.960  1.00 15.70 ? 141 LEU A C   1 
ATOM   983  O O   . LEU A 1 145 ? 4.904   2.034   11.155  1.00 16.75 ? 141 LEU A O   1 
ATOM   984  C CB  . LEU A 1 145 ? 3.157   1.316   8.624   1.00 13.42 ? 141 LEU A CB  1 
ATOM   985  C CG  . LEU A 1 145 ? 2.357   1.543   7.339   1.00 11.82 ? 141 LEU A CG  1 
ATOM   986  C CD1 . LEU A 1 145 ? 2.699   0.496   6.294   1.00 11.58 ? 141 LEU A CD1 1 
ATOM   987  C CD2 . LEU A 1 145 ? 0.870   1.478   7.671   1.00 13.45 ? 141 LEU A CD2 1 
ATOM   988  N N   . ARG A 1 146 ? 2.862   1.298   11.816  1.00 17.47 ? 142 ARG A N   1 
ATOM   989  C CA  . ARG A 1 146 ? 3.336   0.543   12.963  1.00 19.26 ? 142 ARG A CA  1 
ATOM   990  C C   . ARG A 1 146 ? 3.676   -0.869  12.491  1.00 18.13 ? 142 ARG A C   1 
ATOM   991  O O   . ARG A 1 146 ? 3.219   -1.304  11.429  1.00 16.81 ? 142 ARG A O   1 
ATOM   992  C CB  . ARG A 1 146 ? 2.232   0.486   14.029  1.00 19.09 ? 142 ARG A CB  1 
ATOM   993  C CG  . ARG A 1 146 ? 1.749   1.853   14.546  1.00 21.83 ? 142 ARG A CG  1 
ATOM   994  C CD  . ARG A 1 146 ? 0.539   1.696   15.462  1.00 23.59 ? 142 ARG A CD  1 
ATOM   995  N NE  . ARG A 1 146 ? -0.670  1.345   14.703  1.00 29.20 ? 142 ARG A NE  1 
ATOM   996  C CZ  . ARG A 1 146 ? -1.679  2.177   14.432  1.00 29.64 ? 142 ARG A CZ  1 
ATOM   997  N NH1 . ARG A 1 146 ? -1.658  3.429   14.879  1.00 31.04 ? 142 ARG A NH1 1 
ATOM   998  N NH2 . ARG A 1 146 ? -2.723  1.745   13.722  1.00 26.75 ? 142 ARG A NH2 1 
ATOM   999  N N   . THR A 1 147 ? 4.471   -1.599  13.270  1.00 18.74 ? 143 THR A N   1 
ATOM   1000 C CA  . THR A 1 147 ? 4.786   -2.975  12.898  1.00 19.23 ? 143 THR A CA  1 
ATOM   1001 C C   . THR A 1 147 ? 3.502   -3.781  12.778  1.00 17.96 ? 143 THR A C   1 
ATOM   1002 O O   . THR A 1 147 ? 2.650   -3.754  13.685  1.00 18.17 ? 143 THR A O   1 
ATOM   1003 C CB  . THR A 1 147 ? 5.759   -3.632  13.892  1.00 19.82 ? 143 THR A CB  1 
ATOM   1004 O OG1 . THR A 1 147 ? 7.051   -3.057  13.707  1.00 24.59 ? 143 THR A OG1 1 
ATOM   1005 C CG2 . THR A 1 147 ? 5.854   -5.147  13.640  1.00 21.43 ? 143 THR A CG2 1 
ATOM   1006 N N   . GLY A 1 148 ? 3.329   -4.446  11.635  1.00 16.25 ? 144 GLY A N   1 
ATOM   1007 C CA  . GLY A 1 148 ? 2.149   -5.266  11.413  1.00 15.61 ? 144 GLY A CA  1 
ATOM   1008 C C   . GLY A 1 148 ? 0.995   -4.546  10.730  1.00 14.08 ? 144 GLY A C   1 
ATOM   1009 O O   . GLY A 1 148 ? 0.037   -5.173  10.294  1.00 14.40 ? 144 GLY A O   1 
ATOM   1010 N N   . GLU A 1 149 ? 1.091   -3.217  10.634  1.00 12.95 ? 145 GLU A N   1 
ATOM   1011 C CA  . GLU A 1 149 ? 0.031   -2.407  10.046  1.00 12.85 ? 145 GLU A CA  1 
ATOM   1012 C C   . GLU A 1 149 ? 0.102   -2.339  8.517   1.00 10.87 ? 145 GLU A C   1 
ATOM   1013 O O   . GLU A 1 149 ? 1.194   -2.445  7.896   1.00 10.90 ? 145 GLU A O   1 
ATOM   1014 C CB  . GLU A 1 149 ? 0.047   -0.992  10.634  1.00 11.29 ? 145 GLU A CB  1 
ATOM   1015 C CG  . GLU A 1 149 ? -1.159  -0.127  10.259  1.00 15.27 ? 145 GLU A CG  1 
ATOM   1016 C CD  . GLU A 1 149 ? -1.090  1.292   10.827  1.00 15.65 ? 145 GLU A CD  1 
ATOM   1017 O OE1 . GLU A 1 149 ? -0.029  1.675   11.369  1.00 17.78 ? 145 GLU A OE1 1 
ATOM   1018 O OE2 . GLU A 1 149 ? -2.134  2.019   10.758  1.00 18.34 ? 145 GLU A OE2 1 
ATOM   1019 N N   . MET A 1 150 ? -1.061  -2.139  7.921   1.00 10.55 ? 146 MET A N   1 
ATOM   1020 C CA  . MET A 1 150 ? -1.200  -2.055  6.492   1.00 9.74  ? 146 MET A CA  1 
ATOM   1021 C C   . MET A 1 150 ? -1.700  -0.666  6.078   1.00 9.59  ? 146 MET A C   1 
ATOM   1022 O O   . MET A 1 150 ? -2.551  -0.058  6.739   1.00 10.69 ? 146 MET A O   1 
ATOM   1023 C CB  . MET A 1 150 ? -2.178  -3.125  5.987   1.00 9.09  ? 146 MET A CB  1 
ATOM   1024 C CG  . MET A 1 150 ? -2.193  -3.315  4.471   1.00 10.83 ? 146 MET A CG  1 
ATOM   1025 S SD  . MET A 1 150 ? -3.390  -4.594  4.002   1.00 11.68 ? 146 MET A SD  1 
ATOM   1026 C CE  . MET A 1 150 ? -4.960  -3.799  4.387   1.00 14.30 ? 146 MET A CE  1 
ATOM   1027 N N   . SER A 1 151 ? -1.172  -0.184  4.958   1.00 8.52  ? 147 SER A N   1 
ATOM   1028 C CA  . SER A 1 151 ? -1.575  1.113   4.429   1.00 8.29  ? 147 SER A CA  1 
ATOM   1029 C C   . SER A 1 151 ? -2.925  1.023   3.706   1.00 8.33  ? 147 SER A C   1 
ATOM   1030 O O   . SER A 1 151 ? -3.423  -0.075  3.397   1.00 9.11  ? 147 SER A O   1 
ATOM   1031 C CB  . SER A 1 151 ? -0.502  1.645   3.445   1.00 8.54  ? 147 SER A CB  1 
ATOM   1032 O OG  . SER A 1 151 ? -0.570  0.956   2.200   1.00 8.34  ? 147 SER A OG  1 
ATOM   1033 N N   . GLY A 1 152 ? -3.457  2.203   3.371   1.00 8.78  ? 148 GLY A N   1 
ATOM   1034 C CA  . GLY A 1 152 ? -4.454  2.289   2.318   1.00 9.29  ? 148 GLY A CA  1 
ATOM   1035 C C   . GLY A 1 152 ? -3.752  2.422   0.976   1.00 9.20  ? 148 GLY A C   1 
ATOM   1036 O O   . GLY A 1 152 ? -2.550  2.130   0.861   1.00 10.16 ? 148 GLY A O   1 
ATOM   1037 N N   . PRO A 1 153 ? -4.478  2.840   -0.050  1.00 9.86  ? 149 PRO A N   1 
ATOM   1038 C CA  . PRO A 1 153 ? -3.825  3.056   -1.354  1.00 9.71  ? 149 PRO A CA  1 
ATOM   1039 C C   . PRO A 1 153 ? -2.779  4.152   -1.279  1.00 10.30 ? 149 PRO A C   1 
ATOM   1040 O O   . PRO A 1 153 ? -3.072  5.253   -0.810  1.00 11.55 ? 149 PRO A O   1 
ATOM   1041 C CB  . PRO A 1 153 ? -4.983  3.478   -2.279  1.00 8.96  ? 149 PRO A CB  1 
ATOM   1042 C CG  . PRO A 1 153 ? -6.275  2.931   -1.548  1.00 10.54 ? 149 PRO A CG  1 
ATOM   1043 C CD  . PRO A 1 153 ? -5.939  3.082   -0.088  1.00 9.54  ? 149 PRO A CD  1 
ATOM   1044 N N   . VAL A 1 154 ? -1.548  3.827   -1.697  1.00 10.54 ? 150 VAL A N   1 
ATOM   1045 C CA  . VAL A 1 154 ? -0.455  4.794   -1.723  1.00 11.11 ? 150 VAL A CA  1 
ATOM   1046 C C   . VAL A 1 154 ? -0.001  4.996   -3.156  1.00 11.43 ? 150 VAL A C   1 
ATOM   1047 O O   . VAL A 1 154 ? 0.276   4.053   -3.875  1.00 11.88 ? 150 VAL A O   1 
ATOM   1048 C CB  . VAL A 1 154 ? 0.718   4.353   -0.813  1.00 10.50 ? 150 VAL A CB  1 
ATOM   1049 C CG1 . VAL A 1 154 ? 1.912   5.304   -0.976  1.00 11.17 ? 150 VAL A CG1 1 
ATOM   1050 C CG2 . VAL A 1 154 ? 0.307   4.339   0.649   1.00 12.16 ? 150 VAL A CG2 1 
ATOM   1051 N N   . PHE A 1 155 ? 0.044   6.259   -3.577  1.00 11.50 ? 151 PHE A N   1 
ATOM   1052 C CA  . PHE A 1 155 ? 0.313   6.562   -4.980  1.00 12.41 ? 151 PHE A CA  1 
ATOM   1053 C C   . PHE A 1 155 ? 1.770   6.987   -5.193  1.00 11.06 ? 151 PHE A C   1 
ATOM   1054 O O   . PHE A 1 155 ? 2.308   7.808   -4.452  1.00 13.71 ? 151 PHE A O   1 
ATOM   1055 C CB  . PHE A 1 155 ? -0.604  7.688   -5.466  1.00 11.69 ? 151 PHE A CB  1 
ATOM   1056 C CG  . PHE A 1 155 ? -2.073  7.370   -5.383  1.00 13.05 ? 151 PHE A CG  1 
ATOM   1057 C CD1 . PHE A 1 155 ? -2.713  7.393   -4.149  1.00 13.74 ? 151 PHE A CD1 1 
ATOM   1058 C CD2 . PHE A 1 155 ? -2.823  7.107   -6.516  1.00 12.57 ? 151 PHE A CD2 1 
ATOM   1059 C CE1 . PHE A 1 155 ? -4.093  7.138   -4.041  1.00 14.31 ? 151 PHE A CE1 1 
ATOM   1060 C CE2 . PHE A 1 155 ? -4.230  6.844   -6.409  1.00 14.34 ? 151 PHE A CE2 1 
ATOM   1061 C CZ  . PHE A 1 155 ? -4.833  6.860   -5.168  1.00 14.21 ? 151 PHE A CZ  1 
ATOM   1062 N N   . THR A 1 156 ? 2.400   6.378   -6.192  1.00 13.05 ? 152 THR A N   1 
ATOM   1063 C CA  . THR A 1 156 ? 3.758   6.779   -6.596  1.00 12.72 ? 152 THR A CA  1 
ATOM   1064 C C   . THR A 1 156 ? 3.812   6.807   -8.109  1.00 13.37 ? 152 THR A C   1 
ATOM   1065 O O   . THR A 1 156 ? 2.868   6.437   -8.767  1.00 13.71 ? 152 THR A O   1 
ATOM   1066 C CB  . THR A 1 156 ? 4.810   5.744   -6.168  1.00 13.63 ? 152 THR A CB  1 
ATOM   1067 O OG1 . THR A 1 156 ? 4.609   4.552   -6.938  1.00 13.54 ? 152 THR A OG1 1 
ATOM   1068 C CG2 . THR A 1 156 ? 4.738   5.473   -4.684  1.00 14.02 ? 152 THR A CG2 1 
ATOM   1069 N N   . ASP A 1 157 ? 4.963   7.188   -8.669  1.00 14.24 ? 153 ASP A N   1 
ATOM   1070 C CA  . ASP A 1 157 ? 5.111   7.111   -10.118 1.00 16.25 ? 153 ASP A CA  1 
ATOM   1071 C C   . ASP A 1 157 ? 5.046   5.681   -10.669 1.00 15.75 ? 153 ASP A C   1 
ATOM   1072 O O   . ASP A 1 157 ? 4.814   5.466   -11.873 1.00 16.87 ? 153 ASP A O   1 
ATOM   1073 C CB  . ASP A 1 157 ? 6.436   7.750   -10.557 1.00 17.16 ? 153 ASP A CB  1 
ATOM   1074 C CG  . ASP A 1 157 ? 6.367   9.267   -10.648 1.00 21.17 ? 153 ASP A CG  1 
ATOM   1075 O OD1 . ASP A 1 157 ? 5.271   9.852   -10.517 1.00 22.54 ? 153 ASP A OD1 1 
ATOM   1076 O OD2 . ASP A 1 157 ? 7.438   9.874   -10.875 1.00 25.68 ? 153 ASP A OD2 1 
ATOM   1077 N N   . SER A 1 158 ? 5.256   4.692   -9.790  1.00 15.93 ? 154 SER A N   1 
ATOM   1078 C CA  . SER A 1 158 ? 5.166   3.300   -10.211 1.00 15.67 ? 154 SER A CA  1 
ATOM   1079 C C   . SER A 1 158 ? 3.733   2.832   -10.426 1.00 15.28 ? 154 SER A C   1 
ATOM   1080 O O   . SER A 1 158 ? 3.486   1.964   -11.249 1.00 15.35 ? 154 SER A O   1 
ATOM   1081 C CB  . SER A 1 158 ? 5.796   2.377   -9.172  1.00 15.73 ? 154 SER A CB  1 
ATOM   1082 O OG  . SER A 1 158 ? 7.177   2.656   -9.047  1.00 19.27 ? 154 SER A OG  1 
ATOM   1083 N N   . GLY A 1 159 ? 2.809   3.390   -9.639  1.00 14.08 ? 155 GLY A N   1 
ATOM   1084 C CA  . GLY A 1 159 ? 1.414   2.931   -9.661  1.00 14.52 ? 155 GLY A CA  1 
ATOM   1085 C C   . GLY A 1 159 ? 0.787   3.156   -8.306  1.00 12.89 ? 155 GLY A C   1 
ATOM   1086 O O   . GLY A 1 159 ? 1.074   4.142   -7.638  1.00 14.43 ? 155 GLY A O   1 
ATOM   1087 N N   . ILE A 1 160 ? -0.085  2.229   -7.914  1.00 12.47 ? 156 ILE A N   1 
ATOM   1088 C CA  . ILE A 1 160 ? -0.760  2.362   -6.623  1.00 11.64 ? 156 ILE A CA  1 
ATOM   1089 C C   . ILE A 1 160 ? -0.379  1.119   -5.807  1.00 10.21 ? 156 ILE A C   1 
ATOM   1090 O O   . ILE A 1 160 ? -0.437  0.014   -6.317  1.00 10.80 ? 156 ILE A O   1 
ATOM   1091 C CB  . ILE A 1 160 ? -2.292  2.403   -6.799  1.00 11.68 ? 156 ILE A CB  1 
ATOM   1092 C CG1 . ILE A 1 160 ? -2.729  3.466   -7.833  1.00 13.01 ? 156 ILE A CG1 1 
ATOM   1093 C CG2 . ILE A 1 160 ? -2.986  2.728   -5.478  1.00 12.18 ? 156 ILE A CG2 1 
ATOM   1094 C CD1 . ILE A 1 160 ? -4.221  3.362   -8.193  1.00 12.75 ? 156 ILE A CD1 1 
ATOM   1095 N N   . HIS A 1 161 ? -0.008  1.342   -4.545  1.00 9.71  ? 157 HIS A N   1 
ATOM   1096 C CA  . HIS A 1 161 ? 0.493   0.286   -3.647  1.00 9.64  ? 157 HIS A CA  1 
ATOM   1097 C C   . HIS A 1 161 ? -0.432  0.055   -2.455  1.00 9.64  ? 157 HIS A C   1 
ATOM   1098 O O   . HIS A 1 161 ? -1.045  0.998   -1.949  1.00 9.69  ? 157 HIS A O   1 
ATOM   1099 C CB  . HIS A 1 161 ? 1.838   0.697   -3.055  1.00 9.55  ? 157 HIS A CB  1 
ATOM   1100 C CG  . HIS A 1 161 ? 2.858   1.126   -4.064  1.00 10.86 ? 157 HIS A CG  1 
ATOM   1101 N ND1 . HIS A 1 161 ? 3.938   0.336   -4.402  1.00 11.90 ? 157 HIS A ND1 1 
ATOM   1102 C CD2 . HIS A 1 161 ? 3.007   2.287   -4.746  1.00 13.20 ? 157 HIS A CD2 1 
ATOM   1103 C CE1 . HIS A 1 161 ? 4.682   0.976   -5.295  1.00 12.74 ? 157 HIS A CE1 1 
ATOM   1104 N NE2 . HIS A 1 161 ? 4.137   2.159   -5.522  1.00 12.87 ? 157 HIS A NE2 1 
ATOM   1105 N N   . ILE A 1 162 ? -0.463  -1.204  -1.998  1.00 9.09  ? 158 ILE A N   1 
ATOM   1106 C CA  . ILE A 1 162 ? -0.869  -1.557  -0.642  1.00 9.53  ? 158 ILE A CA  1 
ATOM   1107 C C   . ILE A 1 162 ? 0.435   -1.978  0.024   1.00 9.52  ? 158 ILE A C   1 
ATOM   1108 O O   . ILE A 1 162 ? 1.147   -2.840  -0.501  1.00 9.61  ? 158 ILE A O   1 
ATOM   1109 C CB  . ILE A 1 162 ? -1.870  -2.713  -0.587  1.00 10.10 ? 158 ILE A CB  1 
ATOM   1110 C CG1 . ILE A 1 162 ? -3.106  -2.435  -1.461  1.00 10.96 ? 158 ILE A CG1 1 
ATOM   1111 C CG2 . ILE A 1 162 ? -2.303  -2.998  0.844   1.00 11.02 ? 158 ILE A CG2 1 
ATOM   1112 C CD1 . ILE A 1 162 ? -3.899  -3.699  -1.768  1.00 11.89 ? 158 ILE A CD1 1 
ATOM   1113 N N   . ILE A 1 163 ? 0.742   -1.353  1.160   1.00 8.92  ? 159 ILE A N   1 
ATOM   1114 C CA  . ILE A 1 163 ? 2.011   -1.590  1.883   1.00 9.92  ? 159 ILE A CA  1 
ATOM   1115 C C   . ILE A 1 163 ? 1.759   -2.277  3.230   1.00 9.63  ? 159 ILE A C   1 
ATOM   1116 O O   . ILE A 1 163 ? 0.894   -1.837  4.008   1.00 9.34  ? 159 ILE A O   1 
ATOM   1117 C CB  . ILE A 1 163 ? 2.796   -0.253  2.111   1.00 10.20 ? 159 ILE A CB  1 
ATOM   1118 C CG1 . ILE A 1 163 ? 2.928   0.498   0.787   1.00 11.57 ? 159 ILE A CG1 1 
ATOM   1119 C CG2 . ILE A 1 163 ? 4.130   -0.505  2.746   1.00 10.99 ? 159 ILE A CG2 1 
ATOM   1120 C CD1 . ILE A 1 163 ? 3.544   1.904   0.889   1.00 11.41 ? 159 ILE A CD1 1 
ATOM   1121 N N   . LEU A 1 164 ? 2.534   -3.321  3.508   1.00 9.18  ? 160 LEU A N   1 
ATOM   1122 C CA  . LEU A 1 164 ? 2.433   -4.003  4.806   1.00 9.54  ? 160 LEU A CA  1 
ATOM   1123 C C   . LEU A 1 164 ? 3.769   -3.897  5.491   1.00 9.47  ? 160 LEU A C   1 
ATOM   1124 O O   . LEU A 1 164 ? 4.772   -4.370  4.943   1.00 10.56 ? 160 LEU A O   1 
ATOM   1125 C CB  . LEU A 1 164 ? 2.032   -5.472  4.603   1.00 9.26  ? 160 LEU A CB  1 
ATOM   1126 C CG  . LEU A 1 164 ? 2.041   -6.332  5.874   1.00 10.64 ? 160 LEU A CG  1 
ATOM   1127 C CD1 . LEU A 1 164 ? 0.916   -5.904  6.810   1.00 11.54 ? 160 LEU A CD1 1 
ATOM   1128 C CD2 . LEU A 1 164 ? 1.898   -7.794  5.531   1.00 9.31  ? 160 LEU A CD2 1 
ATOM   1129 N N   . ARG A 1 165 ? 3.802   -3.269  6.665   1.00 10.74 ? 161 ARG A N   1 
ATOM   1130 C CA  . ARG A 1 165 ? 5.047   -3.182  7.422   1.00 11.68 ? 161 ARG A CA  1 
ATOM   1131 C C   . ARG A 1 165 ? 5.211   -4.441  8.241   1.00 12.31 ? 161 ARG A C   1 
ATOM   1132 O O   . ARG A 1 165 ? 4.367   -4.732  9.072   1.00 13.11 ? 161 ARG A O   1 
ATOM   1133 C CB  . ARG A 1 165 ? 5.102   -1.939  8.317   1.00 12.22 ? 161 ARG A CB  1 
ATOM   1134 C CG  . ARG A 1 165 ? 6.413   -1.894  9.108   1.00 13.00 ? 161 ARG A CG  1 
ATOM   1135 C CD  . ARG A 1 165 ? 6.621   -0.662  9.946   1.00 16.60 ? 161 ARG A CD  1 
ATOM   1136 N NE  . ARG A 1 165 ? 7.771   -0.900  10.825  1.00 17.89 ? 161 ARG A NE  1 
ATOM   1137 C CZ  . ARG A 1 165 ? 8.015   -0.233  11.951  1.00 21.36 ? 161 ARG A CZ  1 
ATOM   1138 N NH1 . ARG A 1 165 ? 7.198   0.741   12.347  1.00 23.23 ? 161 ARG A NH1 1 
ATOM   1139 N NH2 . ARG A 1 165 ? 9.079   -0.546  12.686  1.00 22.29 ? 161 ARG A NH2 1 
ATOM   1140 N N   . THR A 1 166 ? 6.302   -5.165  8.002   1.00 12.90 ? 162 THR A N   1 
ATOM   1141 C CA  . THR A 1 166 ? 6.500   -6.451  8.676   1.00 13.90 ? 162 THR A CA  1 
ATOM   1142 C C   . THR A 1 166 ? 7.519   -6.380  9.810   1.00 15.79 ? 162 THR A C   1 
ATOM   1143 O O   . THR A 1 166 ? 7.529   -7.242  10.676  1.00 17.33 ? 162 THR A O   1 
ATOM   1144 C CB  . THR A 1 166 ? 6.903   -7.545  7.685   1.00 13.54 ? 162 THR A CB  1 
ATOM   1145 O OG1 . THR A 1 166 ? 8.055   -7.114  6.956   1.00 13.88 ? 162 THR A OG1 1 
ATOM   1146 C CG2 . THR A 1 166 ? 5.759   -7.844  6.703   1.00 12.30 ? 162 THR A CG2 1 
ATOM   1147 N N   . GLU A 1 167 ? 8.384   -5.366  9.782   1.00 17.08 ? 163 GLU A N   1 
ATOM   1148 C CA  . GLU A 1 167 ? 9.413   -5.191  10.817  1.00 18.64 ? 163 GLU A CA  1 
ATOM   1149 C C   . GLU A 1 167 ? 9.735   -3.713  10.941  1.00 19.15 ? 163 GLU A C   1 
ATOM   1150 O O   . GLU A 1 167 ? 10.191  -3.266  12.004  1.00 19.27 ? 163 GLU A O   1 
ATOM   1151 C CB  . GLU A 1 167 ? 10.701  -5.945  10.464  1.00 19.14 ? 163 GLU A CB  1 
ATOM   1152 C CG  . GLU A 1 167 ? 10.585  -7.465  10.390  1.00 19.71 ? 163 GLU A CG  1 
ATOM   1153 C CD  . GLU A 1 167 ? 11.872  -8.125  9.895   1.00 20.76 ? 163 GLU A CD  1 
ATOM   1154 O OE1 . GLU A 1 167 ? 12.921  -7.440  9.852   1.00 24.40 ? 163 GLU A OE1 1 
ATOM   1155 O OE2 . GLU A 1 167 ? 11.818  -9.317  9.513   1.00 24.00 ? 163 GLU A OE2 1 
ATOM   1156 O OXT . GLU A 1 167 ? 9.571   -2.953  9.973   1.00 18.53 ? 163 GLU A OXT 1 
ATOM   1157 N N   . PHE B 2 2   ? 14.871  0.718   -10.410 1.00 27.26 ? 501 PHE B N   1 
ATOM   1158 C CA  . PHE B 2 2   ? 13.800  -0.238  -10.563 1.00 25.06 ? 501 PHE B CA  1 
ATOM   1159 C C   . PHE B 2 2   ? 12.730  0.025   -9.532  1.00 24.02 ? 501 PHE B C   1 
ATOM   1160 O O   . PHE B 2 2   ? 12.998  0.724   -8.564  1.00 24.71 ? 501 PHE B O   1 
HETATM 1161 N N   . TPO B 2 3   ? 11.550  -0.539  -9.772  1.00 23.83 ? 502 TPO B N   1 
HETATM 1162 C CA  . TPO B 2 3   ? 10.397  -0.372  -8.878  1.00 22.92 ? 502 TPO B CA  1 
HETATM 1163 C CB  . TPO B 2 3   ? 9.293   -1.199  -9.519  1.00 22.65 ? 502 TPO B CB  1 
HETATM 1164 C CG2 . TPO B 2 3   ? 7.955   -0.973  -8.821  1.00 22.45 ? 502 TPO B CG2 1 
HETATM 1165 O OG1 . TPO B 2 3   ? 9.149   -0.845  -10.892 1.00 23.59 ? 502 TPO B OG1 1 
HETATM 1166 P P   . TPO B 2 3   ? 9.395   -1.894  -12.088 1.00 24.62 ? 502 TPO B P   1 
HETATM 1167 O O1P . TPO B 2 3   ? 8.706   -3.175  -11.673 1.00 27.80 ? 502 TPO B O1P 1 
HETATM 1168 O O2P . TPO B 2 3   ? 10.896  -2.088  -12.256 1.00 27.67 ? 502 TPO B O2P 1 
HETATM 1169 O O3P . TPO B 2 3   ? 8.763   -1.236  -13.287 1.00 25.80 ? 502 TPO B O3P 1 
HETATM 1170 C C   . TPO B 2 3   ? 10.670  -0.836  -7.467  1.00 23.06 ? 502 TPO B C   1 
HETATM 1171 O O   . TPO B 2 3   ? 11.309  -1.994  -7.285  1.00 23.47 ? 502 TPO B O   1 
HETATM 1172 C C   . YCP B 2 4   ? 10.838  2.237   -5.808  1.00 20.16 ? 503 YCP B C   1 
HETATM 1173 N N   . YCP B 2 4   ? 10.208  -0.094  -6.410  1.00 22.39 ? 503 YCP B N   1 
HETATM 1174 O O   . YCP B 2 4   ? 10.560  3.077   -4.960  1.00 19.56 ? 503 YCP B O   1 
HETATM 1175 C CA  . YCP B 2 4   ? 9.797   1.324   -6.409  1.00 20.82 ? 503 YCP B CA  1 
HETATM 1176 C CB  . YCP B 2 4   ? 8.459   1.395   -5.643  1.00 18.88 ? 503 YCP B CB  1 
HETATM 1177 C CD  . YCP B 2 4   ? 9.106   -0.687  -4.364  1.00 19.75 ? 503 YCP B CD  1 
HETATM 1178 C CE  . YCP B 2 4   ? 10.437  -0.752  -5.119  1.00 22.89 ? 503 YCP B CE  1 
HETATM 1179 C CG  . YCP B 2 4   ? 8.570   0.747   -4.249  1.00 19.18 ? 503 YCP B CG  1 
HETATM 1180 C C1  . NAL B 2 5   ? 14.131  -0.354  -5.276  1.00 25.12 ? 504 NAL B C1  1 
HETATM 1181 C C2  . NAL B 2 5   ? 14.675  0.923   -5.088  1.00 24.34 ? 504 NAL B C2  1 
HETATM 1182 C C3  . NAL B 2 5   ? 15.392  1.225   -3.928  1.00 24.38 ? 504 NAL B C3  1 
HETATM 1183 C C4  . NAL B 2 5   ? 15.614  0.281   -2.923  1.00 25.10 ? 504 NAL B C4  1 
HETATM 1184 C C4A . NAL B 2 5   ? 15.089  -0.994  -3.056  1.00 24.71 ? 504 NAL B C4A 1 
HETATM 1185 C C5  . NAL B 2 5   ? 15.284  -1.960  -2.065  1.00 24.22 ? 504 NAL B C5  1 
HETATM 1186 C C6  . NAL B 2 5   ? 14.727  -3.226  -2.250  1.00 24.21 ? 504 NAL B C6  1 
HETATM 1187 C C7  . NAL B 2 5   ? 14.004  -3.551  -3.404  1.00 25.04 ? 504 NAL B C7  1 
HETATM 1188 C C8  . NAL B 2 5   ? 13.785  -2.611  -4.417  1.00 23.99 ? 504 NAL B C8  1 
HETATM 1189 C C8A . NAL B 2 5   ? 14.313  -1.328  -4.285  1.00 23.33 ? 504 NAL B C8A 1 
HETATM 1190 C C9  . NAL B 2 5   ? 14.476  2.010   -6.132  1.00 23.42 ? 504 NAL B C9  1 
HETATM 1191 C CA  . NAL B 2 5   ? 13.229  2.829   -5.758  1.00 22.52 ? 504 NAL B CA  1 
HETATM 1192 C C   . NAL B 2 5   ? 13.266  4.200   -6.387  1.00 23.45 ? 504 NAL B C   1 
HETATM 1193 N N   . NAL B 2 5   ? 12.098  2.049   -6.243  1.00 21.96 ? 504 NAL B N   1 
HETATM 1194 O O   . NAL B 2 5   ? 12.786  4.364   -7.497  1.00 21.64 ? 504 NAL B O   1 
ATOM   1195 N N   . GLN B 2 6   ? 13.816  5.174   -5.663  1.00 25.13 ? 505 GLN B N   1 
ATOM   1196 C CA  . GLN B 2 6   ? 13.924  6.543   -6.166  1.00 30.43 ? 505 GLN B CA  1 
ATOM   1197 C C   . GLN B 2 6   ? 14.926  6.574   -7.295  1.00 31.06 ? 505 GLN B C   1 
ATOM   1198 O O   . GLN B 2 6   ? 14.631  7.085   -8.363  1.00 33.67 ? 505 GLN B O   1 
ATOM   1199 C CB  . GLN B 2 6   ? 14.374  7.383   -4.967  1.00 32.37 ? 505 GLN B CB  1 
ATOM   1200 C CG  . GLN B 2 6   ? 14.603  8.857   -5.307  1.00 37.55 ? 505 GLN B CG  1 
ATOM   1201 C CD  . GLN B 2 6   ? 16.056  9.101   -5.686  1.00 40.21 ? 505 GLN B CD  1 
ATOM   1202 O OE1 . GLN B 2 6   ? 16.947  9.095   -4.839  1.00 42.40 ? 505 GLN B OE1 1 
ATOM   1203 N NE2 . GLN B 2 6   ? 16.308  9.328   -6.974  1.00 41.19 ? 505 GLN B NE2 1 
HETATM 1204 N N   . NH2 B 2 7   ? 16.113  6.012   -7.069  1.00 31.19 ? 506 NH2 B N   1 
HETATM 1205 C C1  . 16P C 3 .   ? -5.157  0.011   8.074   1.00 15.09 ? 300 16P A C1  1 
HETATM 1206 C C2  . 16P C 3 .   ? -5.821  -0.083  6.722   1.00 19.67 ? 300 16P A C2  1 
HETATM 1207 O O1  . 16P C 3 .   ? -6.707  0.998   6.358   1.00 14.54 ? 300 16P A O1  1 
HETATM 1208 C C3  . 16P C 3 .   ? -6.594  0.990   4.925   1.00 15.23 ? 300 16P A C3  1 
HETATM 1209 C C4  . 16P C 3 .   ? -7.756  1.608   4.176   1.00 16.41 ? 300 16P A C4  1 
HETATM 1210 O O2  . 16P C 3 .   ? -8.839  0.700   4.296   1.00 13.93 ? 300 16P A O2  1 
HETATM 1211 C C5  . 16P C 3 .   ? -9.985  1.223   3.633   1.00 16.22 ? 300 16P A C5  1 
HETATM 1212 C C6  . 16P C 3 .   ? -11.132 0.242   3.784   1.00 15.02 ? 300 16P A C6  1 
HETATM 1213 O O3  . 16P C 3 .   ? -11.380 0.069   5.168   1.00 16.75 ? 300 16P A O3  1 
HETATM 1214 C C7  . 16P C 3 .   ? -12.673 -0.522  5.339   1.00 17.46 ? 300 16P A C7  1 
HETATM 1215 C C8  . 16P C 3 .   ? -12.955 -0.752  6.816   1.00 16.96 ? 300 16P A C8  1 
HETATM 1216 O O4  . 16P C 3 .   ? -12.851 0.509   7.493   1.00 17.71 ? 300 16P A O4  1 
HETATM 1217 C C9  . 16P C 3 .   ? -13.093 0.436   8.895   1.00 19.61 ? 300 16P A C9  1 
HETATM 1218 C C10 . 16P C 3 .   ? -13.076 1.873   9.400   1.00 19.05 ? 300 16P A C10 1 
HETATM 1219 O O5  . 16P C 3 .   ? -14.030 2.614   8.653   1.00 19.04 ? 300 16P A O5  1 
HETATM 1220 C C11 . 16P C 3 .   ? -14.179 3.935   9.161   1.00 20.02 ? 300 16P A C11 1 
HETATM 1221 C C12 . 16P C 3 .   ? -15.015 4.746   8.182   1.00 22.02 ? 300 16P A C12 1 
HETATM 1222 O O6  . 16P C 3 .   ? -14.377 4.755   6.911   1.00 23.80 ? 300 16P A O6  1 
HETATM 1223 C C13 . 16P C 3 .   ? -14.932 5.701   5.991   1.00 26.36 ? 300 16P A C13 1 
HETATM 1224 C C14 . 16P C 3 .   ? -13.864 6.125   4.997   1.00 27.63 ? 300 16P A C14 1 
HETATM 1225 O O   . HOH D 4 .   ? 4.813   -7.033  -4.862  1.00 11.78 ? 301 HOH A O   1 
HETATM 1226 O O   . HOH D 4 .   ? -3.431  11.348  2.003   1.00 12.62 ? 302 HOH A O   1 
HETATM 1227 O O   . HOH D 4 .   ? -9.731  -5.985  9.406   1.00 12.40 ? 303 HOH A O   1 
HETATM 1228 O O   . HOH D 4 .   ? 8.021   -8.058  4.479   1.00 13.32 ? 304 HOH A O   1 
HETATM 1229 O O   . HOH D 4 .   ? 4.094   -14.574 -8.298  1.00 15.74 ? 305 HOH A O   1 
HETATM 1230 O O   . HOH D 4 .   ? 8.459   -17.115 -2.423  1.00 13.75 ? 306 HOH A O   1 
HETATM 1231 O O   . HOH D 4 .   ? -1.446  4.316   9.282   1.00 14.94 ? 307 HOH A O   1 
HETATM 1232 O O   . HOH D 4 .   ? -9.928  -6.043  -6.577  1.00 14.60 ? 308 HOH A O   1 
HETATM 1233 O O   . HOH D 4 .   ? -5.951  -10.699 6.219   1.00 16.07 ? 309 HOH A O   1 
HETATM 1234 O O   . HOH D 4 .   ? 0.262   4.386   11.627  1.00 15.33 ? 310 HOH A O   1 
HETATM 1235 O O   . HOH D 4 .   ? 6.651   9.183   7.446   1.00 16.75 ? 311 HOH A O   1 
HETATM 1236 O O   . HOH D 4 .   ? -1.528  -6.299  -14.699 1.00 18.18 ? 312 HOH A O   1 
HETATM 1237 O O   . HOH D 4 .   ? 1.312   10.202  -3.170  1.00 17.20 ? 313 HOH A O   1 
HETATM 1238 O O   . HOH D 4 .   ? 4.808   -10.516 2.503   1.00 16.18 ? 314 HOH A O   1 
HETATM 1239 O O   . HOH D 4 .   ? -2.225  -5.872  -10.935 1.00 15.73 ? 315 HOH A O   1 
HETATM 1240 O O   . HOH D 4 .   ? 2.672   8.952   1.732   1.00 16.07 ? 316 HOH A O   1 
HETATM 1241 O O   . HOH D 4 .   ? -11.071 -0.645  0.425   1.00 16.61 ? 317 HOH A O   1 
HETATM 1242 O O   . HOH D 4 .   ? 6.528   8.771   -6.638  1.00 16.29 ? 318 HOH A O   1 
HETATM 1243 O O   . HOH D 4 .   ? 13.171  5.106   1.616   1.00 20.93 ? 319 HOH A O   1 
HETATM 1244 O O   . HOH D 4 .   ? 6.943   -7.164  -13.041 1.00 18.47 ? 320 HOH A O   1 
HETATM 1245 O O   . HOH D 4 .   ? 5.019   -15.677 -3.547  1.00 15.93 ? 321 HOH A O   1 
HETATM 1246 O O   . HOH D 4 .   ? -2.266  -5.351  8.869   1.00 19.60 ? 322 HOH A O   1 
HETATM 1247 O O   . HOH D 4 .   ? -10.977 -1.925  -11.859 1.00 21.52 ? 323 HOH A O   1 
HETATM 1248 O O   . HOH D 4 .   ? -11.100 -0.509  12.058  1.00 19.39 ? 324 HOH A O   1 
HETATM 1249 O O   . HOH D 4 .   ? -12.366 2.939   6.149   1.00 17.67 ? 325 HOH A O   1 
HETATM 1250 O O   . HOH D 4 .   ? -19.289 -0.492  10.856  1.00 22.01 ? 326 HOH A O   1 
HETATM 1251 O O   . HOH D 4 .   ? -4.244  -16.019 -9.680  1.00 23.18 ? 327 HOH A O   1 
HETATM 1252 O O   . HOH D 4 .   ? 4.105   11.641  1.563   1.00 24.29 ? 328 HOH A O   1 
HETATM 1253 O O   . HOH D 4 .   ? -0.414  6.467   -9.296  1.00 20.95 ? 329 HOH A O   1 
HETATM 1254 O O   . HOH D 4 .   ? -11.539 11.094  6.172   1.00 24.52 ? 330 HOH A O   1 
HETATM 1255 O O   . HOH D 4 .   ? -17.358 8.161   5.353   1.00 24.64 ? 331 HOH A O   1 
HETATM 1256 O O   . HOH D 4 .   ? 0.062   -6.954  -23.287 1.00 25.47 ? 332 HOH A O   1 
HETATM 1257 O O   . HOH D 4 .   ? 6.267   1.949   -13.134 1.00 20.72 ? 333 HOH A O   1 
HETATM 1258 O O   . HOH D 4 .   ? -4.816  1.576   10.557  1.00 18.85 ? 334 HOH A O   1 
HETATM 1259 O O   . HOH D 4 .   ? -16.399 2.438   16.563  1.00 19.98 ? 335 HOH A O   1 
HETATM 1260 O O   . HOH D 4 .   ? 2.419   -10.193 -24.128 1.00 22.25 ? 336 HOH A O   1 
HETATM 1261 O O   . HOH D 4 .   ? -4.094  -3.234  -17.815 1.00 23.22 ? 337 HOH A O   1 
HETATM 1262 O O   . HOH D 4 .   ? -4.840  -6.219  -10.485 1.00 21.16 ? 338 HOH A O   1 
HETATM 1263 O O   . HOH D 4 .   ? -9.924  -1.323  9.510   1.00 18.59 ? 339 HOH A O   1 
HETATM 1264 O O   . HOH D 4 .   ? 2.366   -13.680 -16.436 1.00 21.89 ? 340 HOH A O   1 
HETATM 1265 O O   . HOH D 4 .   ? 15.898  5.854   7.982   1.00 26.59 ? 341 HOH A O   1 
HETATM 1266 O O   . HOH D 4 .   ? 0.996   -9.698  -21.752 1.00 25.87 ? 342 HOH A O   1 
HETATM 1267 O O   . HOH D 4 .   ? 8.142   -9.278  -26.086 1.00 23.37 ? 343 HOH A O   1 
HETATM 1268 O O   . HOH D 4 .   ? -26.809 5.112   8.112   1.00 24.74 ? 344 HOH A O   1 
HETATM 1269 O O   . HOH D 4 .   ? -8.644  5.041   3.917   1.00 20.98 ? 345 HOH A O   1 
HETATM 1270 O O   . HOH D 4 .   ? 5.843   -15.380 -13.393 1.00 22.24 ? 346 HOH A O   1 
HETATM 1271 O O   . HOH D 4 .   ? 8.552   -13.673 1.479   1.00 27.66 ? 347 HOH A O   1 
HETATM 1272 O O   . HOH D 4 .   ? 15.755  -4.536  0.937   1.00 22.30 ? 348 HOH A O   1 
HETATM 1273 O O   . HOH D 4 .   ? -14.881 4.813   16.532  1.00 22.29 ? 349 HOH A O   1 
HETATM 1274 O O   . HOH D 4 .   ? 12.121  -12.704 1.271   1.00 32.05 ? 350 HOH A O   1 
HETATM 1275 O O   . HOH D 4 .   ? 0.654   12.640  2.748   1.00 29.39 ? 351 HOH A O   1 
HETATM 1276 O O   . HOH D 4 .   ? 4.566   11.801  -8.475  1.00 28.65 ? 352 HOH A O   1 
HETATM 1277 O O   . HOH D 4 .   ? -1.262  -12.858 -13.181 1.00 27.78 ? 353 HOH A O   1 
HETATM 1278 O O   . HOH D 4 .   ? -5.976  6.540   -0.950  1.00 24.31 ? 354 HOH A O   1 
HETATM 1279 O O   . HOH D 4 .   ? 12.539  -1.973  12.140  1.00 30.93 ? 355 HOH A O   1 
HETATM 1280 O O   . HOH D 4 .   ? -9.238  1.628   0.280   1.00 24.43 ? 356 HOH A O   1 
HETATM 1281 O O   . HOH D 4 .   ? 6.343   -14.404 3.744   1.00 25.74 ? 357 HOH A O   1 
HETATM 1282 O O   . HOH D 4 .   ? -14.711 -7.986  0.431   1.00 35.28 ? 358 HOH A O   1 
HETATM 1283 O O   . HOH D 4 .   ? -7.777  -9.368  -9.515  1.00 24.78 ? 359 HOH A O   1 
HETATM 1284 O O   . HOH D 4 .   ? 7.813   -5.724  -23.862 1.00 32.77 ? 360 HOH A O   1 
HETATM 1285 O O   . HOH D 4 .   ? 6.186   -12.411 -17.487 1.00 27.52 ? 361 HOH A O   1 
HETATM 1286 O O   . HOH D 4 .   ? 2.669   7.212   12.644  1.00 28.03 ? 362 HOH A O   1 
HETATM 1287 O O   . HOH D 4 .   ? 10.246  10.326  -4.838  1.00 23.62 ? 363 HOH A O   1 
HETATM 1288 O O   . HOH D 4 .   ? 0.218   5.667   14.242  1.00 28.08 ? 364 HOH A O   1 
HETATM 1289 O O   . HOH D 4 .   ? -6.731  16.907  7.398   1.00 25.24 ? 365 HOH A O   1 
HETATM 1290 O O   . HOH D 4 .   ? -4.564  6.470   -16.223 1.00 27.00 ? 366 HOH A O   1 
HETATM 1291 O O   . HOH D 4 .   ? 0.542   4.061   -21.278 1.00 32.49 ? 367 HOH A O   1 
HETATM 1292 O O   . HOH D 4 .   ? -12.540 -14.164 7.194   1.00 29.11 ? 368 HOH A O   1 
HETATM 1293 O O   . HOH D 4 .   ? -11.365 4.984   -16.016 1.00 28.47 ? 369 HOH A O   1 
HETATM 1294 O O   . HOH D 4 .   ? -15.749 10.412  6.192   1.00 23.89 ? 370 HOH A O   1 
HETATM 1295 O O   . HOH D 4 .   ? -13.425 -1.787  -5.775  1.00 29.11 ? 371 HOH A O   1 
HETATM 1296 O O   . HOH D 4 .   ? 0.776   11.017  -14.399 1.00 25.26 ? 372 HOH A O   1 
HETATM 1297 O O   . HOH D 4 .   ? 5.691   4.428   12.733  1.00 31.32 ? 373 HOH A O   1 
HETATM 1298 O O   . HOH D 4 .   ? -6.799  -0.443  14.904  1.00 30.88 ? 374 HOH A O   1 
HETATM 1299 O O   . HOH D 4 .   ? -17.974 -0.816  13.298  1.00 35.76 ? 375 HOH A O   1 
HETATM 1300 O O   . HOH D 4 .   ? 7.603   -6.530  -17.557 1.00 30.39 ? 376 HOH A O   1 
HETATM 1301 O O   . HOH D 4 .   ? -3.525  -2.664  9.542   1.00 27.43 ? 377 HOH A O   1 
HETATM 1302 O O   . HOH D 4 .   ? -11.602 4.342   -8.740  1.00 27.35 ? 378 HOH A O   1 
HETATM 1303 O O   . HOH D 4 .   ? -12.636 6.958   19.914  1.00 35.04 ? 379 HOH A O   1 
HETATM 1304 O O   . HOH D 4 .   ? -5.357  -16.254 1.312   1.00 33.87 ? 380 HOH A O   1 
HETATM 1305 O O   . HOH D 4 .   ? -5.022  12.978  8.894   1.00 30.43 ? 381 HOH A O   1 
HETATM 1306 O O   . HOH D 4 .   ? 3.019   5.792   -18.757 1.00 27.60 ? 382 HOH A O   1 
HETATM 1307 O O   . HOH D 4 .   ? 19.362  0.039   3.699   1.00 42.00 ? 383 HOH A O   1 
HETATM 1308 O O   . HOH D 4 .   ? 11.340  -12.078 -7.610  1.00 31.33 ? 384 HOH A O   1 
HETATM 1309 O O   . HOH D 4 .   ? -0.426  1.581   -21.786 1.00 31.89 ? 385 HOH A O   1 
HETATM 1310 O O   . HOH D 4 .   ? -2.554  -18.162 -2.815  1.00 28.72 ? 386 HOH A O   1 
HETATM 1311 O O   . HOH D 4 .   ? 14.556  6.961   10.028  1.00 33.32 ? 387 HOH A O   1 
HETATM 1312 O O   . HOH D 4 .   ? 3.540   8.430   -13.042 1.00 29.61 ? 388 HOH A O   1 
HETATM 1313 O O   . HOH D 4 .   ? -18.107 -2.029  -0.972  1.00 31.14 ? 389 HOH A O   1 
HETATM 1314 O O   . HOH D 4 .   ? 14.078  -4.425  9.752   1.00 33.64 ? 390 HOH A O   1 
HETATM 1315 O O   . HOH D 4 .   ? -1.593  -9.647  -21.126 1.00 57.27 ? 391 HOH A O   1 
HETATM 1316 O O   . HOH D 4 .   ? -2.491  -5.224  -22.630 1.00 36.80 ? 392 HOH A O   1 
HETATM 1317 O O   . HOH D 4 .   ? -12.211 3.480   -6.126  1.00 33.87 ? 393 HOH A O   1 
HETATM 1318 O O   . HOH D 4 .   ? -15.886 1.407   6.829   1.00 35.54 ? 394 HOH A O   1 
HETATM 1319 O O   . HOH D 4 .   ? 5.954   -17.830 -1.726  1.00 18.76 ? 395 HOH A O   1 
HETATM 1320 O O   . HOH D 4 .   ? 8.061   -10.720 5.585   1.00 22.38 ? 396 HOH A O   1 
HETATM 1321 O O   . HOH D 4 .   ? -7.041  -5.630  9.351   1.00 22.51 ? 397 HOH A O   1 
HETATM 1322 O O   . HOH D 4 .   ? 5.688   -12.064 4.323   1.00 25.24 ? 398 HOH A O   1 
HETATM 1323 O O   . HOH D 4 .   ? -20.355 2.136   10.928  1.00 26.01 ? 399 HOH A O   1 
HETATM 1324 O O   . HOH D 4 .   ? -26.805 2.864   9.185   1.00 25.89 ? 400 HOH A O   1 
HETATM 1325 O O   . HOH D 4 .   ? 10.501  -14.038 3.084   1.00 26.68 ? 401 HOH A O   1 
HETATM 1326 O O   . HOH D 4 .   ? -2.955  -8.569  -15.600 1.00 21.78 ? 402 HOH A O   1 
HETATM 1327 O O   . HOH D 4 .   ? 6.179   11.859  6.584   1.00 29.61 ? 403 HOH A O   1 
HETATM 1328 O O   . HOH D 4 .   ? -12.219 -3.836  -10.239 1.00 28.37 ? 404 HOH A O   1 
HETATM 1329 O O   . HOH D 4 .   ? -12.179 -4.891  -7.716  1.00 23.24 ? 405 HOH A O   1 
HETATM 1330 O O   . HOH D 4 .   ? -10.111 -8.083  -8.504  1.00 27.11 ? 406 HOH A O   1 
HETATM 1331 O O   . HOH D 4 .   ? -18.798 7.957   17.556  1.00 31.12 ? 407 HOH A O   1 
HETATM 1332 O O   . HOH D 4 .   ? -18.059 3.368   18.567  1.00 28.31 ? 408 HOH A O   1 
HETATM 1333 O O   . HOH D 4 .   ? 8.498   12.653  -5.061  1.00 31.41 ? 409 HOH A O   1 
HETATM 1334 O O   . HOH D 4 .   ? -7.771  6.955   -2.697  1.00 30.05 ? 410 HOH A O   1 
HETATM 1335 O O   . HOH D 4 .   ? 7.930   -15.408 5.561   1.00 27.87 ? 411 HOH A O   1 
HETATM 1336 O O   . HOH D 4 .   ? 17.878  -4.021  -0.828  1.00 35.50 ? 412 HOH A O   1 
HETATM 1337 O O   . HOH D 4 .   ? -6.160  -4.571  -18.372 1.00 36.78 ? 413 HOH A O   1 
HETATM 1338 O O   . HOH D 4 .   ? 5.914   9.336   10.104  1.00 27.77 ? 414 HOH A O   1 
HETATM 1339 O O   . HOH D 4 .   ? -13.786 -15.038 9.283   1.00 28.73 ? 415 HOH A O   1 
HETATM 1340 O O   . HOH D 4 .   ? 9.409   9.474   -7.572  1.00 35.04 ? 416 HOH A O   1 
HETATM 1341 O O   . HOH D 4 .   ? -29.218 4.265   6.697   1.00 26.21 ? 417 HOH A O   1 
HETATM 1342 O O   . HOH D 4 .   ? -9.669  7.445   3.433   1.00 37.46 ? 418 HOH A O   1 
HETATM 1343 O O   . HOH D 4 .   ? -10.212 -3.348  -14.035 1.00 32.72 ? 419 HOH A O   1 
HETATM 1344 O O   . HOH D 4 .   ? -18.903 3.613   7.438   1.00 31.92 ? 420 HOH A O   1 
HETATM 1345 O O   . HOH D 4 .   ? -3.724  0.400   11.634  1.00 30.40 ? 421 HOH A O   1 
HETATM 1346 O O   . HOH D 4 .   ? 8.870   13.383  5.168   1.00 30.49 ? 422 HOH A O   1 
HETATM 1347 O O   . HOH D 4 .   ? -7.280  -2.180  10.257  1.00 32.12 ? 423 HOH A O   1 
HETATM 1348 O O   . HOH D 4 .   ? -15.273 -2.396  10.935  1.00 28.03 ? 424 HOH A O   1 
HETATM 1349 O O   . HOH D 4 .   ? -9.302  3.897   1.118   1.00 27.89 ? 425 HOH A O   1 
HETATM 1350 O O   . HOH D 4 .   ? -7.935  6.315   1.115   1.00 36.41 ? 426 HOH A O   1 
HETATM 1351 O O   . HOH D 4 .   ? 13.933  8.488   -0.425  1.00 28.54 ? 427 HOH A O   1 
HETATM 1352 O O   . HOH D 4 .   ? -8.679  15.687  13.767  1.00 36.91 ? 428 HOH A O   1 
HETATM 1353 O O   . HOH D 4 .   ? -3.401  -7.888  -21.770 1.00 32.99 ? 429 HOH A O   1 
HETATM 1354 O O   . HOH D 4 .   ? -11.238 6.687   22.256  1.00 32.73 ? 430 HOH A O   1 
HETATM 1355 O O   . HOH D 4 .   ? 1.536   7.995   -11.151 1.00 29.10 ? 431 HOH A O   1 
HETATM 1356 O O   . HOH D 4 .   ? 1.793   12.858  16.171  1.00 45.24 ? 432 HOH A O   1 
HETATM 1357 O O   . HOH D 4 .   ? -12.004 5.555   -4.493  1.00 36.75 ? 433 HOH A O   1 
HETATM 1358 O O   . HOH D 4 .   ? 9.922   0.759   15.328  1.00 45.33 ? 434 HOH A O   1 
HETATM 1359 O O   . HOH D 4 .   ? 8.087   -6.831  -21.086 1.00 40.43 ? 435 HOH A O   1 
HETATM 1360 O O   . HOH D 4 .   ? -13.772 1.096   -5.537  1.00 39.49 ? 436 HOH A O   1 
HETATM 1361 O O   . HOH D 4 .   ? 12.353  -10.466 -1.170  1.00 35.27 ? 437 HOH A O   1 
HETATM 1362 O O   . HOH D 4 .   ? -18.242 0.955   7.094   1.00 35.67 ? 438 HOH A O   1 
HETATM 1363 O O   . HOH D 4 .   ? -6.172  -7.638  -12.796 1.00 27.93 ? 439 HOH A O   1 
HETATM 1364 O O   . HOH D 4 .   ? -14.433 -6.982  -2.045  1.00 32.53 ? 440 HOH A O   1 
HETATM 1365 O O   . HOH D 4 .   ? 8.104   -7.958  13.296  1.00 36.17 ? 441 HOH A O   1 
HETATM 1366 O O   . HOH D 4 .   ? 4.184   -12.401 6.417   1.00 29.12 ? 442 HOH A O   1 
HETATM 1367 O O   . HOH D 4 .   ? -7.413  -15.356 4.833   1.00 33.23 ? 443 HOH A O   1 
HETATM 1368 O O   . HOH D 4 .   ? -4.844  3.063   -21.690 1.00 38.27 ? 444 HOH A O   1 
HETATM 1369 O O   . HOH D 4 .   ? 13.277  11.144  1.843   1.00 27.46 ? 445 HOH A O   1 
HETATM 1370 O O   . HOH D 4 .   ? -5.742  -3.471  8.142   1.00 36.89 ? 446 HOH A O   1 
HETATM 1371 O O   . HOH D 4 .   ? 9.401   -4.308  14.639  1.00 41.88 ? 447 HOH A O   1 
HETATM 1372 O O   . HOH D 4 .   ? 1.818   14.653  1.595   1.00 29.74 ? 448 HOH A O   1 
HETATM 1373 O O   . HOH D 4 .   ? -10.269 -14.761 9.230   1.00 36.94 ? 449 HOH A O   1 
HETATM 1374 O O   . HOH D 4 .   ? 7.904   -13.516 -14.415 1.00 37.30 ? 450 HOH A O   1 
HETATM 1375 O O   . HOH D 4 .   ? -5.363  -4.505  -22.368 1.00 42.21 ? 451 HOH A O   1 
HETATM 1376 O O   . HOH D 4 .   ? -14.608 5.593   19.090  1.00 36.97 ? 452 HOH A O   1 
HETATM 1377 O O   . HOH D 4 .   ? 0.010   -18.226 -1.593  1.00 35.34 ? 453 HOH A O   1 
HETATM 1378 O O   . HOH D 4 .   ? -18.958 5.833   5.805   1.00 40.35 ? 454 HOH A O   1 
HETATM 1379 O O   . HOH D 4 .   ? 4.057   -1.115  -22.123 1.00 33.79 ? 455 HOH A O   1 
HETATM 1380 O O   . HOH D 4 .   ? -8.641  0.942   -19.942 1.00 42.67 ? 456 HOH A O   1 
HETATM 1381 O O   . HOH D 4 .   ? -5.867  -18.653 -6.700  1.00 40.41 ? 457 HOH A O   1 
HETATM 1382 O O   . HOH D 4 .   ? -10.831 10.022  22.278  1.00 39.75 ? 458 HOH A O   1 
HETATM 1383 O O   . HOH D 4 .   ? 17.104  4.686   -4.412  1.00 63.61 ? 459 HOH A O   1 
HETATM 1384 O O   . HOH D 4 .   ? 12.186  10.219  15.093  1.00 43.73 ? 460 HOH A O   1 
HETATM 1385 O O   . HOH D 4 .   ? -23.002 12.925  11.059  1.00 22.26 ? 461 HOH A O   1 
HETATM 1386 O O   . HOH D 4 .   ? -22.718 10.934  8.720   1.00 31.63 ? 462 HOH A O   1 
HETATM 1387 O O   . HOH E 4 .   ? 6.764   -4.303  -12.838 1.00 19.86 ? 28  HOH B O   1 
HETATM 1388 O O   . HOH E 4 .   ? 9.423   -5.485  -11.180 1.00 21.88 ? 33  HOH B O   1 
HETATM 1389 O O   . HOH E 4 .   ? 14.437  3.981   -9.805  1.00 42.41 ? 83  HOH B O   1 
HETATM 1390 O O   . HOH E 4 .   ? 8.796   1.846   -12.501 1.00 45.68 ? 141 HOH B O   1 
HETATM 1391 O O   . HOH E 4 .   ? 15.723  9.918   -2.329  1.00 38.62 ? 148 HOH B O   1 
# 
